data_1Z2M
# 
_entry.id   1Z2M 
# 
_audit_conform.dict_name       mmcif_pdbx.dic 
_audit_conform.dict_version    5.387 
_audit_conform.dict_location   http://mmcif.pdb.org/dictionaries/ascii/mmcif_pdbx.dic 
# 
loop_
_database_2.database_id 
_database_2.database_code 
_database_2.pdbx_database_accession 
_database_2.pdbx_DOI 
PDB   1Z2M         pdb_00001z2m 10.2210/pdb1z2m/pdb 
RCSB  RCSB032219   ?            ?                   
WWPDB D_1000032219 ?            ?                   
# 
loop_
_pdbx_audit_revision_history.ordinal 
_pdbx_audit_revision_history.data_content_type 
_pdbx_audit_revision_history.major_revision 
_pdbx_audit_revision_history.minor_revision 
_pdbx_audit_revision_history.revision_date 
1 'Structure model' 1 0 2005-05-24 
2 'Structure model' 1 1 2008-04-30 
3 'Structure model' 1 2 2011-07-13 
4 'Structure model' 1 3 2021-10-20 
5 'Structure model' 1 4 2024-02-14 
# 
_pdbx_audit_revision_details.ordinal             1 
_pdbx_audit_revision_details.revision_ordinal    1 
_pdbx_audit_revision_details.data_content_type   'Structure model' 
_pdbx_audit_revision_details.provider            repository 
_pdbx_audit_revision_details.type                'Initial release' 
_pdbx_audit_revision_details.description         ? 
_pdbx_audit_revision_details.details             ? 
# 
loop_
_pdbx_audit_revision_group.ordinal 
_pdbx_audit_revision_group.revision_ordinal 
_pdbx_audit_revision_group.data_content_type 
_pdbx_audit_revision_group.group 
1 2 'Structure model' 'Version format compliance' 
2 3 'Structure model' 'Version format compliance' 
3 4 'Structure model' 'Database references'       
4 4 'Structure model' 'Derived calculations'      
5 5 'Structure model' 'Data collection'           
# 
loop_
_pdbx_audit_revision_category.ordinal 
_pdbx_audit_revision_category.revision_ordinal 
_pdbx_audit_revision_category.data_content_type 
_pdbx_audit_revision_category.category 
1 4 'Structure model' database_2         
2 4 'Structure model' struct_ref_seq_dif 
3 4 'Structure model' struct_site        
4 5 'Structure model' chem_comp_atom     
5 5 'Structure model' chem_comp_bond     
# 
loop_
_pdbx_audit_revision_item.ordinal 
_pdbx_audit_revision_item.revision_ordinal 
_pdbx_audit_revision_item.data_content_type 
_pdbx_audit_revision_item.item 
1 4 'Structure model' '_database_2.pdbx_DOI'                
2 4 'Structure model' '_database_2.pdbx_database_accession' 
3 4 'Structure model' '_struct_ref_seq_dif.details'         
4 4 'Structure model' '_struct_site.pdbx_auth_asym_id'      
5 4 'Structure model' '_struct_site.pdbx_auth_comp_id'      
6 4 'Structure model' '_struct_site.pdbx_auth_seq_id'       
# 
_pdbx_database_status.status_code                     REL 
_pdbx_database_status.entry_id                        1Z2M 
_pdbx_database_status.recvd_initial_deposition_date   2005-03-08 
_pdbx_database_status.deposit_site                    RCSB 
_pdbx_database_status.process_site                    RCSB 
_pdbx_database_status.status_code_sf                  REL 
_pdbx_database_status.status_code_mr                  ? 
_pdbx_database_status.SG_entry                        ? 
_pdbx_database_status.pdb_format_compatible           Y 
_pdbx_database_status.status_code_cs                  ? 
_pdbx_database_status.status_code_nmr_data            ? 
_pdbx_database_status.methods_development_category    ? 
# 
_pdbx_database_related.db_name        PDB 
_pdbx_database_related.db_id          1ubq 
_pdbx_database_related.details        ubiquitin 
_pdbx_database_related.content_type   unspecified 
# 
loop_
_audit_author.name 
_audit_author.pdbx_ordinal 
'Narasimhan, J.' 1 
'Wang, M.'       2 
'Fu, Z.'         3 
'Klein, J.M.'    4 
'Haas, A.L.'     5 
'Kim, J.J.'      6 
# 
_citation.id                        primary 
_citation.title                     'Crystal Structure of the Interferon-induced Ubiquitin-like Protein ISG15.' 
_citation.journal_abbrev            J.Biol.Chem. 
_citation.journal_volume            280 
_citation.page_first                27356 
_citation.page_last                 27365 
_citation.year                      2005 
_citation.journal_id_ASTM           JBCHA3 
_citation.country                   US 
_citation.journal_id_ISSN           0021-9258 
_citation.journal_id_CSD            0071 
_citation.book_publisher            ? 
_citation.pdbx_database_id_PubMed   15917233 
_citation.pdbx_database_id_DOI      10.1074/jbc.M502814200 
# 
loop_
_citation_author.citation_id 
_citation_author.name 
_citation_author.ordinal 
_citation_author.identifier_ORCID 
primary 'Narasimhan, J.' 1 ? 
primary 'Wang, M.'       2 ? 
primary 'Fu, Z.'         3 ? 
primary 'Klein, J.M.'    4 ? 
primary 'Haas, A.L.'     5 ? 
primary 'Kim, J.J.'      6 ? 
# 
loop_
_entity.id 
_entity.type 
_entity.src_method 
_entity.pdbx_description 
_entity.formula_weight 
_entity.pdbx_number_of_molecules 
_entity.pdbx_ec 
_entity.pdbx_mutation 
_entity.pdbx_fragment 
_entity.details 
1 polymer     man 'interferon, alpha-inducible protein (clone IFI-15K)' 17033.535 1  ? c78s ? ? 
2 non-polymer syn 'OSMIUM 4+ ION'                                       190.230   1  ? ?    ? ? 
3 water       nat water                                                 18.015    39 ? ?    ? ? 
# 
_entity_name_com.entity_id   1 
_entity_name_com.name        ISG15 
# 
_entity_poly.entity_id                      1 
_entity_poly.type                           'polypeptide(L)' 
_entity_poly.nstd_linkage                   no 
_entity_poly.nstd_monomer                   no 
_entity_poly.pdbx_seq_one_letter_code       
;MGWDLTVKMLAGNEFQVSLSSSMSVSELKAQITQKIGVHAFQQRLAVHPSGVALQDRVPLASQGLGPGSTVLLVVDKSDE
PLSILVRNNKGRSSTYEVRLTQTVAHLKQQVSGLEGVQDDLFWLTFEGKPLEDQLPLGEYGLKPLSTVFMNLRLR
;
_entity_poly.pdbx_seq_one_letter_code_can   
;MGWDLTVKMLAGNEFQVSLSSSMSVSELKAQITQKIGVHAFQQRLAVHPSGVALQDRVPLASQGLGPGSTVLLVVDKSDE
PLSILVRNNKGRSSTYEVRLTQTVAHLKQQVSGLEGVQDDLFWLTFEGKPLEDQLPLGEYGLKPLSTVFMNLRLR
;
_entity_poly.pdbx_strand_id                 A 
_entity_poly.pdbx_target_identifier         ? 
# 
loop_
_pdbx_entity_nonpoly.entity_id 
_pdbx_entity_nonpoly.name 
_pdbx_entity_nonpoly.comp_id 
2 'OSMIUM 4+ ION' OS4 
3 water           HOH 
# 
loop_
_entity_poly_seq.entity_id 
_entity_poly_seq.num 
_entity_poly_seq.mon_id 
_entity_poly_seq.hetero 
1 1   MET n 
1 2   GLY n 
1 3   TRP n 
1 4   ASP n 
1 5   LEU n 
1 6   THR n 
1 7   VAL n 
1 8   LYS n 
1 9   MET n 
1 10  LEU n 
1 11  ALA n 
1 12  GLY n 
1 13  ASN n 
1 14  GLU n 
1 15  PHE n 
1 16  GLN n 
1 17  VAL n 
1 18  SER n 
1 19  LEU n 
1 20  SER n 
1 21  SER n 
1 22  SER n 
1 23  MET n 
1 24  SER n 
1 25  VAL n 
1 26  SER n 
1 27  GLU n 
1 28  LEU n 
1 29  LYS n 
1 30  ALA n 
1 31  GLN n 
1 32  ILE n 
1 33  THR n 
1 34  GLN n 
1 35  LYS n 
1 36  ILE n 
1 37  GLY n 
1 38  VAL n 
1 39  HIS n 
1 40  ALA n 
1 41  PHE n 
1 42  GLN n 
1 43  GLN n 
1 44  ARG n 
1 45  LEU n 
1 46  ALA n 
1 47  VAL n 
1 48  HIS n 
1 49  PRO n 
1 50  SER n 
1 51  GLY n 
1 52  VAL n 
1 53  ALA n 
1 54  LEU n 
1 55  GLN n 
1 56  ASP n 
1 57  ARG n 
1 58  VAL n 
1 59  PRO n 
1 60  LEU n 
1 61  ALA n 
1 62  SER n 
1 63  GLN n 
1 64  GLY n 
1 65  LEU n 
1 66  GLY n 
1 67  PRO n 
1 68  GLY n 
1 69  SER n 
1 70  THR n 
1 71  VAL n 
1 72  LEU n 
1 73  LEU n 
1 74  VAL n 
1 75  VAL n 
1 76  ASP n 
1 77  LYS n 
1 78  SER n 
1 79  ASP n 
1 80  GLU n 
1 81  PRO n 
1 82  LEU n 
1 83  SER n 
1 84  ILE n 
1 85  LEU n 
1 86  VAL n 
1 87  ARG n 
1 88  ASN n 
1 89  ASN n 
1 90  LYS n 
1 91  GLY n 
1 92  ARG n 
1 93  SER n 
1 94  SER n 
1 95  THR n 
1 96  TYR n 
1 97  GLU n 
1 98  VAL n 
1 99  ARG n 
1 100 LEU n 
1 101 THR n 
1 102 GLN n 
1 103 THR n 
1 104 VAL n 
1 105 ALA n 
1 106 HIS n 
1 107 LEU n 
1 108 LYS n 
1 109 GLN n 
1 110 GLN n 
1 111 VAL n 
1 112 SER n 
1 113 GLY n 
1 114 LEU n 
1 115 GLU n 
1 116 GLY n 
1 117 VAL n 
1 118 GLN n 
1 119 ASP n 
1 120 ASP n 
1 121 LEU n 
1 122 PHE n 
1 123 TRP n 
1 124 LEU n 
1 125 THR n 
1 126 PHE n 
1 127 GLU n 
1 128 GLY n 
1 129 LYS n 
1 130 PRO n 
1 131 LEU n 
1 132 GLU n 
1 133 ASP n 
1 134 GLN n 
1 135 LEU n 
1 136 PRO n 
1 137 LEU n 
1 138 GLY n 
1 139 GLU n 
1 140 TYR n 
1 141 GLY n 
1 142 LEU n 
1 143 LYS n 
1 144 PRO n 
1 145 LEU n 
1 146 SER n 
1 147 THR n 
1 148 VAL n 
1 149 PHE n 
1 150 MET n 
1 151 ASN n 
1 152 LEU n 
1 153 ARG n 
1 154 LEU n 
1 155 ARG n 
# 
_entity_src_gen.entity_id                          1 
_entity_src_gen.pdbx_src_id                        1 
_entity_src_gen.pdbx_alt_source_flag               sample 
_entity_src_gen.pdbx_seq_type                      ? 
_entity_src_gen.pdbx_beg_seq_num                   ? 
_entity_src_gen.pdbx_end_seq_num                   ? 
_entity_src_gen.gene_src_common_name               human 
_entity_src_gen.gene_src_genus                     Homo 
_entity_src_gen.pdbx_gene_src_gene                 ? 
_entity_src_gen.gene_src_species                   ? 
_entity_src_gen.gene_src_strain                    ? 
_entity_src_gen.gene_src_tissue                    ? 
_entity_src_gen.gene_src_tissue_fraction           ? 
_entity_src_gen.gene_src_details                   ? 
_entity_src_gen.pdbx_gene_src_fragment             ? 
_entity_src_gen.pdbx_gene_src_scientific_name      'Homo sapiens' 
_entity_src_gen.pdbx_gene_src_ncbi_taxonomy_id     9606 
_entity_src_gen.pdbx_gene_src_variant              ? 
_entity_src_gen.pdbx_gene_src_cell_line            ? 
_entity_src_gen.pdbx_gene_src_atcc                 ? 
_entity_src_gen.pdbx_gene_src_organ                ? 
_entity_src_gen.pdbx_gene_src_organelle            ? 
_entity_src_gen.pdbx_gene_src_cell                 ? 
_entity_src_gen.pdbx_gene_src_cellular_location    ? 
_entity_src_gen.host_org_common_name               ? 
_entity_src_gen.pdbx_host_org_scientific_name      'Escherichia coli BL21(DE3)' 
_entity_src_gen.pdbx_host_org_ncbi_taxonomy_id     469008 
_entity_src_gen.host_org_genus                     Escherichia 
_entity_src_gen.pdbx_host_org_gene                 ? 
_entity_src_gen.pdbx_host_org_organ                ? 
_entity_src_gen.host_org_species                   'Escherichia coli' 
_entity_src_gen.pdbx_host_org_tissue               ? 
_entity_src_gen.pdbx_host_org_tissue_fraction      ? 
_entity_src_gen.pdbx_host_org_strain               'BL21(DE3)' 
_entity_src_gen.pdbx_host_org_variant              ? 
_entity_src_gen.pdbx_host_org_cell_line            ? 
_entity_src_gen.pdbx_host_org_atcc                 ? 
_entity_src_gen.pdbx_host_org_culture_collection   ? 
_entity_src_gen.pdbx_host_org_cell                 ? 
_entity_src_gen.pdbx_host_org_organelle            ? 
_entity_src_gen.pdbx_host_org_cellular_location    ? 
_entity_src_gen.pdbx_host_org_vector_type          Plasmid 
_entity_src_gen.pdbx_host_org_vector               ? 
_entity_src_gen.host_org_details                   ? 
_entity_src_gen.expression_system_id               ? 
_entity_src_gen.plasmid_name                       pED11d 
_entity_src_gen.plasmid_details                    ? 
_entity_src_gen.pdbx_description                   ? 
# 
loop_
_chem_comp.id 
_chem_comp.type 
_chem_comp.mon_nstd_flag 
_chem_comp.name 
_chem_comp.pdbx_synonyms 
_chem_comp.formula 
_chem_comp.formula_weight 
ALA 'L-peptide linking' y ALANINE         ? 'C3 H7 N O2'     89.093  
ARG 'L-peptide linking' y ARGININE        ? 'C6 H15 N4 O2 1' 175.209 
ASN 'L-peptide linking' y ASPARAGINE      ? 'C4 H8 N2 O3'    132.118 
ASP 'L-peptide linking' y 'ASPARTIC ACID' ? 'C4 H7 N O4'     133.103 
CYS 'L-peptide linking' y CYSTEINE        ? 'C3 H7 N O2 S'   121.158 
GLN 'L-peptide linking' y GLUTAMINE       ? 'C5 H10 N2 O3'   146.144 
GLU 'L-peptide linking' y 'GLUTAMIC ACID' ? 'C5 H9 N O4'     147.129 
GLY 'peptide linking'   y GLYCINE         ? 'C2 H5 N O2'     75.067  
HIS 'L-peptide linking' y HISTIDINE       ? 'C6 H10 N3 O2 1' 156.162 
HOH non-polymer         . WATER           ? 'H2 O'           18.015  
ILE 'L-peptide linking' y ISOLEUCINE      ? 'C6 H13 N O2'    131.173 
LEU 'L-peptide linking' y LEUCINE         ? 'C6 H13 N O2'    131.173 
LYS 'L-peptide linking' y LYSINE          ? 'C6 H15 N2 O2 1' 147.195 
MET 'L-peptide linking' y METHIONINE      ? 'C5 H11 N O2 S'  149.211 
OS4 non-polymer         . 'OSMIUM 4+ ION' ? 'Os 4'           190.230 
PHE 'L-peptide linking' y PHENYLALANINE   ? 'C9 H11 N O2'    165.189 
PRO 'L-peptide linking' y PROLINE         ? 'C5 H9 N O2'     115.130 
SER 'L-peptide linking' y SERINE          ? 'C3 H7 N O3'     105.093 
THR 'L-peptide linking' y THREONINE       ? 'C4 H9 N O3'     119.119 
TRP 'L-peptide linking' y TRYPTOPHAN      ? 'C11 H12 N2 O2'  204.225 
TYR 'L-peptide linking' y TYROSINE        ? 'C9 H11 N O3'    181.189 
VAL 'L-peptide linking' y VALINE          ? 'C5 H11 N O2'    117.146 
# 
loop_
_pdbx_poly_seq_scheme.asym_id 
_pdbx_poly_seq_scheme.entity_id 
_pdbx_poly_seq_scheme.seq_id 
_pdbx_poly_seq_scheme.mon_id 
_pdbx_poly_seq_scheme.ndb_seq_num 
_pdbx_poly_seq_scheme.pdb_seq_num 
_pdbx_poly_seq_scheme.auth_seq_num 
_pdbx_poly_seq_scheme.pdb_mon_id 
_pdbx_poly_seq_scheme.auth_mon_id 
_pdbx_poly_seq_scheme.pdb_strand_id 
_pdbx_poly_seq_scheme.pdb_ins_code 
_pdbx_poly_seq_scheme.hetero 
A 1 1   MET 1   1   ?   ?   ?   A . n 
A 1 2   GLY 2   2   ?   ?   ?   A . n 
A 1 3   TRP 3   3   3   TRP TRP A . n 
A 1 4   ASP 4   4   4   ASP ASP A . n 
A 1 5   LEU 5   5   5   LEU LEU A . n 
A 1 6   THR 6   6   6   THR THR A . n 
A 1 7   VAL 7   7   7   VAL VAL A . n 
A 1 8   LYS 8   8   8   LYS LYS A . n 
A 1 9   MET 9   9   9   MET MET A . n 
A 1 10  LEU 10  10  10  LEU LEU A . n 
A 1 11  ALA 11  11  11  ALA ALA A . n 
A 1 12  GLY 12  12  12  GLY GLY A . n 
A 1 13  ASN 13  13  13  ASN ASN A . n 
A 1 14  GLU 14  14  14  GLU GLU A . n 
A 1 15  PHE 15  15  15  PHE PHE A . n 
A 1 16  GLN 16  16  16  GLN GLN A . n 
A 1 17  VAL 17  17  17  VAL VAL A . n 
A 1 18  SER 18  18  18  SER SER A . n 
A 1 19  LEU 19  19  19  LEU LEU A . n 
A 1 20  SER 20  20  20  SER SER A . n 
A 1 21  SER 21  21  21  SER SER A . n 
A 1 22  SER 22  22  22  SER SER A . n 
A 1 23  MET 23  23  23  MET MET A . n 
A 1 24  SER 24  24  24  SER SER A . n 
A 1 25  VAL 25  25  25  VAL VAL A . n 
A 1 26  SER 26  26  26  SER SER A . n 
A 1 27  GLU 27  27  27  GLU GLU A . n 
A 1 28  LEU 28  28  28  LEU LEU A . n 
A 1 29  LYS 29  29  29  LYS LYS A . n 
A 1 30  ALA 30  30  30  ALA ALA A . n 
A 1 31  GLN 31  31  31  GLN GLN A . n 
A 1 32  ILE 32  32  32  ILE ILE A . n 
A 1 33  THR 33  33  33  THR THR A . n 
A 1 34  GLN 34  34  34  GLN GLN A . n 
A 1 35  LYS 35  35  35  LYS LYS A . n 
A 1 36  ILE 36  36  36  ILE ILE A . n 
A 1 37  GLY 37  37  37  GLY GLY A . n 
A 1 38  VAL 38  38  38  VAL VAL A . n 
A 1 39  HIS 39  39  39  HIS HIS A . n 
A 1 40  ALA 40  40  40  ALA ALA A . n 
A 1 41  PHE 41  41  41  PHE PHE A . n 
A 1 42  GLN 42  42  42  GLN GLN A . n 
A 1 43  GLN 43  43  43  GLN GLN A . n 
A 1 44  ARG 44  44  44  ARG ARG A . n 
A 1 45  LEU 45  45  45  LEU LEU A . n 
A 1 46  ALA 46  46  46  ALA ALA A . n 
A 1 47  VAL 47  47  47  VAL VAL A . n 
A 1 48  HIS 48  48  48  HIS HIS A . n 
A 1 49  PRO 49  49  49  PRO PRO A . n 
A 1 50  SER 50  50  50  SER SER A . n 
A 1 51  GLY 51  51  51  GLY GLY A . n 
A 1 52  VAL 52  52  52  VAL VAL A . n 
A 1 53  ALA 53  53  53  ALA ALA A . n 
A 1 54  LEU 54  54  54  LEU LEU A . n 
A 1 55  GLN 55  55  55  GLN GLN A . n 
A 1 56  ASP 56  56  56  ASP ASP A . n 
A 1 57  ARG 57  57  57  ARG ARG A . n 
A 1 58  VAL 58  58  58  VAL VAL A . n 
A 1 59  PRO 59  59  59  PRO PRO A . n 
A 1 60  LEU 60  60  60  LEU LEU A . n 
A 1 61  ALA 61  61  61  ALA ALA A . n 
A 1 62  SER 62  62  62  SER SER A . n 
A 1 63  GLN 63  63  63  GLN GLN A . n 
A 1 64  GLY 64  64  64  GLY GLY A . n 
A 1 65  LEU 65  65  65  LEU LEU A . n 
A 1 66  GLY 66  66  66  GLY GLY A . n 
A 1 67  PRO 67  67  67  PRO PRO A . n 
A 1 68  GLY 68  68  68  GLY GLY A . n 
A 1 69  SER 69  69  69  SER SER A . n 
A 1 70  THR 70  70  70  THR THR A . n 
A 1 71  VAL 71  71  71  VAL VAL A . n 
A 1 72  LEU 72  72  72  LEU LEU A . n 
A 1 73  LEU 73  73  73  LEU LEU A . n 
A 1 74  VAL 74  74  74  VAL VAL A . n 
A 1 75  VAL 75  75  75  VAL VAL A . n 
A 1 76  ASP 76  76  76  ASP ASP A . n 
A 1 77  LYS 77  77  77  LYS LYS A . n 
A 1 78  SER 78  78  78  SER SER A . n 
A 1 79  ASP 79  79  79  ASP ASP A . n 
A 1 80  GLU 80  80  80  GLU GLU A . n 
A 1 81  PRO 81  81  81  PRO PRO A . n 
A 1 82  LEU 82  82  82  LEU LEU A . n 
A 1 83  SER 83  83  83  SER SER A . n 
A 1 84  ILE 84  84  84  ILE ILE A . n 
A 1 85  LEU 85  85  85  LEU LEU A . n 
A 1 86  VAL 86  86  86  VAL VAL A . n 
A 1 87  ARG 87  87  87  ARG ARG A . n 
A 1 88  ASN 88  88  88  ASN ASN A . n 
A 1 89  ASN 89  89  89  ASN ASN A . n 
A 1 90  LYS 90  90  90  LYS LYS A . n 
A 1 91  GLY 91  91  91  GLY GLY A . n 
A 1 92  ARG 92  92  92  ARG ARG A . n 
A 1 93  SER 93  93  93  SER SER A . n 
A 1 94  SER 94  94  94  SER SER A . n 
A 1 95  THR 95  95  95  THR THR A . n 
A 1 96  TYR 96  96  96  TYR TYR A . n 
A 1 97  GLU 97  97  97  GLU GLU A . n 
A 1 98  VAL 98  98  98  VAL VAL A . n 
A 1 99  ARG 99  99  99  ARG ARG A . n 
A 1 100 LEU 100 100 100 LEU LEU A . n 
A 1 101 THR 101 101 101 THR THR A . n 
A 1 102 GLN 102 102 102 GLN GLN A . n 
A 1 103 THR 103 103 103 THR THR A . n 
A 1 104 VAL 104 104 104 VAL VAL A . n 
A 1 105 ALA 105 105 105 ALA ALA A . n 
A 1 106 HIS 106 106 106 HIS HIS A . n 
A 1 107 LEU 107 107 107 LEU LEU A . n 
A 1 108 LYS 108 108 108 LYS LYS A . n 
A 1 109 GLN 109 109 109 GLN GLN A . n 
A 1 110 GLN 110 110 110 GLN GLN A . n 
A 1 111 VAL 111 111 111 VAL VAL A . n 
A 1 112 SER 112 112 112 SER SER A . n 
A 1 113 GLY 113 113 113 GLY GLY A . n 
A 1 114 LEU 114 114 114 LEU LEU A . n 
A 1 115 GLU 115 115 115 GLU GLU A . n 
A 1 116 GLY 116 116 116 GLY GLY A . n 
A 1 117 VAL 117 117 117 VAL VAL A . n 
A 1 118 GLN 118 118 118 GLN GLN A . n 
A 1 119 ASP 119 119 119 ASP ASP A . n 
A 1 120 ASP 120 120 120 ASP ASP A . n 
A 1 121 LEU 121 121 121 LEU LEU A . n 
A 1 122 PHE 122 122 122 PHE PHE A . n 
A 1 123 TRP 123 123 123 TRP TRP A . n 
A 1 124 LEU 124 124 124 LEU LEU A . n 
A 1 125 THR 125 125 125 THR THR A . n 
A 1 126 PHE 126 126 126 PHE PHE A . n 
A 1 127 GLU 127 127 127 GLU GLU A . n 
A 1 128 GLY 128 128 128 GLY GLY A . n 
A 1 129 LYS 129 129 129 LYS LYS A . n 
A 1 130 PRO 130 130 130 PRO PRO A . n 
A 1 131 LEU 131 131 131 LEU LEU A . n 
A 1 132 GLU 132 132 132 GLU GLU A . n 
A 1 133 ASP 133 133 133 ASP ASP A . n 
A 1 134 GLN 134 134 134 GLN GLN A . n 
A 1 135 LEU 135 135 135 LEU LEU A . n 
A 1 136 PRO 136 136 136 PRO PRO A . n 
A 1 137 LEU 137 137 137 LEU LEU A . n 
A 1 138 GLY 138 138 138 GLY GLY A . n 
A 1 139 GLU 139 139 139 GLU GLU A . n 
A 1 140 TYR 140 140 140 TYR TYR A . n 
A 1 141 GLY 141 141 141 GLY GLY A . n 
A 1 142 LEU 142 142 142 LEU LEU A . n 
A 1 143 LYS 143 143 143 LYS LYS A . n 
A 1 144 PRO 144 144 144 PRO PRO A . n 
A 1 145 LEU 145 145 145 LEU LEU A . n 
A 1 146 SER 146 146 146 SER SER A . n 
A 1 147 THR 147 147 147 THR THR A . n 
A 1 148 VAL 148 148 148 VAL VAL A . n 
A 1 149 PHE 149 149 149 PHE PHE A . n 
A 1 150 MET 150 150 150 MET MET A . n 
A 1 151 ASN 151 151 151 ASN ASN A . n 
A 1 152 LEU 152 152 152 LEU LEU A . n 
A 1 153 ARG 153 153 153 ARG ARG A . n 
A 1 154 LEU 154 154 154 LEU LEU A . n 
A 1 155 ARG 155 155 ?   ?   ?   A . n 
# 
loop_
_pdbx_nonpoly_scheme.asym_id 
_pdbx_nonpoly_scheme.entity_id 
_pdbx_nonpoly_scheme.mon_id 
_pdbx_nonpoly_scheme.ndb_seq_num 
_pdbx_nonpoly_scheme.pdb_seq_num 
_pdbx_nonpoly_scheme.auth_seq_num 
_pdbx_nonpoly_scheme.pdb_mon_id 
_pdbx_nonpoly_scheme.auth_mon_id 
_pdbx_nonpoly_scheme.pdb_strand_id 
_pdbx_nonpoly_scheme.pdb_ins_code 
B 2 OS4 1  400 400 OS4 OS4 A . 
C 3 HOH 1  501 501 HOH HOH A . 
C 3 HOH 2  502 502 HOH HOH A . 
C 3 HOH 3  503 503 HOH HOH A . 
C 3 HOH 4  504 504 HOH HOH A . 
C 3 HOH 5  505 505 HOH HOH A . 
C 3 HOH 6  506 506 HOH HOH A . 
C 3 HOH 7  507 507 HOH HOH A . 
C 3 HOH 8  508 508 HOH HOH A . 
C 3 HOH 9  509 509 HOH HOH A . 
C 3 HOH 10 510 510 HOH HOH A . 
C 3 HOH 11 511 511 HOH HOH A . 
C 3 HOH 12 514 514 HOH HOH A . 
C 3 HOH 13 515 515 HOH HOH A . 
C 3 HOH 14 516 516 HOH HOH A . 
C 3 HOH 15 517 517 HOH HOH A . 
C 3 HOH 16 518 518 HOH HOH A . 
C 3 HOH 17 519 519 HOH HOH A . 
C 3 HOH 18 520 520 HOH HOH A . 
C 3 HOH 19 521 521 HOH HOH A . 
C 3 HOH 20 522 522 HOH HOH A . 
C 3 HOH 21 524 524 HOH HOH A . 
C 3 HOH 22 525 525 HOH HOH A . 
C 3 HOH 23 526 526 HOH HOH A . 
C 3 HOH 24 528 528 HOH HOH A . 
C 3 HOH 25 601 601 HOH HOH A . 
C 3 HOH 26 604 604 HOH HOH A . 
C 3 HOH 27 606 606 HOH HOH A . 
C 3 HOH 28 607 607 HOH HOH A . 
C 3 HOH 29 608 608 HOH HOH A . 
C 3 HOH 30 609 609 HOH HOH A . 
C 3 HOH 31 610 610 HOH HOH A . 
C 3 HOH 32 611 611 HOH HOH A . 
C 3 HOH 33 612 612 HOH HOH A . 
C 3 HOH 34 613 613 HOH HOH A . 
C 3 HOH 35 614 614 HOH HOH A . 
C 3 HOH 36 615 615 HOH HOH A . 
C 3 HOH 37 616 616 HOH HOH A . 
C 3 HOH 38 617 617 HOH HOH A . 
C 3 HOH 39 619 619 HOH HOH A . 
# 
loop_
_software.name 
_software.classification 
_software.version 
_software.citation_id 
_software.pdbx_ordinal 
CNS       refinement       1.1 ? 1 
DENZO     'data reduction' .   ? 2 
SCALEPACK 'data scaling'   .   ? 3 
CNS       phasing          1.1 ? 4 
# 
_cell.entry_id           1Z2M 
_cell.length_a           55.790 
_cell.length_b           56.940 
_cell.length_c           103.720 
_cell.angle_alpha        90.00 
_cell.angle_beta         90.00 
_cell.angle_gamma        90.00 
_cell.Z_PDB              8 
_cell.pdbx_unique_axis   ? 
# 
_symmetry.entry_id                         1Z2M 
_symmetry.space_group_name_H-M             'I 2 2 2' 
_symmetry.pdbx_full_space_group_name_H-M   ? 
_symmetry.cell_setting                     ? 
_symmetry.Int_Tables_number                23 
_symmetry.space_group_name_Hall            ? 
# 
_exptl.entry_id          1Z2M 
_exptl.method            'X-RAY DIFFRACTION' 
_exptl.crystals_number   1 
# 
_exptl_crystal.id                    1 
_exptl_crystal.density_meas          ? 
_exptl_crystal.density_Matthews      2.44 
_exptl_crystal.density_percent_sol   47.7 
_exptl_crystal.description           ? 
_exptl_crystal.F_000                 ? 
_exptl_crystal.preparation           ? 
# 
_exptl_crystal_grow.crystal_id      1 
_exptl_crystal_grow.method          'VAPOR DIFFUSION, HANGING DROP' 
_exptl_crystal_grow.temp            292 
_exptl_crystal_grow.temp_details    ? 
_exptl_crystal_grow.pH              8.0 
_exptl_crystal_grow.pdbx_details    'Tris-HCl buffer, PEG4K, MgCl2, pH 8.0, VAPOR DIFFUSION, HANGING DROP, temperature 292K' 
_exptl_crystal_grow.pdbx_pH_range   . 
# 
_diffrn.id                     1 
_diffrn.ambient_temp           277 
_diffrn.ambient_temp_details   ? 
_diffrn.crystal_id             1 
# 
_diffrn_detector.diffrn_id              1 
_diffrn_detector.detector               'IMAGE PLATE' 
_diffrn_detector.type                   'RIGAKU RAXIS IIC' 
_diffrn_detector.pdbx_collection_date   2001-05-18 
_diffrn_detector.details                mirrors 
# 
_diffrn_radiation.diffrn_id                        1 
_diffrn_radiation.wavelength_id                    1 
_diffrn_radiation.pdbx_monochromatic_or_laue_m_l   M 
_diffrn_radiation.monochromator                    ? 
_diffrn_radiation.pdbx_diffrn_protocol             'SINGLE WAVELENGTH' 
_diffrn_radiation.pdbx_scattering_type             x-ray 
# 
_diffrn_radiation_wavelength.id           1 
_diffrn_radiation_wavelength.wavelength   1.5418 
_diffrn_radiation_wavelength.wt           1.0 
# 
_diffrn_source.diffrn_id                   1 
_diffrn_source.source                      'ROTATING ANODE' 
_diffrn_source.type                        'RIGAKU RU200' 
_diffrn_source.pdbx_synchrotron_site       ? 
_diffrn_source.pdbx_synchrotron_beamline   ? 
_diffrn_source.pdbx_wavelength             ? 
_diffrn_source.pdbx_wavelength_list        1.5418 
# 
_reflns.entry_id                     1Z2M 
_reflns.observed_criterion_sigma_I   2 
_reflns.observed_criterion_sigma_F   1 
_reflns.d_resolution_low             29.55 
_reflns.d_resolution_high            2.5 
_reflns.number_obs                   5624 
_reflns.number_all                   5624 
_reflns.percent_possible_obs         93.9 
_reflns.pdbx_Rmerge_I_obs            ? 
_reflns.pdbx_Rsym_value              0.06 
_reflns.pdbx_netI_over_sigmaI        10.1 
_reflns.B_iso_Wilson_estimate        22.3 
_reflns.pdbx_redundancy              2.5 
_reflns.R_free_details               ? 
_reflns.limit_h_max                  ? 
_reflns.limit_h_min                  ? 
_reflns.limit_k_max                  ? 
_reflns.limit_k_min                  ? 
_reflns.limit_l_max                  ? 
_reflns.limit_l_min                  ? 
_reflns.observed_criterion_F_max     ? 
_reflns.observed_criterion_F_min     ? 
_reflns.pdbx_chi_squared             ? 
_reflns.pdbx_scaling_rejects         ? 
_reflns.pdbx_diffrn_id               1 
_reflns.pdbx_ordinal                 1 
# 
_reflns_shell.d_res_high             2.50 
_reflns_shell.d_res_low              2.59 
_reflns_shell.percent_possible_all   88.4 
_reflns_shell.Rmerge_I_obs           ? 
_reflns_shell.pdbx_Rsym_value        0.192 
_reflns_shell.meanI_over_sigI_obs    3.7 
_reflns_shell.pdbx_redundancy        3.5 
_reflns_shell.percent_possible_obs   ? 
_reflns_shell.number_unique_all      511 
_reflns_shell.number_measured_all    ? 
_reflns_shell.number_measured_obs    ? 
_reflns_shell.number_unique_obs      ? 
_reflns_shell.pdbx_chi_squared       ? 
_reflns_shell.pdbx_diffrn_id         ? 
_reflns_shell.pdbx_ordinal           1 
# 
_refine.entry_id                                 1Z2M 
_refine.ls_number_reflns_obs                     5624 
_refine.ls_number_reflns_all                     5624 
_refine.pdbx_ls_sigma_I                          ? 
_refine.pdbx_ls_sigma_F                          0.0 
_refine.pdbx_data_cutoff_high_absF               142510.37 
_refine.pdbx_data_cutoff_low_absF                0.000000 
_refine.pdbx_data_cutoff_high_rms_absF           ? 
_refine.ls_d_res_low                             29.55 
_refine.ls_d_res_high                            2.50 
_refine.ls_percent_reflns_obs                    93.9 
_refine.ls_R_factor_obs                          0.206 
_refine.ls_R_factor_all                          ? 
_refine.ls_R_factor_R_work                       0.206 
_refine.ls_R_factor_R_free                       0.223 
_refine.ls_R_factor_R_free_error                 0.009 
_refine.ls_R_factor_R_free_error_details         ? 
_refine.ls_percent_reflns_R_free                 10.7 
_refine.ls_number_reflns_R_free                  603 
_refine.ls_number_parameters                     ? 
_refine.ls_number_restraints                     ? 
_refine.occupancy_min                            ? 
_refine.occupancy_max                            ? 
_refine.correlation_coeff_Fo_to_Fc               ? 
_refine.correlation_coeff_Fo_to_Fc_free          ? 
_refine.B_iso_mean                               30.6 
_refine.aniso_B[1][1]                            0.00 
_refine.aniso_B[2][2]                            0.00 
_refine.aniso_B[3][3]                            0.00 
_refine.aniso_B[1][2]                            0.00 
_refine.aniso_B[1][3]                            0.00 
_refine.aniso_B[2][3]                            0.00 
_refine.solvent_model_details                    'FLAT MODEL' 
_refine.solvent_model_param_ksol                 0.37215 
_refine.solvent_model_param_bsol                 56.9459 
_refine.pdbx_solvent_vdw_probe_radii             ? 
_refine.pdbx_solvent_ion_probe_radii             ? 
_refine.pdbx_solvent_shrinkage_radii             ? 
_refine.pdbx_ls_cross_valid_method               THROUGHOUT 
_refine.details                                  'BULK SOLVENT MODEL USED' 
_refine.pdbx_starting_model                      ? 
_refine.pdbx_method_to_determine_struct          SIR 
_refine.pdbx_isotropic_thermal_model             RESTRAINED 
_refine.pdbx_stereochemistry_target_values       'Engh & Huber' 
_refine.pdbx_stereochem_target_val_spec_case     ? 
_refine.pdbx_R_Free_selection_details            RANDOM 
_refine.pdbx_overall_ESU_R                       ? 
_refine.pdbx_overall_ESU_R_Free                  ? 
_refine.overall_SU_ML                            ? 
_refine.overall_SU_B                             ? 
_refine.ls_redundancy_reflns_obs                 ? 
_refine.B_iso_min                                ? 
_refine.B_iso_max                                ? 
_refine.overall_SU_R_Cruickshank_DPI             ? 
_refine.overall_SU_R_free                        ? 
_refine.ls_wR_factor_R_free                      ? 
_refine.ls_wR_factor_R_work                      ? 
_refine.overall_FOM_free_R_set                   ? 
_refine.overall_FOM_work_R_set                   ? 
_refine.pdbx_refine_id                           'X-RAY DIFFRACTION' 
_refine.pdbx_diffrn_id                           1 
_refine.pdbx_TLS_residual_ADP_flag               ? 
_refine.pdbx_overall_phase_error                 ? 
_refine.pdbx_overall_SU_R_free_Cruickshank_DPI   ? 
_refine.pdbx_overall_SU_R_Blow_DPI               ? 
_refine.pdbx_overall_SU_R_free_Blow_DPI          ? 
# 
_refine_analyze.entry_id                        1Z2M 
_refine_analyze.Luzzati_coordinate_error_obs    0.29 
_refine_analyze.Luzzati_sigma_a_obs             0.32 
_refine_analyze.Luzzati_d_res_low_obs           5.00 
_refine_analyze.Luzzati_coordinate_error_free   0.34 
_refine_analyze.Luzzati_sigma_a_free            0.36 
_refine_analyze.Luzzati_d_res_low_free          ? 
_refine_analyze.number_disordered_residues      ? 
_refine_analyze.occupancy_sum_hydrogen          ? 
_refine_analyze.occupancy_sum_non_hydrogen      ? 
_refine_analyze.pdbx_Luzzati_d_res_high_obs     ? 
_refine_analyze.pdbx_refine_id                  'X-RAY DIFFRACTION' 
# 
_refine_hist.pdbx_refine_id                   'X-RAY DIFFRACTION' 
_refine_hist.cycle_id                         LAST 
_refine_hist.pdbx_number_atoms_protein        1173 
_refine_hist.pdbx_number_atoms_nucleic_acid   0 
_refine_hist.pdbx_number_atoms_ligand         1 
_refine_hist.number_atoms_solvent             39 
_refine_hist.number_atoms_total               1213 
_refine_hist.d_res_high                       2.50 
_refine_hist.d_res_low                        29.55 
# 
loop_
_refine_ls_restr.type 
_refine_ls_restr.dev_ideal 
_refine_ls_restr.dev_ideal_target 
_refine_ls_restr.weight 
_refine_ls_restr.number 
_refine_ls_restr.pdbx_refine_id 
_refine_ls_restr.pdbx_restraint_function 
c_bond_d           0.007 ?    ? ? 'X-RAY DIFFRACTION' ? 
c_angle_deg        1.3   ?    ? ? 'X-RAY DIFFRACTION' ? 
c_dihedral_angle_d 24.7  ?    ? ? 'X-RAY DIFFRACTION' ? 
c_improper_angle_d 0.86  ?    ? ? 'X-RAY DIFFRACTION' ? 
c_mcbond_it        1.48  1.50 ? ? 'X-RAY DIFFRACTION' ? 
c_mcangle_it       2.59  2.00 ? ? 'X-RAY DIFFRACTION' ? 
c_scbond_it        2.12  2.00 ? ? 'X-RAY DIFFRACTION' ? 
c_scangle_it       3.31  2.50 ? ? 'X-RAY DIFFRACTION' ? 
# 
_refine_ls_shell.pdbx_total_number_of_bins_used   10 
_refine_ls_shell.d_res_high                       2.50 
_refine_ls_shell.d_res_low                        2.59 
_refine_ls_shell.number_reflns_R_work             454 
_refine_ls_shell.R_factor_R_work                  0.291 
_refine_ls_shell.percent_reflns_obs               88.4 
_refine_ls_shell.R_factor_R_free                  0.336 
_refine_ls_shell.R_factor_R_free_error            0.045 
_refine_ls_shell.percent_reflns_R_free            11.2 
_refine_ls_shell.number_reflns_R_free             57 
_refine_ls_shell.number_reflns_obs                511 
_refine_ls_shell.redundancy_reflns_obs            ? 
_refine_ls_shell.number_reflns_all                ? 
_refine_ls_shell.pdbx_refine_id                   'X-RAY DIFFRACTION' 
_refine_ls_shell.R_factor_all                     ? 
# 
loop_
_pdbx_xplor_file.serial_no 
_pdbx_xplor_file.param_file 
_pdbx_xplor_file.topol_file 
_pdbx_xplor_file.pdbx_refine_id 
1 PROTEIN_REP.PARAM PROTEIN.TOP 'X-RAY DIFFRACTION' 
2 WATER.PARAM       WATER.TOP   'X-RAY DIFFRACTION' 
3 ION.PARAM         ION.TOP     'X-RAY DIFFRACTION' 
# 
_struct.entry_id                  1Z2M 
_struct.title                     'Crystal Structure of ISG15, the Interferon-Induced Ubiquitin Cross Reactive Protein' 
_struct.pdbx_model_details        ? 
_struct.pdbx_CASP_flag            ? 
_struct.pdbx_model_type_details   ? 
# 
_struct_keywords.entry_id        1Z2M 
_struct_keywords.pdbx_keywords   'SIGNALING PROTEIN' 
_struct_keywords.text            'ISG15, Ubiquitin Cross Reactive Protein, Signaling Protein' 
# 
loop_
_struct_asym.id 
_struct_asym.pdbx_blank_PDB_chainid_flag 
_struct_asym.pdbx_modified 
_struct_asym.entity_id 
_struct_asym.details 
A N N 1 ? 
B N N 2 ? 
C N N 3 ? 
# 
_struct_ref.id                         1 
_struct_ref.db_name                    UNP 
_struct_ref.db_code                    UCRP_HUMAN 
_struct_ref.pdbx_db_accession          P05161 
_struct_ref.entity_id                  1 
_struct_ref.pdbx_seq_one_letter_code   
;MGWDLTVKMLAGNEFQVSLSSSMSVSELKAQITQKIGVHAFQQRLAVHPSGVALQDRVPLASQGLGPGSTVLLVVDKCDE
PLSILVRNNKGRSSTYEVRLTQTVAHLKQQVSGLEGVQDDLFWLTFEGKPLEDQLPLGEYGLKPLSTVFMNLRLR
;
_struct_ref.pdbx_align_begin           1 
_struct_ref.pdbx_db_isoform            ? 
# 
_struct_ref_seq.align_id                      1 
_struct_ref_seq.ref_id                        1 
_struct_ref_seq.pdbx_PDB_id_code              1Z2M 
_struct_ref_seq.pdbx_strand_id                A 
_struct_ref_seq.seq_align_beg                 1 
_struct_ref_seq.pdbx_seq_align_beg_ins_code   ? 
_struct_ref_seq.seq_align_end                 155 
_struct_ref_seq.pdbx_seq_align_end_ins_code   ? 
_struct_ref_seq.pdbx_db_accession             P05161 
_struct_ref_seq.db_align_beg                  0 
_struct_ref_seq.pdbx_db_align_beg_ins_code    ? 
_struct_ref_seq.db_align_end                  154 
_struct_ref_seq.pdbx_db_align_end_ins_code    ? 
_struct_ref_seq.pdbx_auth_seq_align_beg       1 
_struct_ref_seq.pdbx_auth_seq_align_end       155 
# 
_struct_ref_seq_dif.align_id                     1 
_struct_ref_seq_dif.pdbx_pdb_id_code             1Z2M 
_struct_ref_seq_dif.mon_id                       SER 
_struct_ref_seq_dif.pdbx_pdb_strand_id           A 
_struct_ref_seq_dif.seq_num                      78 
_struct_ref_seq_dif.pdbx_pdb_ins_code            ? 
_struct_ref_seq_dif.pdbx_seq_db_name             UNP 
_struct_ref_seq_dif.pdbx_seq_db_accession_code   P05161 
_struct_ref_seq_dif.db_mon_id                    CYS 
_struct_ref_seq_dif.pdbx_seq_db_seq_num          77 
_struct_ref_seq_dif.details                      'engineered mutation' 
_struct_ref_seq_dif.pdbx_auth_seq_num            78 
_struct_ref_seq_dif.pdbx_ordinal                 1 
# 
_pdbx_struct_assembly.id                   1 
_pdbx_struct_assembly.details              author_defined_assembly 
_pdbx_struct_assembly.method_details       ? 
_pdbx_struct_assembly.oligomeric_details   monomeric 
_pdbx_struct_assembly.oligomeric_count     1 
# 
_pdbx_struct_assembly_gen.assembly_id       1 
_pdbx_struct_assembly_gen.oper_expression   1 
_pdbx_struct_assembly_gen.asym_id_list      A,B,C 
# 
_pdbx_struct_oper_list.id                   1 
_pdbx_struct_oper_list.type                 'identity operation' 
_pdbx_struct_oper_list.name                 1_555 
_pdbx_struct_oper_list.symmetry_operation   x,y,z 
_pdbx_struct_oper_list.matrix[1][1]         1.0000000000 
_pdbx_struct_oper_list.matrix[1][2]         0.0000000000 
_pdbx_struct_oper_list.matrix[1][3]         0.0000000000 
_pdbx_struct_oper_list.vector[1]            0.0000000000 
_pdbx_struct_oper_list.matrix[2][1]         0.0000000000 
_pdbx_struct_oper_list.matrix[2][2]         1.0000000000 
_pdbx_struct_oper_list.matrix[2][3]         0.0000000000 
_pdbx_struct_oper_list.vector[2]            0.0000000000 
_pdbx_struct_oper_list.matrix[3][1]         0.0000000000 
_pdbx_struct_oper_list.matrix[3][2]         0.0000000000 
_pdbx_struct_oper_list.matrix[3][3]         1.0000000000 
_pdbx_struct_oper_list.vector[3]            0.0000000000 
# 
_struct_biol.id                    1 
_struct_biol.pdbx_parent_biol_id   ? 
_struct_biol.details               ? 
# 
loop_
_struct_conf.conf_type_id 
_struct_conf.id 
_struct_conf.pdbx_PDB_helix_id 
_struct_conf.beg_label_comp_id 
_struct_conf.beg_label_asym_id 
_struct_conf.beg_label_seq_id 
_struct_conf.pdbx_beg_PDB_ins_code 
_struct_conf.end_label_comp_id 
_struct_conf.end_label_asym_id 
_struct_conf.end_label_seq_id 
_struct_conf.pdbx_end_PDB_ins_code 
_struct_conf.beg_auth_comp_id 
_struct_conf.beg_auth_asym_id 
_struct_conf.beg_auth_seq_id 
_struct_conf.end_auth_comp_id 
_struct_conf.end_auth_asym_id 
_struct_conf.end_auth_seq_id 
_struct_conf.pdbx_PDB_helix_class 
_struct_conf.details 
_struct_conf.pdbx_PDB_helix_length 
HELX_P HELX_P1 1 SER A 24  ? GLY A 37  ? SER A 24  GLY A 37  1 ? 14 
HELX_P HELX_P2 2 HIS A 39  ? PHE A 41  ? HIS A 39  PHE A 41  5 ? 3  
HELX_P HELX_P3 3 LEU A 60  ? GLY A 64  ? LEU A 60  GLY A 64  5 ? 5  
HELX_P HELX_P4 4 THR A 103 ? GLY A 116 ? THR A 103 GLY A 116 1 ? 14 
HELX_P HELX_P5 5 GLN A 118 ? ASP A 120 ? GLN A 118 ASP A 120 5 ? 3  
HELX_P HELX_P6 6 PRO A 136 ? GLY A 141 ? PRO A 136 GLY A 141 5 ? 6  
# 
_struct_conf_type.id          HELX_P 
_struct_conf_type.criteria    ? 
_struct_conf_type.reference   ? 
# 
_struct_mon_prot_cis.pdbx_id                1 
_struct_mon_prot_cis.label_comp_id          HIS 
_struct_mon_prot_cis.label_seq_id           48 
_struct_mon_prot_cis.label_asym_id          A 
_struct_mon_prot_cis.label_alt_id           . 
_struct_mon_prot_cis.pdbx_PDB_ins_code      ? 
_struct_mon_prot_cis.auth_comp_id           HIS 
_struct_mon_prot_cis.auth_seq_id            48 
_struct_mon_prot_cis.auth_asym_id           A 
_struct_mon_prot_cis.pdbx_label_comp_id_2   PRO 
_struct_mon_prot_cis.pdbx_label_seq_id_2    49 
_struct_mon_prot_cis.pdbx_label_asym_id_2   A 
_struct_mon_prot_cis.pdbx_PDB_ins_code_2    ? 
_struct_mon_prot_cis.pdbx_auth_comp_id_2    PRO 
_struct_mon_prot_cis.pdbx_auth_seq_id_2     49 
_struct_mon_prot_cis.pdbx_auth_asym_id_2    A 
_struct_mon_prot_cis.pdbx_PDB_model_num     1 
_struct_mon_prot_cis.pdbx_omega_angle       0.14 
# 
loop_
_struct_sheet.id 
_struct_sheet.type 
_struct_sheet.number_strands 
_struct_sheet.details 
A ? 4 ? 
B ? 5 ? 
# 
loop_
_struct_sheet_order.sheet_id 
_struct_sheet_order.range_id_1 
_struct_sheet_order.range_id_2 
_struct_sheet_order.offset 
_struct_sheet_order.sense 
A 1 2 ? anti-parallel 
A 2 3 ? parallel      
A 3 4 ? anti-parallel 
B 1 2 ? anti-parallel 
B 2 3 ? parallel      
B 3 4 ? anti-parallel 
B 4 5 ? anti-parallel 
# 
loop_
_struct_sheet_range.sheet_id 
_struct_sheet_range.id 
_struct_sheet_range.beg_label_comp_id 
_struct_sheet_range.beg_label_asym_id 
_struct_sheet_range.beg_label_seq_id 
_struct_sheet_range.pdbx_beg_PDB_ins_code 
_struct_sheet_range.end_label_comp_id 
_struct_sheet_range.end_label_asym_id 
_struct_sheet_range.end_label_seq_id 
_struct_sheet_range.pdbx_end_PDB_ins_code 
_struct_sheet_range.beg_auth_comp_id 
_struct_sheet_range.beg_auth_asym_id 
_struct_sheet_range.beg_auth_seq_id 
_struct_sheet_range.end_auth_comp_id 
_struct_sheet_range.end_auth_asym_id 
_struct_sheet_range.end_auth_seq_id 
A 1 GLU A 14  ? SER A 18  ? GLU A 14  SER A 18  
A 2 ASP A 4   ? MET A 9   ? ASP A 4   MET A 9   
A 3 THR A 70  ? VAL A 75  ? THR A 70  VAL A 75  
A 4 GLN A 43  ? HIS A 48  ? GLN A 43  HIS A 48  
B 1 SER A 93  ? VAL A 98  ? SER A 93  VAL A 98  
B 2 LEU A 82  ? ARG A 87  ? LEU A 82  ARG A 87  
B 3 THR A 147 ? LEU A 152 ? THR A 147 LEU A 152 
B 4 PHE A 122 ? PHE A 126 ? PHE A 122 PHE A 126 
B 5 LYS A 129 ? PRO A 130 ? LYS A 129 PRO A 130 
# 
loop_
_pdbx_struct_sheet_hbond.sheet_id 
_pdbx_struct_sheet_hbond.range_id_1 
_pdbx_struct_sheet_hbond.range_id_2 
_pdbx_struct_sheet_hbond.range_1_label_atom_id 
_pdbx_struct_sheet_hbond.range_1_label_comp_id 
_pdbx_struct_sheet_hbond.range_1_label_asym_id 
_pdbx_struct_sheet_hbond.range_1_label_seq_id 
_pdbx_struct_sheet_hbond.range_1_PDB_ins_code 
_pdbx_struct_sheet_hbond.range_1_auth_atom_id 
_pdbx_struct_sheet_hbond.range_1_auth_comp_id 
_pdbx_struct_sheet_hbond.range_1_auth_asym_id 
_pdbx_struct_sheet_hbond.range_1_auth_seq_id 
_pdbx_struct_sheet_hbond.range_2_label_atom_id 
_pdbx_struct_sheet_hbond.range_2_label_comp_id 
_pdbx_struct_sheet_hbond.range_2_label_asym_id 
_pdbx_struct_sheet_hbond.range_2_label_seq_id 
_pdbx_struct_sheet_hbond.range_2_PDB_ins_code 
_pdbx_struct_sheet_hbond.range_2_auth_atom_id 
_pdbx_struct_sheet_hbond.range_2_auth_comp_id 
_pdbx_struct_sheet_hbond.range_2_auth_asym_id 
_pdbx_struct_sheet_hbond.range_2_auth_seq_id 
A 1 2 O PHE A 15  ? O PHE A 15  N VAL A 7   ? N VAL A 7   
A 2 3 N LYS A 8   ? N LYS A 8   O VAL A 71  ? O VAL A 71  
A 3 4 O LEU A 72  ? O LEU A 72  N ALA A 46  ? N ALA A 46  
B 1 2 O VAL A 98  ? O VAL A 98  N LEU A 82  ? N LEU A 82  
B 2 3 N LEU A 85  ? N LEU A 85  O VAL A 148 ? O VAL A 148 
B 3 4 O PHE A 149 ? O PHE A 149 N THR A 125 ? N THR A 125 
B 4 5 N PHE A 126 ? N PHE A 126 O LYS A 129 ? O LYS A 129 
# 
_struct_site.id                   AC1 
_struct_site.pdbx_evidence_code   Software 
_struct_site.pdbx_auth_asym_id    A 
_struct_site.pdbx_auth_comp_id    OS4 
_struct_site.pdbx_auth_seq_id     400 
_struct_site.pdbx_auth_ins_code   ? 
_struct_site.pdbx_num_residues    4 
_struct_site.details              'BINDING SITE FOR RESIDUE OS4 A 400' 
# 
loop_
_struct_site_gen.id 
_struct_site_gen.site_id 
_struct_site_gen.pdbx_num_res 
_struct_site_gen.label_comp_id 
_struct_site_gen.label_asym_id 
_struct_site_gen.label_seq_id 
_struct_site_gen.pdbx_auth_ins_code 
_struct_site_gen.auth_comp_id 
_struct_site_gen.auth_asym_id 
_struct_site_gen.auth_seq_id 
_struct_site_gen.label_atom_id 
_struct_site_gen.label_alt_id 
_struct_site_gen.symmetry 
_struct_site_gen.details 
1 AC1 4 MET A 9  ? MET A 9   . ? 1_555 ? 
2 AC1 4 GLY A 12 ? GLY A 12  . ? 1_555 ? 
3 AC1 4 ASN A 13 ? ASN A 13  . ? 1_555 ? 
4 AC1 4 HOH C .  ? HOH A 526 . ? 1_555 ? 
# 
loop_
_pdbx_validate_torsion.id 
_pdbx_validate_torsion.PDB_model_num 
_pdbx_validate_torsion.auth_comp_id 
_pdbx_validate_torsion.auth_asym_id 
_pdbx_validate_torsion.auth_seq_id 
_pdbx_validate_torsion.PDB_ins_code 
_pdbx_validate_torsion.label_alt_id 
_pdbx_validate_torsion.phi 
_pdbx_validate_torsion.psi 
1 1 ASN A 13  ? ? -116.59 -96.73 
2 1 SER A 21  ? ? -125.51 -93.85 
3 1 MET A 23  ? ? 63.76   75.33  
4 1 SER A 62  ? ? -77.79  31.31  
5 1 SER A 78  ? ? -31.34  138.18 
6 1 ASP A 79  ? ? -149.68 49.93  
7 1 LEU A 145 ? ? 59.40   18.89  
8 1 ARG A 153 ? ? -78.13  44.31  
# 
loop_
_pdbx_unobs_or_zero_occ_residues.id 
_pdbx_unobs_or_zero_occ_residues.PDB_model_num 
_pdbx_unobs_or_zero_occ_residues.polymer_flag 
_pdbx_unobs_or_zero_occ_residues.occupancy_flag 
_pdbx_unobs_or_zero_occ_residues.auth_asym_id 
_pdbx_unobs_or_zero_occ_residues.auth_comp_id 
_pdbx_unobs_or_zero_occ_residues.auth_seq_id 
_pdbx_unobs_or_zero_occ_residues.PDB_ins_code 
_pdbx_unobs_or_zero_occ_residues.label_asym_id 
_pdbx_unobs_or_zero_occ_residues.label_comp_id 
_pdbx_unobs_or_zero_occ_residues.label_seq_id 
1 1 Y 1 A MET 1   ? A MET 1   
2 1 Y 1 A GLY 2   ? A GLY 2   
3 1 Y 1 A ARG 155 ? A ARG 155 
# 
loop_
_chem_comp_atom.comp_id 
_chem_comp_atom.atom_id 
_chem_comp_atom.type_symbol 
_chem_comp_atom.pdbx_aromatic_flag 
_chem_comp_atom.pdbx_stereo_config 
_chem_comp_atom.pdbx_ordinal 
ALA N    N  N N 1   
ALA CA   C  N S 2   
ALA C    C  N N 3   
ALA O    O  N N 4   
ALA CB   C  N N 5   
ALA OXT  O  N N 6   
ALA H    H  N N 7   
ALA H2   H  N N 8   
ALA HA   H  N N 9   
ALA HB1  H  N N 10  
ALA HB2  H  N N 11  
ALA HB3  H  N N 12  
ALA HXT  H  N N 13  
ARG N    N  N N 14  
ARG CA   C  N S 15  
ARG C    C  N N 16  
ARG O    O  N N 17  
ARG CB   C  N N 18  
ARG CG   C  N N 19  
ARG CD   C  N N 20  
ARG NE   N  N N 21  
ARG CZ   C  N N 22  
ARG NH1  N  N N 23  
ARG NH2  N  N N 24  
ARG OXT  O  N N 25  
ARG H    H  N N 26  
ARG H2   H  N N 27  
ARG HA   H  N N 28  
ARG HB2  H  N N 29  
ARG HB3  H  N N 30  
ARG HG2  H  N N 31  
ARG HG3  H  N N 32  
ARG HD2  H  N N 33  
ARG HD3  H  N N 34  
ARG HE   H  N N 35  
ARG HH11 H  N N 36  
ARG HH12 H  N N 37  
ARG HH21 H  N N 38  
ARG HH22 H  N N 39  
ARG HXT  H  N N 40  
ASN N    N  N N 41  
ASN CA   C  N S 42  
ASN C    C  N N 43  
ASN O    O  N N 44  
ASN CB   C  N N 45  
ASN CG   C  N N 46  
ASN OD1  O  N N 47  
ASN ND2  N  N N 48  
ASN OXT  O  N N 49  
ASN H    H  N N 50  
ASN H2   H  N N 51  
ASN HA   H  N N 52  
ASN HB2  H  N N 53  
ASN HB3  H  N N 54  
ASN HD21 H  N N 55  
ASN HD22 H  N N 56  
ASN HXT  H  N N 57  
ASP N    N  N N 58  
ASP CA   C  N S 59  
ASP C    C  N N 60  
ASP O    O  N N 61  
ASP CB   C  N N 62  
ASP CG   C  N N 63  
ASP OD1  O  N N 64  
ASP OD2  O  N N 65  
ASP OXT  O  N N 66  
ASP H    H  N N 67  
ASP H2   H  N N 68  
ASP HA   H  N N 69  
ASP HB2  H  N N 70  
ASP HB3  H  N N 71  
ASP HD2  H  N N 72  
ASP HXT  H  N N 73  
CYS N    N  N N 74  
CYS CA   C  N R 75  
CYS C    C  N N 76  
CYS O    O  N N 77  
CYS CB   C  N N 78  
CYS SG   S  N N 79  
CYS OXT  O  N N 80  
CYS H    H  N N 81  
CYS H2   H  N N 82  
CYS HA   H  N N 83  
CYS HB2  H  N N 84  
CYS HB3  H  N N 85  
CYS HG   H  N N 86  
CYS HXT  H  N N 87  
GLN N    N  N N 88  
GLN CA   C  N S 89  
GLN C    C  N N 90  
GLN O    O  N N 91  
GLN CB   C  N N 92  
GLN CG   C  N N 93  
GLN CD   C  N N 94  
GLN OE1  O  N N 95  
GLN NE2  N  N N 96  
GLN OXT  O  N N 97  
GLN H    H  N N 98  
GLN H2   H  N N 99  
GLN HA   H  N N 100 
GLN HB2  H  N N 101 
GLN HB3  H  N N 102 
GLN HG2  H  N N 103 
GLN HG3  H  N N 104 
GLN HE21 H  N N 105 
GLN HE22 H  N N 106 
GLN HXT  H  N N 107 
GLU N    N  N N 108 
GLU CA   C  N S 109 
GLU C    C  N N 110 
GLU O    O  N N 111 
GLU CB   C  N N 112 
GLU CG   C  N N 113 
GLU CD   C  N N 114 
GLU OE1  O  N N 115 
GLU OE2  O  N N 116 
GLU OXT  O  N N 117 
GLU H    H  N N 118 
GLU H2   H  N N 119 
GLU HA   H  N N 120 
GLU HB2  H  N N 121 
GLU HB3  H  N N 122 
GLU HG2  H  N N 123 
GLU HG3  H  N N 124 
GLU HE2  H  N N 125 
GLU HXT  H  N N 126 
GLY N    N  N N 127 
GLY CA   C  N N 128 
GLY C    C  N N 129 
GLY O    O  N N 130 
GLY OXT  O  N N 131 
GLY H    H  N N 132 
GLY H2   H  N N 133 
GLY HA2  H  N N 134 
GLY HA3  H  N N 135 
GLY HXT  H  N N 136 
HIS N    N  N N 137 
HIS CA   C  N S 138 
HIS C    C  N N 139 
HIS O    O  N N 140 
HIS CB   C  N N 141 
HIS CG   C  Y N 142 
HIS ND1  N  Y N 143 
HIS CD2  C  Y N 144 
HIS CE1  C  Y N 145 
HIS NE2  N  Y N 146 
HIS OXT  O  N N 147 
HIS H    H  N N 148 
HIS H2   H  N N 149 
HIS HA   H  N N 150 
HIS HB2  H  N N 151 
HIS HB3  H  N N 152 
HIS HD1  H  N N 153 
HIS HD2  H  N N 154 
HIS HE1  H  N N 155 
HIS HE2  H  N N 156 
HIS HXT  H  N N 157 
HOH O    O  N N 158 
HOH H1   H  N N 159 
HOH H2   H  N N 160 
ILE N    N  N N 161 
ILE CA   C  N S 162 
ILE C    C  N N 163 
ILE O    O  N N 164 
ILE CB   C  N S 165 
ILE CG1  C  N N 166 
ILE CG2  C  N N 167 
ILE CD1  C  N N 168 
ILE OXT  O  N N 169 
ILE H    H  N N 170 
ILE H2   H  N N 171 
ILE HA   H  N N 172 
ILE HB   H  N N 173 
ILE HG12 H  N N 174 
ILE HG13 H  N N 175 
ILE HG21 H  N N 176 
ILE HG22 H  N N 177 
ILE HG23 H  N N 178 
ILE HD11 H  N N 179 
ILE HD12 H  N N 180 
ILE HD13 H  N N 181 
ILE HXT  H  N N 182 
LEU N    N  N N 183 
LEU CA   C  N S 184 
LEU C    C  N N 185 
LEU O    O  N N 186 
LEU CB   C  N N 187 
LEU CG   C  N N 188 
LEU CD1  C  N N 189 
LEU CD2  C  N N 190 
LEU OXT  O  N N 191 
LEU H    H  N N 192 
LEU H2   H  N N 193 
LEU HA   H  N N 194 
LEU HB2  H  N N 195 
LEU HB3  H  N N 196 
LEU HG   H  N N 197 
LEU HD11 H  N N 198 
LEU HD12 H  N N 199 
LEU HD13 H  N N 200 
LEU HD21 H  N N 201 
LEU HD22 H  N N 202 
LEU HD23 H  N N 203 
LEU HXT  H  N N 204 
LYS N    N  N N 205 
LYS CA   C  N S 206 
LYS C    C  N N 207 
LYS O    O  N N 208 
LYS CB   C  N N 209 
LYS CG   C  N N 210 
LYS CD   C  N N 211 
LYS CE   C  N N 212 
LYS NZ   N  N N 213 
LYS OXT  O  N N 214 
LYS H    H  N N 215 
LYS H2   H  N N 216 
LYS HA   H  N N 217 
LYS HB2  H  N N 218 
LYS HB3  H  N N 219 
LYS HG2  H  N N 220 
LYS HG3  H  N N 221 
LYS HD2  H  N N 222 
LYS HD3  H  N N 223 
LYS HE2  H  N N 224 
LYS HE3  H  N N 225 
LYS HZ1  H  N N 226 
LYS HZ2  H  N N 227 
LYS HZ3  H  N N 228 
LYS HXT  H  N N 229 
MET N    N  N N 230 
MET CA   C  N S 231 
MET C    C  N N 232 
MET O    O  N N 233 
MET CB   C  N N 234 
MET CG   C  N N 235 
MET SD   S  N N 236 
MET CE   C  N N 237 
MET OXT  O  N N 238 
MET H    H  N N 239 
MET H2   H  N N 240 
MET HA   H  N N 241 
MET HB2  H  N N 242 
MET HB3  H  N N 243 
MET HG2  H  N N 244 
MET HG3  H  N N 245 
MET HE1  H  N N 246 
MET HE2  H  N N 247 
MET HE3  H  N N 248 
MET HXT  H  N N 249 
OS4 OS   OS N N 250 
PHE N    N  N N 251 
PHE CA   C  N S 252 
PHE C    C  N N 253 
PHE O    O  N N 254 
PHE CB   C  N N 255 
PHE CG   C  Y N 256 
PHE CD1  C  Y N 257 
PHE CD2  C  Y N 258 
PHE CE1  C  Y N 259 
PHE CE2  C  Y N 260 
PHE CZ   C  Y N 261 
PHE OXT  O  N N 262 
PHE H    H  N N 263 
PHE H2   H  N N 264 
PHE HA   H  N N 265 
PHE HB2  H  N N 266 
PHE HB3  H  N N 267 
PHE HD1  H  N N 268 
PHE HD2  H  N N 269 
PHE HE1  H  N N 270 
PHE HE2  H  N N 271 
PHE HZ   H  N N 272 
PHE HXT  H  N N 273 
PRO N    N  N N 274 
PRO CA   C  N S 275 
PRO C    C  N N 276 
PRO O    O  N N 277 
PRO CB   C  N N 278 
PRO CG   C  N N 279 
PRO CD   C  N N 280 
PRO OXT  O  N N 281 
PRO H    H  N N 282 
PRO HA   H  N N 283 
PRO HB2  H  N N 284 
PRO HB3  H  N N 285 
PRO HG2  H  N N 286 
PRO HG3  H  N N 287 
PRO HD2  H  N N 288 
PRO HD3  H  N N 289 
PRO HXT  H  N N 290 
SER N    N  N N 291 
SER CA   C  N S 292 
SER C    C  N N 293 
SER O    O  N N 294 
SER CB   C  N N 295 
SER OG   O  N N 296 
SER OXT  O  N N 297 
SER H    H  N N 298 
SER H2   H  N N 299 
SER HA   H  N N 300 
SER HB2  H  N N 301 
SER HB3  H  N N 302 
SER HG   H  N N 303 
SER HXT  H  N N 304 
THR N    N  N N 305 
THR CA   C  N S 306 
THR C    C  N N 307 
THR O    O  N N 308 
THR CB   C  N R 309 
THR OG1  O  N N 310 
THR CG2  C  N N 311 
THR OXT  O  N N 312 
THR H    H  N N 313 
THR H2   H  N N 314 
THR HA   H  N N 315 
THR HB   H  N N 316 
THR HG1  H  N N 317 
THR HG21 H  N N 318 
THR HG22 H  N N 319 
THR HG23 H  N N 320 
THR HXT  H  N N 321 
TRP N    N  N N 322 
TRP CA   C  N S 323 
TRP C    C  N N 324 
TRP O    O  N N 325 
TRP CB   C  N N 326 
TRP CG   C  Y N 327 
TRP CD1  C  Y N 328 
TRP CD2  C  Y N 329 
TRP NE1  N  Y N 330 
TRP CE2  C  Y N 331 
TRP CE3  C  Y N 332 
TRP CZ2  C  Y N 333 
TRP CZ3  C  Y N 334 
TRP CH2  C  Y N 335 
TRP OXT  O  N N 336 
TRP H    H  N N 337 
TRP H2   H  N N 338 
TRP HA   H  N N 339 
TRP HB2  H  N N 340 
TRP HB3  H  N N 341 
TRP HD1  H  N N 342 
TRP HE1  H  N N 343 
TRP HE3  H  N N 344 
TRP HZ2  H  N N 345 
TRP HZ3  H  N N 346 
TRP HH2  H  N N 347 
TRP HXT  H  N N 348 
TYR N    N  N N 349 
TYR CA   C  N S 350 
TYR C    C  N N 351 
TYR O    O  N N 352 
TYR CB   C  N N 353 
TYR CG   C  Y N 354 
TYR CD1  C  Y N 355 
TYR CD2  C  Y N 356 
TYR CE1  C  Y N 357 
TYR CE2  C  Y N 358 
TYR CZ   C  Y N 359 
TYR OH   O  N N 360 
TYR OXT  O  N N 361 
TYR H    H  N N 362 
TYR H2   H  N N 363 
TYR HA   H  N N 364 
TYR HB2  H  N N 365 
TYR HB3  H  N N 366 
TYR HD1  H  N N 367 
TYR HD2  H  N N 368 
TYR HE1  H  N N 369 
TYR HE2  H  N N 370 
TYR HH   H  N N 371 
TYR HXT  H  N N 372 
VAL N    N  N N 373 
VAL CA   C  N S 374 
VAL C    C  N N 375 
VAL O    O  N N 376 
VAL CB   C  N N 377 
VAL CG1  C  N N 378 
VAL CG2  C  N N 379 
VAL OXT  O  N N 380 
VAL H    H  N N 381 
VAL H2   H  N N 382 
VAL HA   H  N N 383 
VAL HB   H  N N 384 
VAL HG11 H  N N 385 
VAL HG12 H  N N 386 
VAL HG13 H  N N 387 
VAL HG21 H  N N 388 
VAL HG22 H  N N 389 
VAL HG23 H  N N 390 
VAL HXT  H  N N 391 
# 
loop_
_chem_comp_bond.comp_id 
_chem_comp_bond.atom_id_1 
_chem_comp_bond.atom_id_2 
_chem_comp_bond.value_order 
_chem_comp_bond.pdbx_aromatic_flag 
_chem_comp_bond.pdbx_stereo_config 
_chem_comp_bond.pdbx_ordinal 
ALA N   CA   sing N N 1   
ALA N   H    sing N N 2   
ALA N   H2   sing N N 3   
ALA CA  C    sing N N 4   
ALA CA  CB   sing N N 5   
ALA CA  HA   sing N N 6   
ALA C   O    doub N N 7   
ALA C   OXT  sing N N 8   
ALA CB  HB1  sing N N 9   
ALA CB  HB2  sing N N 10  
ALA CB  HB3  sing N N 11  
ALA OXT HXT  sing N N 12  
ARG N   CA   sing N N 13  
ARG N   H    sing N N 14  
ARG N   H2   sing N N 15  
ARG CA  C    sing N N 16  
ARG CA  CB   sing N N 17  
ARG CA  HA   sing N N 18  
ARG C   O    doub N N 19  
ARG C   OXT  sing N N 20  
ARG CB  CG   sing N N 21  
ARG CB  HB2  sing N N 22  
ARG CB  HB3  sing N N 23  
ARG CG  CD   sing N N 24  
ARG CG  HG2  sing N N 25  
ARG CG  HG3  sing N N 26  
ARG CD  NE   sing N N 27  
ARG CD  HD2  sing N N 28  
ARG CD  HD3  sing N N 29  
ARG NE  CZ   sing N N 30  
ARG NE  HE   sing N N 31  
ARG CZ  NH1  sing N N 32  
ARG CZ  NH2  doub N N 33  
ARG NH1 HH11 sing N N 34  
ARG NH1 HH12 sing N N 35  
ARG NH2 HH21 sing N N 36  
ARG NH2 HH22 sing N N 37  
ARG OXT HXT  sing N N 38  
ASN N   CA   sing N N 39  
ASN N   H    sing N N 40  
ASN N   H2   sing N N 41  
ASN CA  C    sing N N 42  
ASN CA  CB   sing N N 43  
ASN CA  HA   sing N N 44  
ASN C   O    doub N N 45  
ASN C   OXT  sing N N 46  
ASN CB  CG   sing N N 47  
ASN CB  HB2  sing N N 48  
ASN CB  HB3  sing N N 49  
ASN CG  OD1  doub N N 50  
ASN CG  ND2  sing N N 51  
ASN ND2 HD21 sing N N 52  
ASN ND2 HD22 sing N N 53  
ASN OXT HXT  sing N N 54  
ASP N   CA   sing N N 55  
ASP N   H    sing N N 56  
ASP N   H2   sing N N 57  
ASP CA  C    sing N N 58  
ASP CA  CB   sing N N 59  
ASP CA  HA   sing N N 60  
ASP C   O    doub N N 61  
ASP C   OXT  sing N N 62  
ASP CB  CG   sing N N 63  
ASP CB  HB2  sing N N 64  
ASP CB  HB3  sing N N 65  
ASP CG  OD1  doub N N 66  
ASP CG  OD2  sing N N 67  
ASP OD2 HD2  sing N N 68  
ASP OXT HXT  sing N N 69  
CYS N   CA   sing N N 70  
CYS N   H    sing N N 71  
CYS N   H2   sing N N 72  
CYS CA  C    sing N N 73  
CYS CA  CB   sing N N 74  
CYS CA  HA   sing N N 75  
CYS C   O    doub N N 76  
CYS C   OXT  sing N N 77  
CYS CB  SG   sing N N 78  
CYS CB  HB2  sing N N 79  
CYS CB  HB3  sing N N 80  
CYS SG  HG   sing N N 81  
CYS OXT HXT  sing N N 82  
GLN N   CA   sing N N 83  
GLN N   H    sing N N 84  
GLN N   H2   sing N N 85  
GLN CA  C    sing N N 86  
GLN CA  CB   sing N N 87  
GLN CA  HA   sing N N 88  
GLN C   O    doub N N 89  
GLN C   OXT  sing N N 90  
GLN CB  CG   sing N N 91  
GLN CB  HB2  sing N N 92  
GLN CB  HB3  sing N N 93  
GLN CG  CD   sing N N 94  
GLN CG  HG2  sing N N 95  
GLN CG  HG3  sing N N 96  
GLN CD  OE1  doub N N 97  
GLN CD  NE2  sing N N 98  
GLN NE2 HE21 sing N N 99  
GLN NE2 HE22 sing N N 100 
GLN OXT HXT  sing N N 101 
GLU N   CA   sing N N 102 
GLU N   H    sing N N 103 
GLU N   H2   sing N N 104 
GLU CA  C    sing N N 105 
GLU CA  CB   sing N N 106 
GLU CA  HA   sing N N 107 
GLU C   O    doub N N 108 
GLU C   OXT  sing N N 109 
GLU CB  CG   sing N N 110 
GLU CB  HB2  sing N N 111 
GLU CB  HB3  sing N N 112 
GLU CG  CD   sing N N 113 
GLU CG  HG2  sing N N 114 
GLU CG  HG3  sing N N 115 
GLU CD  OE1  doub N N 116 
GLU CD  OE2  sing N N 117 
GLU OE2 HE2  sing N N 118 
GLU OXT HXT  sing N N 119 
GLY N   CA   sing N N 120 
GLY N   H    sing N N 121 
GLY N   H2   sing N N 122 
GLY CA  C    sing N N 123 
GLY CA  HA2  sing N N 124 
GLY CA  HA3  sing N N 125 
GLY C   O    doub N N 126 
GLY C   OXT  sing N N 127 
GLY OXT HXT  sing N N 128 
HIS N   CA   sing N N 129 
HIS N   H    sing N N 130 
HIS N   H2   sing N N 131 
HIS CA  C    sing N N 132 
HIS CA  CB   sing N N 133 
HIS CA  HA   sing N N 134 
HIS C   O    doub N N 135 
HIS C   OXT  sing N N 136 
HIS CB  CG   sing N N 137 
HIS CB  HB2  sing N N 138 
HIS CB  HB3  sing N N 139 
HIS CG  ND1  sing Y N 140 
HIS CG  CD2  doub Y N 141 
HIS ND1 CE1  doub Y N 142 
HIS ND1 HD1  sing N N 143 
HIS CD2 NE2  sing Y N 144 
HIS CD2 HD2  sing N N 145 
HIS CE1 NE2  sing Y N 146 
HIS CE1 HE1  sing N N 147 
HIS NE2 HE2  sing N N 148 
HIS OXT HXT  sing N N 149 
HOH O   H1   sing N N 150 
HOH O   H2   sing N N 151 
ILE N   CA   sing N N 152 
ILE N   H    sing N N 153 
ILE N   H2   sing N N 154 
ILE CA  C    sing N N 155 
ILE CA  CB   sing N N 156 
ILE CA  HA   sing N N 157 
ILE C   O    doub N N 158 
ILE C   OXT  sing N N 159 
ILE CB  CG1  sing N N 160 
ILE CB  CG2  sing N N 161 
ILE CB  HB   sing N N 162 
ILE CG1 CD1  sing N N 163 
ILE CG1 HG12 sing N N 164 
ILE CG1 HG13 sing N N 165 
ILE CG2 HG21 sing N N 166 
ILE CG2 HG22 sing N N 167 
ILE CG2 HG23 sing N N 168 
ILE CD1 HD11 sing N N 169 
ILE CD1 HD12 sing N N 170 
ILE CD1 HD13 sing N N 171 
ILE OXT HXT  sing N N 172 
LEU N   CA   sing N N 173 
LEU N   H    sing N N 174 
LEU N   H2   sing N N 175 
LEU CA  C    sing N N 176 
LEU CA  CB   sing N N 177 
LEU CA  HA   sing N N 178 
LEU C   O    doub N N 179 
LEU C   OXT  sing N N 180 
LEU CB  CG   sing N N 181 
LEU CB  HB2  sing N N 182 
LEU CB  HB3  sing N N 183 
LEU CG  CD1  sing N N 184 
LEU CG  CD2  sing N N 185 
LEU CG  HG   sing N N 186 
LEU CD1 HD11 sing N N 187 
LEU CD1 HD12 sing N N 188 
LEU CD1 HD13 sing N N 189 
LEU CD2 HD21 sing N N 190 
LEU CD2 HD22 sing N N 191 
LEU CD2 HD23 sing N N 192 
LEU OXT HXT  sing N N 193 
LYS N   CA   sing N N 194 
LYS N   H    sing N N 195 
LYS N   H2   sing N N 196 
LYS CA  C    sing N N 197 
LYS CA  CB   sing N N 198 
LYS CA  HA   sing N N 199 
LYS C   O    doub N N 200 
LYS C   OXT  sing N N 201 
LYS CB  CG   sing N N 202 
LYS CB  HB2  sing N N 203 
LYS CB  HB3  sing N N 204 
LYS CG  CD   sing N N 205 
LYS CG  HG2  sing N N 206 
LYS CG  HG3  sing N N 207 
LYS CD  CE   sing N N 208 
LYS CD  HD2  sing N N 209 
LYS CD  HD3  sing N N 210 
LYS CE  NZ   sing N N 211 
LYS CE  HE2  sing N N 212 
LYS CE  HE3  sing N N 213 
LYS NZ  HZ1  sing N N 214 
LYS NZ  HZ2  sing N N 215 
LYS NZ  HZ3  sing N N 216 
LYS OXT HXT  sing N N 217 
MET N   CA   sing N N 218 
MET N   H    sing N N 219 
MET N   H2   sing N N 220 
MET CA  C    sing N N 221 
MET CA  CB   sing N N 222 
MET CA  HA   sing N N 223 
MET C   O    doub N N 224 
MET C   OXT  sing N N 225 
MET CB  CG   sing N N 226 
MET CB  HB2  sing N N 227 
MET CB  HB3  sing N N 228 
MET CG  SD   sing N N 229 
MET CG  HG2  sing N N 230 
MET CG  HG3  sing N N 231 
MET SD  CE   sing N N 232 
MET CE  HE1  sing N N 233 
MET CE  HE2  sing N N 234 
MET CE  HE3  sing N N 235 
MET OXT HXT  sing N N 236 
PHE N   CA   sing N N 237 
PHE N   H    sing N N 238 
PHE N   H2   sing N N 239 
PHE CA  C    sing N N 240 
PHE CA  CB   sing N N 241 
PHE CA  HA   sing N N 242 
PHE C   O    doub N N 243 
PHE C   OXT  sing N N 244 
PHE CB  CG   sing N N 245 
PHE CB  HB2  sing N N 246 
PHE CB  HB3  sing N N 247 
PHE CG  CD1  doub Y N 248 
PHE CG  CD2  sing Y N 249 
PHE CD1 CE1  sing Y N 250 
PHE CD1 HD1  sing N N 251 
PHE CD2 CE2  doub Y N 252 
PHE CD2 HD2  sing N N 253 
PHE CE1 CZ   doub Y N 254 
PHE CE1 HE1  sing N N 255 
PHE CE2 CZ   sing Y N 256 
PHE CE2 HE2  sing N N 257 
PHE CZ  HZ   sing N N 258 
PHE OXT HXT  sing N N 259 
PRO N   CA   sing N N 260 
PRO N   CD   sing N N 261 
PRO N   H    sing N N 262 
PRO CA  C    sing N N 263 
PRO CA  CB   sing N N 264 
PRO CA  HA   sing N N 265 
PRO C   O    doub N N 266 
PRO C   OXT  sing N N 267 
PRO CB  CG   sing N N 268 
PRO CB  HB2  sing N N 269 
PRO CB  HB3  sing N N 270 
PRO CG  CD   sing N N 271 
PRO CG  HG2  sing N N 272 
PRO CG  HG3  sing N N 273 
PRO CD  HD2  sing N N 274 
PRO CD  HD3  sing N N 275 
PRO OXT HXT  sing N N 276 
SER N   CA   sing N N 277 
SER N   H    sing N N 278 
SER N   H2   sing N N 279 
SER CA  C    sing N N 280 
SER CA  CB   sing N N 281 
SER CA  HA   sing N N 282 
SER C   O    doub N N 283 
SER C   OXT  sing N N 284 
SER CB  OG   sing N N 285 
SER CB  HB2  sing N N 286 
SER CB  HB3  sing N N 287 
SER OG  HG   sing N N 288 
SER OXT HXT  sing N N 289 
THR N   CA   sing N N 290 
THR N   H    sing N N 291 
THR N   H2   sing N N 292 
THR CA  C    sing N N 293 
THR CA  CB   sing N N 294 
THR CA  HA   sing N N 295 
THR C   O    doub N N 296 
THR C   OXT  sing N N 297 
THR CB  OG1  sing N N 298 
THR CB  CG2  sing N N 299 
THR CB  HB   sing N N 300 
THR OG1 HG1  sing N N 301 
THR CG2 HG21 sing N N 302 
THR CG2 HG22 sing N N 303 
THR CG2 HG23 sing N N 304 
THR OXT HXT  sing N N 305 
TRP N   CA   sing N N 306 
TRP N   H    sing N N 307 
TRP N   H2   sing N N 308 
TRP CA  C    sing N N 309 
TRP CA  CB   sing N N 310 
TRP CA  HA   sing N N 311 
TRP C   O    doub N N 312 
TRP C   OXT  sing N N 313 
TRP CB  CG   sing N N 314 
TRP CB  HB2  sing N N 315 
TRP CB  HB3  sing N N 316 
TRP CG  CD1  doub Y N 317 
TRP CG  CD2  sing Y N 318 
TRP CD1 NE1  sing Y N 319 
TRP CD1 HD1  sing N N 320 
TRP CD2 CE2  doub Y N 321 
TRP CD2 CE3  sing Y N 322 
TRP NE1 CE2  sing Y N 323 
TRP NE1 HE1  sing N N 324 
TRP CE2 CZ2  sing Y N 325 
TRP CE3 CZ3  doub Y N 326 
TRP CE3 HE3  sing N N 327 
TRP CZ2 CH2  doub Y N 328 
TRP CZ2 HZ2  sing N N 329 
TRP CZ3 CH2  sing Y N 330 
TRP CZ3 HZ3  sing N N 331 
TRP CH2 HH2  sing N N 332 
TRP OXT HXT  sing N N 333 
TYR N   CA   sing N N 334 
TYR N   H    sing N N 335 
TYR N   H2   sing N N 336 
TYR CA  C    sing N N 337 
TYR CA  CB   sing N N 338 
TYR CA  HA   sing N N 339 
TYR C   O    doub N N 340 
TYR C   OXT  sing N N 341 
TYR CB  CG   sing N N 342 
TYR CB  HB2  sing N N 343 
TYR CB  HB3  sing N N 344 
TYR CG  CD1  doub Y N 345 
TYR CG  CD2  sing Y N 346 
TYR CD1 CE1  sing Y N 347 
TYR CD1 HD1  sing N N 348 
TYR CD2 CE2  doub Y N 349 
TYR CD2 HD2  sing N N 350 
TYR CE1 CZ   doub Y N 351 
TYR CE1 HE1  sing N N 352 
TYR CE2 CZ   sing Y N 353 
TYR CE2 HE2  sing N N 354 
TYR CZ  OH   sing N N 355 
TYR OH  HH   sing N N 356 
TYR OXT HXT  sing N N 357 
VAL N   CA   sing N N 358 
VAL N   H    sing N N 359 
VAL N   H2   sing N N 360 
VAL CA  C    sing N N 361 
VAL CA  CB   sing N N 362 
VAL CA  HA   sing N N 363 
VAL C   O    doub N N 364 
VAL C   OXT  sing N N 365 
VAL CB  CG1  sing N N 366 
VAL CB  CG2  sing N N 367 
VAL CB  HB   sing N N 368 
VAL CG1 HG11 sing N N 369 
VAL CG1 HG12 sing N N 370 
VAL CG1 HG13 sing N N 371 
VAL CG2 HG21 sing N N 372 
VAL CG2 HG22 sing N N 373 
VAL CG2 HG23 sing N N 374 
VAL OXT HXT  sing N N 375 
# 
_atom_sites.entry_id                    1Z2M 
_atom_sites.fract_transf_matrix[1][1]   0.00394538 
_atom_sites.fract_transf_matrix[1][2]   -0.01373041 
_atom_sites.fract_transf_matrix[1][3]   0.01082495 
_atom_sites.fract_transf_matrix[2][1]   0.01640962 
_atom_sites.fract_transf_matrix[2][2]   0.00603039 
_atom_sites.fract_transf_matrix[2][3]   0.00166813 
_atom_sites.fract_transf_matrix[3][1]   -0.00270083 
_atom_sites.fract_transf_matrix[3][2]   0.00523891 
_atom_sites.fract_transf_matrix[3][3]   0.00762943 
_atom_sites.fract_transf_vector[1]      0.200492 
_atom_sites.fract_transf_vector[2]      0.479201 
_atom_sites.fract_transf_vector[3]      0.139963 
# 
loop_
_atom_type.symbol 
C  
N  
O  
OS 
S  
# 
loop_
_atom_site.group_PDB 
_atom_site.id 
_atom_site.type_symbol 
_atom_site.label_atom_id 
_atom_site.label_alt_id 
_atom_site.label_comp_id 
_atom_site.label_asym_id 
_atom_site.label_entity_id 
_atom_site.label_seq_id 
_atom_site.pdbx_PDB_ins_code 
_atom_site.Cartn_x 
_atom_site.Cartn_y 
_atom_site.Cartn_z 
_atom_site.occupancy 
_atom_site.B_iso_or_equiv 
_atom_site.pdbx_formal_charge 
_atom_site.auth_seq_id 
_atom_site.auth_comp_id 
_atom_site.auth_asym_id 
_atom_site.auth_atom_id 
_atom_site.pdbx_PDB_model_num 
ATOM   1    N  N   . TRP A 1 3   ? -11.217 -13.763 -13.467 1.00 58.88 ? 3   TRP A N   1 
ATOM   2    C  CA  . TRP A 1 3   ? -12.660 -13.862 -13.825 1.00 60.43 ? 3   TRP A CA  1 
ATOM   3    C  C   . TRP A 1 3   ? -13.284 -12.485 -13.946 1.00 58.07 ? 3   TRP A C   1 
ATOM   4    O  O   . TRP A 1 3   ? -12.579 -11.479 -13.912 1.00 58.38 ? 3   TRP A O   1 
ATOM   5    C  CB  . TRP A 1 3   ? -13.412 -14.658 -12.758 1.00 65.40 ? 3   TRP A CB  1 
ATOM   6    C  CG  . TRP A 1 3   ? -13.072 -16.112 -12.758 1.00 71.34 ? 3   TRP A CG  1 
ATOM   7    C  CD1 . TRP A 1 3   ? -13.146 -16.971 -13.822 1.00 73.05 ? 3   TRP A CD1 1 
ATOM   8    C  CD2 . TRP A 1 3   ? -12.596 -16.889 -11.646 1.00 73.64 ? 3   TRP A CD2 1 
ATOM   9    N  NE1 . TRP A 1 3   ? -12.743 -18.233 -13.441 1.00 75.46 ? 3   TRP A NE1 1 
ATOM   10   C  CE2 . TRP A 1 3   ? -12.401 -18.211 -12.113 1.00 75.13 ? 3   TRP A CE2 1 
ATOM   11   C  CE3 . TRP A 1 3   ? -12.316 -16.596 -10.302 1.00 74.00 ? 3   TRP A CE3 1 
ATOM   12   C  CZ2 . TRP A 1 3   ? -11.937 -19.241 -11.282 1.00 75.45 ? 3   TRP A CZ2 1 
ATOM   13   C  CZ3 . TRP A 1 3   ? -11.854 -17.622 -9.475  1.00 74.64 ? 3   TRP A CZ3 1 
ATOM   14   C  CH2 . TRP A 1 3   ? -11.669 -18.928 -9.971  1.00 75.20 ? 3   TRP A CH2 1 
ATOM   15   N  N   . ASP A 1 4   ? -14.608 -12.447 -14.096 1.00 54.89 ? 4   ASP A N   1 
ATOM   16   C  CA  . ASP A 1 4   ? -15.342 -11.185 -14.190 1.00 51.14 ? 4   ASP A CA  1 
ATOM   17   C  C   . ASP A 1 4   ? -15.995 -10.908 -12.836 1.00 47.85 ? 4   ASP A C   1 
ATOM   18   O  O   . ASP A 1 4   ? -16.904 -11.624 -12.411 1.00 47.59 ? 4   ASP A O   1 
ATOM   19   C  CB  . ASP A 1 4   ? -16.417 -11.258 -15.271 1.00 52.12 ? 4   ASP A CB  1 
ATOM   20   C  CG  . ASP A 1 4   ? -16.257 -10.178 -16.316 1.00 53.87 ? 4   ASP A CG  1 
ATOM   21   O  OD1 . ASP A 1 4   ? -17.239 -9.896  -17.035 1.00 55.92 ? 4   ASP A OD1 1 
ATOM   22   O  OD2 . ASP A 1 4   ? -15.146 -9.617  -16.426 1.00 52.84 ? 4   ASP A OD2 1 
ATOM   23   N  N   . LEU A 1 5   ? -15.533 -9.857  -12.166 1.00 44.65 ? 5   LEU A N   1 
ATOM   24   C  CA  . LEU A 1 5   ? -16.046 -9.516  -10.848 1.00 40.71 ? 5   LEU A CA  1 
ATOM   25   C  C   . LEU A 1 5   ? -16.649 -8.121  -10.787 1.00 36.93 ? 5   LEU A C   1 
ATOM   26   O  O   . LEU A 1 5   ? -16.098 -7.168  -11.336 1.00 35.52 ? 5   LEU A O   1 
ATOM   27   C  CB  . LEU A 1 5   ? -14.911 -9.631  -9.831  1.00 41.53 ? 5   LEU A CB  1 
ATOM   28   C  CG  . LEU A 1 5   ? -15.264 -9.873  -8.366  1.00 42.17 ? 5   LEU A CG  1 
ATOM   29   C  CD1 . LEU A 1 5   ? -15.937 -11.228 -8.209  1.00 41.37 ? 5   LEU A CD1 1 
ATOM   30   C  CD2 . LEU A 1 5   ? -13.992 -9.821  -7.542  1.00 42.35 ? 5   LEU A CD2 1 
ATOM   31   N  N   . THR A 1 6   ? -17.784 -8.005  -10.109 1.00 34.12 ? 6   THR A N   1 
ATOM   32   C  CA  . THR A 1 6   ? -18.462 -6.722  -9.966  1.00 29.75 ? 6   THR A CA  1 
ATOM   33   C  C   . THR A 1 6   ? -18.048 -6.033  -8.669  1.00 27.66 ? 6   THR A C   1 
ATOM   34   O  O   . THR A 1 6   ? -18.079 -6.634  -7.592  1.00 26.18 ? 6   THR A O   1 
ATOM   35   C  CB  . THR A 1 6   ? -19.986 -6.900  -9.960  1.00 28.15 ? 6   THR A CB  1 
ATOM   36   O  OG1 . THR A 1 6   ? -20.396 -7.493  -11.195 1.00 28.57 ? 6   THR A OG1 1 
ATOM   37   C  CG2 . THR A 1 6   ? -20.676 -5.560  -9.790  1.00 24.74 ? 6   THR A CG2 1 
ATOM   38   N  N   . VAL A 1 7   ? -17.647 -4.771  -8.784  1.00 25.52 ? 7   VAL A N   1 
ATOM   39   C  CA  . VAL A 1 7   ? -17.243 -4.001  -7.621  1.00 25.38 ? 7   VAL A CA  1 
ATOM   40   C  C   . VAL A 1 7   ? -18.292 -2.946  -7.350  1.00 26.44 ? 7   VAL A C   1 
ATOM   41   O  O   . VAL A 1 7   ? -18.440 -2.000  -8.116  1.00 26.73 ? 7   VAL A O   1 
ATOM   42   C  CB  . VAL A 1 7   ? -15.900 -3.285  -7.839  1.00 24.92 ? 7   VAL A CB  1 
ATOM   43   C  CG1 . VAL A 1 7   ? -15.525 -2.487  -6.586  1.00 20.60 ? 7   VAL A CG1 1 
ATOM   44   C  CG2 . VAL A 1 7   ? -14.812 -4.301  -8.183  1.00 23.53 ? 7   VAL A CG2 1 
ATOM   45   N  N   . LYS A 1 8   ? -19.030 -3.114  -6.264  1.00 26.94 ? 8   LYS A N   1 
ATOM   46   C  CA  . LYS A 1 8   ? -20.053 -2.148  -5.911  1.00 28.33 ? 8   LYS A CA  1 
ATOM   47   C  C   . LYS A 1 8   ? -19.575 -1.189  -4.821  1.00 28.87 ? 8   LYS A C   1 
ATOM   48   O  O   . LYS A 1 8   ? -19.072 -1.604  -3.781  1.00 27.33 ? 8   LYS A O   1 
ATOM   49   C  CB  . LYS A 1 8   ? -21.314 -2.869  -5.458  1.00 29.00 ? 8   LYS A CB  1 
ATOM   50   C  CG  . LYS A 1 8   ? -22.374 -1.960  -4.915  1.00 30.48 ? 8   LYS A CG  1 
ATOM   51   C  CD  . LYS A 1 8   ? -23.444 -2.794  -4.252  1.00 35.34 ? 8   LYS A CD  1 
ATOM   52   C  CE  . LYS A 1 8   ? -24.470 -3.297  -5.248  1.00 37.45 ? 8   LYS A CE  1 
ATOM   53   N  NZ  . LYS A 1 8   ? -25.319 -2.150  -5.702  1.00 42.20 ? 8   LYS A NZ  1 
ATOM   54   N  N   . MET A 1 9   ? -19.726 0.103   -5.083  1.00 30.09 ? 9   MET A N   1 
ATOM   55   C  CA  . MET A 1 9   ? -19.324 1.127   -4.137  1.00 31.07 ? 9   MET A CA  1 
ATOM   56   C  C   . MET A 1 9   ? -20.549 1.627   -3.430  1.00 32.18 ? 9   MET A C   1 
ATOM   57   O  O   . MET A 1 9   ? -21.617 1.685   -4.017  1.00 34.97 ? 9   MET A O   1 
ATOM   58   C  CB  . MET A 1 9   ? -18.680 2.304   -4.853  1.00 30.52 ? 9   MET A CB  1 
ATOM   59   C  CG  . MET A 1 9   ? -17.379 1.982   -5.526  1.00 30.94 ? 9   MET A CG  1 
ATOM   60   S  SD  . MET A 1 9   ? -16.623 3.497   -6.105  1.00 31.47 ? 9   MET A SD  1 
ATOM   61   C  CE  . MET A 1 9   ? -16.369 4.323   -4.552  1.00 28.40 ? 9   MET A CE  1 
ATOM   62   N  N   . LEU A 1 10  ? -20.398 1.981   -2.163  1.00 34.46 ? 10  LEU A N   1 
ATOM   63   C  CA  . LEU A 1 10  ? -21.513 2.518   -1.399  1.00 36.06 ? 10  LEU A CA  1 
ATOM   64   C  C   . LEU A 1 10  ? -21.646 3.985   -1.784  1.00 37.35 ? 10  LEU A C   1 
ATOM   65   O  O   . LEU A 1 10  ? -22.735 4.558   -1.709  1.00 39.59 ? 10  LEU A O   1 
ATOM   66   C  CB  . LEU A 1 10  ? -21.249 2.418   0.106   1.00 36.59 ? 10  LEU A CB  1 
ATOM   67   C  CG  . LEU A 1 10  ? -21.413 1.053   0.769   1.00 36.20 ? 10  LEU A CG  1 
ATOM   68   C  CD1 . LEU A 1 10  ? -20.405 0.070   0.195   1.00 36.62 ? 10  LEU A CD1 1 
ATOM   69   C  CD2 . LEU A 1 10  ? -21.225 1.203   2.268   1.00 35.68 ? 10  LEU A CD2 1 
ATOM   70   N  N   . ALA A 1 11  ? -20.525 4.577   -2.203  1.00 37.05 ? 11  ALA A N   1 
ATOM   71   C  CA  . ALA A 1 11  ? -20.470 5.982   -2.597  1.00 36.64 ? 11  ALA A CA  1 
ATOM   72   C  C   . ALA A 1 11  ? -20.563 6.189   -4.107  1.00 37.33 ? 11  ALA A C   1 
ATOM   73   O  O   . ALA A 1 11  ? -21.033 7.230   -4.571  1.00 40.02 ? 11  ALA A O   1 
ATOM   74   C  CB  . ALA A 1 11  ? -19.184 6.616   -2.068  1.00 36.24 ? 11  ALA A CB  1 
ATOM   75   N  N   . GLY A 1 12  ? -20.100 5.208   -4.874  1.00 36.77 ? 12  GLY A N   1 
ATOM   76   C  CA  . GLY A 1 12  ? -20.151 5.318   -6.321  1.00 32.54 ? 12  GLY A CA  1 
ATOM   77   C  C   . GLY A 1 12  ? -21.293 4.486   -6.859  1.00 30.96 ? 12  GLY A C   1 
ATOM   78   O  O   . GLY A 1 12  ? -22.373 4.457   -6.272  1.00 28.79 ? 12  GLY A O   1 
ATOM   79   N  N   . ASN A 1 13  ? -21.058 3.817   -7.981  1.00 31.30 ? 13  ASN A N   1 
ATOM   80   C  CA  . ASN A 1 13  ? -22.067 2.958   -8.596  1.00 31.96 ? 13  ASN A CA  1 
ATOM   81   C  C   . ASN A 1 13  ? -21.501 1.543   -8.557  1.00 31.07 ? 13  ASN A C   1 
ATOM   82   O  O   . ASN A 1 13  ? -21.594 0.859   -7.540  1.00 29.95 ? 13  ASN A O   1 
ATOM   83   C  CB  . ASN A 1 13  ? -22.326 3.406   -10.043 1.00 35.85 ? 13  ASN A CB  1 
ATOM   84   C  CG  . ASN A 1 13  ? -23.186 2.423   -10.821 1.00 37.83 ? 13  ASN A CG  1 
ATOM   85   O  OD1 . ASN A 1 13  ? -24.238 1.998   -10.351 1.00 40.72 ? 13  ASN A OD1 1 
ATOM   86   N  ND2 . ASN A 1 13  ? -22.739 2.065   -12.024 1.00 38.00 ? 13  ASN A ND2 1 
ATOM   87   N  N   . GLU A 1 14  ? -20.898 1.115   -9.657  1.00 30.88 ? 14  GLU A N   1 
ATOM   88   C  CA  . GLU A 1 14  ? -20.296 -0.201  -9.717  1.00 32.40 ? 14  GLU A CA  1 
ATOM   89   C  C   . GLU A 1 14  ? -19.618 -0.389  -11.059 1.00 32.75 ? 14  GLU A C   1 
ATOM   90   O  O   . GLU A 1 14  ? -19.986 0.246   -12.044 1.00 34.60 ? 14  GLU A O   1 
ATOM   91   C  CB  . GLU A 1 14  ? -21.355 -1.284  -9.497  1.00 32.39 ? 14  GLU A CB  1 
ATOM   92   C  CG  . GLU A 1 14  ? -22.296 -1.507  -10.653 1.00 34.02 ? 14  GLU A CG  1 
ATOM   93   C  CD  . GLU A 1 14  ? -23.413 -2.478  -10.303 1.00 35.94 ? 14  GLU A CD  1 
ATOM   94   O  OE1 . GLU A 1 14  ? -24.055 -3.003  -11.235 1.00 36.75 ? 14  GLU A OE1 1 
ATOM   95   O  OE2 . GLU A 1 14  ? -23.659 -2.711  -9.098  1.00 36.38 ? 14  GLU A OE2 1 
ATOM   96   N  N   . PHE A 1 15  ? -18.609 -1.247  -11.094 1.00 32.28 ? 15  PHE A N   1 
ATOM   97   C  CA  . PHE A 1 15  ? -17.895 -1.516  -12.331 1.00 32.57 ? 15  PHE A CA  1 
ATOM   98   C  C   . PHE A 1 15  ? -17.343 -2.921  -12.287 1.00 33.80 ? 15  PHE A C   1 
ATOM   99   O  O   . PHE A 1 15  ? -17.247 -3.525  -11.221 1.00 34.45 ? 15  PHE A O   1 
ATOM   100  C  CB  . PHE A 1 15  ? -16.763 -0.502  -12.540 1.00 31.16 ? 15  PHE A CB  1 
ATOM   101  C  CG  . PHE A 1 15  ? -15.803 -0.411  -11.388 1.00 30.16 ? 15  PHE A CG  1 
ATOM   102  C  CD1 . PHE A 1 15  ? -14.639 -1.170  -11.370 1.00 28.65 ? 15  PHE A CD1 1 
ATOM   103  C  CD2 . PHE A 1 15  ? -16.067 0.440   -10.319 1.00 28.77 ? 15  PHE A CD2 1 
ATOM   104  C  CE1 . PHE A 1 15  ? -13.746 -1.080  -10.304 1.00 28.90 ? 15  PHE A CE1 1 
ATOM   105  C  CE2 . PHE A 1 15  ? -15.176 0.538   -9.241  1.00 28.19 ? 15  PHE A CE2 1 
ATOM   106  C  CZ  . PHE A 1 15  ? -14.015 -0.221  -9.236  1.00 28.16 ? 15  PHE A CZ  1 
ATOM   107  N  N   . GLN A 1 16  ? -16.995 -3.447  -13.450 1.00 35.52 ? 16  GLN A N   1 
ATOM   108  C  CA  . GLN A 1 16  ? -16.467 -4.794  -13.518 1.00 38.13 ? 16  GLN A CA  1 
ATOM   109  C  C   . GLN A 1 16  ? -14.952 -4.804  -13.457 1.00 38.92 ? 16  GLN A C   1 
ATOM   110  O  O   . GLN A 1 16  ? -14.298 -3.770  -13.592 1.00 38.58 ? 16  GLN A O   1 
ATOM   111  C  CB  . GLN A 1 16  ? -16.950 -5.486  -14.798 1.00 40.08 ? 16  GLN A CB  1 
ATOM   112  C  CG  . GLN A 1 16  ? -18.247 -6.277  -14.642 1.00 41.45 ? 16  GLN A CG  1 
ATOM   113  C  CD  . GLN A 1 16  ? -19.386 -5.434  -14.111 1.00 43.03 ? 16  GLN A CD  1 
ATOM   114  O  OE1 . GLN A 1 16  ? -19.769 -4.438  -14.721 1.00 46.36 ? 16  GLN A OE1 1 
ATOM   115  N  NE2 . GLN A 1 16  ? -19.933 -5.829  -12.969 1.00 43.60 ? 16  GLN A NE2 1 
ATOM   116  N  N   . VAL A 1 17  ? -14.404 -5.992  -13.249 1.00 40.70 ? 17  VAL A N   1 
ATOM   117  C  CA  . VAL A 1 17  ? -12.971 -6.181  -13.170 1.00 43.25 ? 17  VAL A CA  1 
ATOM   118  C  C   . VAL A 1 17  ? -12.691 -7.605  -13.611 1.00 45.39 ? 17  VAL A C   1 
ATOM   119  O  O   . VAL A 1 17  ? -13.552 -8.468  -13.494 1.00 44.70 ? 17  VAL A O   1 
ATOM   120  C  CB  . VAL A 1 17  ? -12.472 -5.978  -11.726 1.00 43.52 ? 17  VAL A CB  1 
ATOM   121  C  CG1 . VAL A 1 17  ? -11.124 -6.643  -11.539 1.00 44.63 ? 17  VAL A CG1 1 
ATOM   122  C  CG2 . VAL A 1 17  ? -12.365 -4.494  -11.418 1.00 42.69 ? 17  VAL A CG2 1 
ATOM   123  N  N   . SER A 1 18  ? -11.490 -7.850  -14.122 1.00 48.74 ? 18  SER A N   1 
ATOM   124  C  CA  . SER A 1 18  ? -11.128 -9.187  -14.569 1.00 51.74 ? 18  SER A CA  1 
ATOM   125  C  C   . SER A 1 18  ? -9.837  -9.673  -13.918 1.00 54.84 ? 18  SER A C   1 
ATOM   126  O  O   . SER A 1 18  ? -8.838  -8.955  -13.891 1.00 55.55 ? 18  SER A O   1 
ATOM   127  C  CB  . SER A 1 18  ? -10.976 -9.213  -16.093 1.00 51.46 ? 18  SER A CB  1 
ATOM   128  O  OG  . SER A 1 18  ? -12.200 -8.912  -16.743 1.00 50.58 ? 18  SER A OG  1 
ATOM   129  N  N   . LEU A 1 19  ? -9.876  -10.892 -13.381 1.00 57.95 ? 19  LEU A N   1 
ATOM   130  C  CA  . LEU A 1 19  ? -8.709  -11.511 -12.746 1.00 61.48 ? 19  LEU A CA  1 
ATOM   131  C  C   . LEU A 1 19  ? -8.125  -12.540 -13.716 1.00 64.24 ? 19  LEU A C   1 
ATOM   132  O  O   . LEU A 1 19  ? -8.802  -13.499 -14.100 1.00 64.39 ? 19  LEU A O   1 
ATOM   133  C  CB  . LEU A 1 19  ? -9.116  -12.182 -11.432 1.00 60.13 ? 19  LEU A CB  1 
ATOM   134  C  CG  . LEU A 1 19  ? -9.041  -11.329 -10.163 1.00 58.61 ? 19  LEU A CG  1 
ATOM   135  C  CD1 . LEU A 1 19  ? -7.588  -11.090 -9.805  1.00 57.29 ? 19  LEU A CD1 1 
ATOM   136  C  CD2 . LEU A 1 19  ? -9.771  -10.016 -10.371 1.00 57.80 ? 19  LEU A CD2 1 
ATOM   137  N  N   . SER A 1 20  ? -6.856  -12.369 -14.085 1.00 67.32 ? 20  SER A N   1 
ATOM   138  C  CA  . SER A 1 20  ? -6.228  -13.243 -15.077 1.00 70.04 ? 20  SER A CA  1 
ATOM   139  C  C   . SER A 1 20  ? -5.203  -14.296 -14.630 1.00 70.67 ? 20  SER A C   1 
ATOM   140  O  O   . SER A 1 20  ? -4.811  -15.140 -15.464 1.00 71.90 ? 20  SER A O   1 
ATOM   141  C  CB  . SER A 1 20  ? -5.575  -12.373 -16.158 1.00 70.49 ? 20  SER A CB  1 
ATOM   142  O  OG  . SER A 1 20  ? -6.360  -11.219 -16.419 1.00 71.77 ? 20  SER A OG  1 
ATOM   143  N  N   . SER A 1 21  ? -4.768  -14.321 -13.365 1.00 71.46 ? 21  SER A N   1 
ATOM   144  C  CA  . SER A 1 21  ? -3.734  -15.284 -12.964 1.00 71.76 ? 21  SER A CA  1 
ATOM   145  C  C   . SER A 1 21  ? -3.953  -16.265 -11.769 1.00 71.22 ? 21  SER A C   1 
ATOM   146  O  O   . SER A 1 21  ? -4.417  -17.390 -11.967 1.00 71.21 ? 21  SER A O   1 
ATOM   147  C  CB  . SER A 1 21  ? -2.427  -14.548 -12.746 1.00 72.02 ? 21  SER A CB  1 
ATOM   148  O  OG  . SER A 1 21  ? -1.369  -15.322 -13.260 1.00 72.43 ? 21  SER A OG  1 
ATOM   149  N  N   . SER A 1 22  ? -3.512  -15.895 -10.558 1.00 69.36 ? 22  SER A N   1 
ATOM   150  C  CA  . SER A 1 22  ? -3.716  -16.740 -9.372  1.00 66.78 ? 22  SER A CA  1 
ATOM   151  C  C   . SER A 1 22  ? -5.015  -16.175 -8.836  1.00 64.48 ? 22  SER A C   1 
ATOM   152  O  O   . SER A 1 22  ? -5.796  -16.858 -8.174  1.00 64.94 ? 22  SER A O   1 
ATOM   153  C  CB  . SER A 1 22  ? -2.567  -16.581 -8.362  1.00 66.72 ? 22  SER A CB  1 
ATOM   154  O  OG  . SER A 1 22  ? -2.332  -15.219 -8.040  1.00 68.22 ? 22  SER A OG  1 
ATOM   155  N  N   . MET A 1 23  ? -5.236  -14.908 -9.172  1.00 60.54 ? 23  MET A N   1 
ATOM   156  C  CA  . MET A 1 23  ? -6.440  -14.192 -8.781  1.00 55.57 ? 23  MET A CA  1 
ATOM   157  C  C   . MET A 1 23  ? -6.509  -14.061 -7.265  1.00 51.15 ? 23  MET A C   1 
ATOM   158  O  O   . MET A 1 23  ? -7.269  -14.757 -6.591  1.00 50.72 ? 23  MET A O   1 
ATOM   159  C  CB  . MET A 1 23  ? -7.653  -14.934 -9.357  1.00 57.48 ? 23  MET A CB  1 
ATOM   160  C  CG  . MET A 1 23  ? -7.554  -15.064 -10.886 1.00 58.99 ? 23  MET A CG  1 
ATOM   161  S  SD  . MET A 1 23  ? -8.868  -15.974 -11.716 1.00 60.66 ? 23  MET A SD  1 
ATOM   162  C  CE  . MET A 1 23  ? -7.984  -17.490 -12.222 1.00 58.96 ? 23  MET A CE  1 
ATOM   163  N  N   . SER A 1 24  ? -5.689  -13.154 -6.742  1.00 46.09 ? 24  SER A N   1 
ATOM   164  C  CA  . SER A 1 24  ? -5.594  -12.910 -5.309  1.00 40.86 ? 24  SER A CA  1 
ATOM   165  C  C   . SER A 1 24  ? -6.129  -11.544 -4.921  1.00 37.62 ? 24  SER A C   1 
ATOM   166  O  O   . SER A 1 24  ? -6.432  -10.716 -5.773  1.00 37.54 ? 24  SER A O   1 
ATOM   167  C  CB  . SER A 1 24  ? -4.136  -13.008 -4.865  1.00 39.94 ? 24  SER A CB  1 
ATOM   168  O  OG  . SER A 1 24  ? -3.343  -12.046 -5.533  1.00 37.07 ? 24  SER A OG  1 
ATOM   169  N  N   . VAL A 1 25  ? -6.225  -11.311 -3.619  1.00 34.45 ? 25  VAL A N   1 
ATOM   170  C  CA  . VAL A 1 25  ? -6.716  -10.042 -3.124  1.00 31.79 ? 25  VAL A CA  1 
ATOM   171  C  C   . VAL A 1 25  ? -5.890  -8.891  -3.677  1.00 30.73 ? 25  VAL A C   1 
ATOM   172  O  O   . VAL A 1 25  ? -6.439  -7.847  -4.020  1.00 29.26 ? 25  VAL A O   1 
ATOM   173  C  CB  . VAL A 1 25  ? -6.702  -9.999  -1.589  1.00 31.14 ? 25  VAL A CB  1 
ATOM   174  C  CG1 . VAL A 1 25  ? -7.007  -8.598  -1.109  1.00 29.33 ? 25  VAL A CG1 1 
ATOM   175  C  CG2 . VAL A 1 25  ? -7.742  -10.974 -1.039  1.00 29.26 ? 25  VAL A CG2 1 
ATOM   176  N  N   . SER A 1 26  ? -4.577  -9.069  -3.778  1.00 30.62 ? 26  SER A N   1 
ATOM   177  C  CA  . SER A 1 26  ? -3.731  -8.004  -4.316  1.00 29.91 ? 26  SER A CA  1 
ATOM   178  C  C   . SER A 1 26  ? -4.092  -7.671  -5.759  1.00 29.84 ? 26  SER A C   1 
ATOM   179  O  O   . SER A 1 26  ? -4.224  -6.494  -6.124  1.00 29.40 ? 26  SER A O   1 
ATOM   180  C  CB  . SER A 1 26  ? -2.254  -8.382  -4.230  1.00 30.56 ? 26  SER A CB  1 
ATOM   181  O  OG  . SER A 1 26  ? -1.746  -8.079  -2.945  1.00 32.45 ? 26  SER A OG  1 
ATOM   182  N  N   . GLU A 1 27  ? -4.250  -8.707  -6.580  1.00 28.99 ? 27  GLU A N   1 
ATOM   183  C  CA  . GLU A 1 27  ? -4.610  -8.501  -7.977  1.00 29.06 ? 27  GLU A CA  1 
ATOM   184  C  C   . GLU A 1 27  ? -5.896  -7.699  -8.068  1.00 26.37 ? 27  GLU A C   1 
ATOM   185  O  O   . GLU A 1 27  ? -6.012  -6.805  -8.902  1.00 26.48 ? 27  GLU A O   1 
ATOM   186  C  CB  . GLU A 1 27  ? -4.794  -9.843  -8.690  1.00 33.31 ? 27  GLU A CB  1 
ATOM   187  C  CG  . GLU A 1 27  ? -3.523  -10.405 -9.292  1.00 40.69 ? 27  GLU A CG  1 
ATOM   188  C  CD  . GLU A 1 27  ? -3.745  -11.743 -9.981  1.00 46.10 ? 27  GLU A CD  1 
ATOM   189  O  OE1 . GLU A 1 27  ? -4.557  -11.801 -10.936 1.00 48.40 ? 27  GLU A OE1 1 
ATOM   190  O  OE2 . GLU A 1 27  ? -3.106  -12.736 -9.563  1.00 47.73 ? 27  GLU A OE2 1 
ATOM   191  N  N   . LEU A 1 28  ? -6.861  -8.025  -7.210  1.00 24.08 ? 28  LEU A N   1 
ATOM   192  C  CA  . LEU A 1 28  ? -8.145  -7.324  -7.190  1.00 22.98 ? 28  LEU A CA  1 
ATOM   193  C  C   . LEU A 1 28  ? -7.916  -5.831  -6.961  1.00 22.46 ? 28  LEU A C   1 
ATOM   194  O  O   . LEU A 1 28  ? -8.374  -4.987  -7.733  1.00 22.74 ? 28  LEU A O   1 
ATOM   195  C  CB  . LEU A 1 28  ? -9.036  -7.858  -6.062  1.00 21.82 ? 28  LEU A CB  1 
ATOM   196  C  CG  . LEU A 1 28  ? -10.527 -8.091  -6.324  1.00 20.41 ? 28  LEU A CG  1 
ATOM   197  C  CD1 . LEU A 1 28  ? -11.266 -8.034  -5.000  1.00 19.70 ? 28  LEU A CD1 1 
ATOM   198  C  CD2 . LEU A 1 28  ? -11.087 -7.067  -7.288  1.00 21.08 ? 28  LEU A CD2 1 
ATOM   199  N  N   . LYS A 1 29  ? -7.201  -5.509  -5.893  1.00 20.77 ? 29  LYS A N   1 
ATOM   200  C  CA  . LYS A 1 29  ? -6.936  -4.123  -5.578  1.00 21.28 ? 29  LYS A CA  1 
ATOM   201  C  C   . LYS A 1 29  ? -6.180  -3.424  -6.698  1.00 20.84 ? 29  LYS A C   1 
ATOM   202  O  O   . LYS A 1 29  ? -6.388  -2.240  -6.949  1.00 20.88 ? 29  LYS A O   1 
ATOM   203  C  CB  . LYS A 1 29  ? -6.165  -4.033  -4.264  1.00 21.15 ? 29  LYS A CB  1 
ATOM   204  C  CG  . LYS A 1 29  ? -6.963  -4.520  -3.083  1.00 16.16 ? 29  LYS A CG  1 
ATOM   205  C  CD  . LYS A 1 29  ? -6.188  -4.357  -1.797  1.00 16.02 ? 29  LYS A CD  1 
ATOM   206  C  CE  . LYS A 1 29  ? -7.003  -4.840  -0.612  1.00 17.00 ? 29  LYS A CE  1 
ATOM   207  N  NZ  . LYS A 1 29  ? -6.278  -4.686  0.680   1.00 20.83 ? 29  LYS A NZ  1 
ATOM   208  N  N   . ALA A 1 30  ? -5.311  -4.160  -7.379  1.00 20.62 ? 30  ALA A N   1 
ATOM   209  C  CA  . ALA A 1 30  ? -4.544  -3.581  -8.474  1.00 18.95 ? 30  ALA A CA  1 
ATOM   210  C  C   . ALA A 1 30  ? -5.497  -3.165  -9.583  1.00 18.94 ? 30  ALA A C   1 
ATOM   211  O  O   . ALA A 1 30  ? -5.243  -2.209  -10.313 1.00 20.13 ? 30  ALA A O   1 
ATOM   212  C  CB  . ALA A 1 30  ? -3.526  -4.589  -9.001  1.00 18.52 ? 30  ALA A CB  1 
ATOM   213  N  N   . GLN A 1 31  ? -6.599  -3.891  -9.706  1.00 19.94 ? 31  GLN A N   1 
ATOM   214  C  CA  . GLN A 1 31  ? -7.599  -3.580  -10.716 1.00 22.25 ? 31  GLN A CA  1 
ATOM   215  C  C   . GLN A 1 31  ? -8.366  -2.327  -10.320 1.00 22.10 ? 31  GLN A C   1 
ATOM   216  O  O   . GLN A 1 31  ? -8.625  -1.451  -11.151 1.00 22.26 ? 31  GLN A O   1 
ATOM   217  C  CB  . GLN A 1 31  ? -8.567  -4.748  -10.874 1.00 25.81 ? 31  GLN A CB  1 
ATOM   218  C  CG  . GLN A 1 31  ? -7.906  -6.009  -11.384 1.00 32.52 ? 31  GLN A CG  1 
ATOM   219  C  CD  . GLN A 1 31  ? -7.202  -5.776  -12.699 1.00 35.26 ? 31  GLN A CD  1 
ATOM   220  O  OE1 . GLN A 1 31  ? -7.822  -5.364  -13.679 1.00 38.59 ? 31  GLN A OE1 1 
ATOM   221  N  NE2 . GLN A 1 31  ? -5.896  -6.031  -12.728 1.00 38.13 ? 31  GLN A NE2 1 
ATOM   222  N  N   . ILE A 1 32  ? -8.734  -2.258  -9.045  1.00 22.30 ? 32  ILE A N   1 
ATOM   223  C  CA  . ILE A 1 32  ? -9.461  -1.116  -8.506  1.00 21.90 ? 32  ILE A CA  1 
ATOM   224  C  C   . ILE A 1 32  ? -8.632  0.142   -8.756  1.00 21.95 ? 32  ILE A C   1 
ATOM   225  O  O   . ILE A 1 32  ? -9.142  1.156   -9.233  1.00 22.04 ? 32  ILE A O   1 
ATOM   226  C  CB  . ILE A 1 32  ? -9.670  -1.251  -6.980  1.00 22.37 ? 32  ILE A CB  1 
ATOM   227  C  CG1 . ILE A 1 32  ? -10.297 -2.605  -6.644  1.00 20.02 ? 32  ILE A CG1 1 
ATOM   228  C  CG2 . ILE A 1 32  ? -10.541 -0.116  -6.477  1.00 20.72 ? 32  ILE A CG2 1 
ATOM   229  C  CD1 . ILE A 1 32  ? -11.639 -2.796  -7.216  1.00 21.06 ? 32  ILE A CD1 1 
ATOM   230  N  N   . THR A 1 33  ? -7.347  0.064   -8.424  1.00 21.71 ? 33  THR A N   1 
ATOM   231  C  CA  . THR A 1 33  ? -6.445  1.184   -8.613  1.00 23.15 ? 33  THR A CA  1 
ATOM   232  C  C   . THR A 1 33  ? -6.402  1.562   -10.096 1.00 25.49 ? 33  THR A C   1 
ATOM   233  O  O   . THR A 1 33  ? -6.364  2.739   -10.460 1.00 27.54 ? 33  THR A O   1 
ATOM   234  C  CB  . THR A 1 33  ? -5.038  0.822   -8.100  1.00 22.46 ? 33  THR A CB  1 
ATOM   235  O  OG1 . THR A 1 33  ? -5.120  0.461   -6.715  1.00 19.38 ? 33  THR A OG1 1 
ATOM   236  C  CG2 . THR A 1 33  ? -4.080  2.007   -8.252  1.00 21.44 ? 33  THR A CG2 1 
ATOM   237  N  N   . GLN A 1 34  ? -6.421  0.547   -10.947 1.00 27.32 ? 34  GLN A N   1 
ATOM   238  C  CA  . GLN A 1 34  ? -6.418  0.743   -12.388 1.00 29.30 ? 34  GLN A CA  1 
ATOM   239  C  C   . GLN A 1 34  ? -7.639  1.534   -12.840 1.00 28.15 ? 34  GLN A C   1 
ATOM   240  O  O   . GLN A 1 34  ? -7.557  2.383   -13.726 1.00 28.24 ? 34  GLN A O   1 
ATOM   241  C  CB  . GLN A 1 34  ? -6.442  -0.613  -13.084 1.00 34.74 ? 34  GLN A CB  1 
ATOM   242  C  CG  . GLN A 1 34  ? -5.097  -1.272  -13.213 1.00 41.95 ? 34  GLN A CG  1 
ATOM   243  C  CD  . GLN A 1 34  ? -4.263  -0.610  -14.280 1.00 45.63 ? 34  GLN A CD  1 
ATOM   244  O  OE1 . GLN A 1 34  ? -3.945  0.580   -14.185 1.00 46.91 ? 34  GLN A OE1 1 
ATOM   245  N  NE2 . GLN A 1 34  ? -3.914  -1.372  -15.317 1.00 46.97 ? 34  GLN A NE2 1 
ATOM   246  N  N   . LYS A 1 35  ? -8.774  1.240   -12.220 1.00 28.18 ? 35  LYS A N   1 
ATOM   247  C  CA  . LYS A 1 35  ? -10.033 1.882   -12.567 1.00 27.28 ? 35  LYS A CA  1 
ATOM   248  C  C   . LYS A 1 35  ? -10.273 3.259   -11.967 1.00 25.14 ? 35  LYS A C   1 
ATOM   249  O  O   . LYS A 1 35  ? -10.656 4.175   -12.688 1.00 25.80 ? 35  LYS A O   1 
ATOM   250  C  CB  . LYS A 1 35  ? -11.199 0.957   -12.197 1.00 31.49 ? 35  LYS A CB  1 
ATOM   251  C  CG  . LYS A 1 35  ? -12.594 1.537   -12.458 1.00 34.53 ? 35  LYS A CG  1 
ATOM   252  C  CD  . LYS A 1 35  ? -12.992 1.491   -13.937 1.00 36.09 ? 35  LYS A CD  1 
ATOM   253  C  CE  . LYS A 1 35  ? -14.385 2.107   -14.144 1.00 38.43 ? 35  LYS A CE  1 
ATOM   254  N  NZ  . LYS A 1 35  ? -14.948 1.932   -15.522 1.00 38.37 ? 35  LYS A NZ  1 
ATOM   255  N  N   . ILE A 1 36  ? -10.060 3.417   -10.665 1.00 23.07 ? 36  ILE A N   1 
ATOM   256  C  CA  . ILE A 1 36  ? -10.304 4.712   -10.028 1.00 21.26 ? 36  ILE A CA  1 
ATOM   257  C  C   . ILE A 1 36  ? -9.069  5.391   -9.477  1.00 20.49 ? 36  ILE A C   1 
ATOM   258  O  O   . ILE A 1 36  ? -9.159  6.464   -8.893  1.00 20.08 ? 36  ILE A O   1 
ATOM   259  C  CB  . ILE A 1 36  ? -11.336 4.596   -8.897  1.00 19.29 ? 36  ILE A CB  1 
ATOM   260  C  CG1 . ILE A 1 36  ? -10.871 3.576   -7.861  1.00 17.97 ? 36  ILE A CG1 1 
ATOM   261  C  CG2 . ILE A 1 36  ? -12.673 4.204   -9.467  1.00 18.37 ? 36  ILE A CG2 1 
ATOM   262  C  CD1 . ILE A 1 36  ? -11.914 3.256   -6.834  1.00 16.42 ? 36  ILE A CD1 1 
ATOM   263  N  N   . GLY A 1 37  ? -7.920  4.756   -9.654  1.00 19.33 ? 37  GLY A N   1 
ATOM   264  C  CA  . GLY A 1 37  ? -6.675  5.351   -9.203  1.00 19.39 ? 37  GLY A CA  1 
ATOM   265  C  C   . GLY A 1 37  ? -6.465  5.531   -7.714  1.00 19.07 ? 37  GLY A C   1 
ATOM   266  O  O   . GLY A 1 37  ? -5.707  6.399   -7.307  1.00 19.33 ? 37  GLY A O   1 
ATOM   267  N  N   . VAL A 1 38  ? -7.131  4.721   -6.902  1.00 19.59 ? 38  VAL A N   1 
ATOM   268  C  CA  . VAL A 1 38  ? -6.976  4.787   -5.455  1.00 18.61 ? 38  VAL A CA  1 
ATOM   269  C  C   . VAL A 1 38  ? -5.968  3.730   -5.022  1.00 19.09 ? 38  VAL A C   1 
ATOM   270  O  O   . VAL A 1 38  ? -5.998  2.606   -5.511  1.00 19.75 ? 38  VAL A O   1 
ATOM   271  C  CB  . VAL A 1 38  ? -8.309  4.510   -4.742  1.00 18.76 ? 38  VAL A CB  1 
ATOM   272  C  CG1 . VAL A 1 38  ? -8.087  4.347   -3.250  1.00 16.92 ? 38  VAL A CG1 1 
ATOM   273  C  CG2 . VAL A 1 38  ? -9.272  5.652   -4.999  1.00 18.80 ? 38  VAL A CG2 1 
ATOM   274  N  N   . HIS A 1 39  ? -5.069  4.081   -4.109  1.00 18.45 ? 39  HIS A N   1 
ATOM   275  C  CA  . HIS A 1 39  ? -4.076  3.117   -3.639  1.00 19.21 ? 39  HIS A CA  1 
ATOM   276  C  C   . HIS A 1 39  ? -4.716  1.930   -2.923  1.00 18.69 ? 39  HIS A C   1 
ATOM   277  O  O   . HIS A 1 39  ? -5.770  2.053   -2.291  1.00 16.53 ? 39  HIS A O   1 
ATOM   278  C  CB  . HIS A 1 39  ? -3.071  3.783   -2.692  1.00 20.66 ? 39  HIS A CB  1 
ATOM   279  C  CG  . HIS A 1 39  ? -2.160  4.754   -3.372  1.00 22.37 ? 39  HIS A CG  1 
ATOM   280  N  ND1 . HIS A 1 39  ? -1.276  4.379   -4.357  1.00 22.90 ? 39  HIS A ND1 1 
ATOM   281  C  CD2 . HIS A 1 39  ? -2.013  6.091   -3.220  1.00 22.96 ? 39  HIS A CD2 1 
ATOM   282  C  CE1 . HIS A 1 39  ? -0.623  5.441   -4.786  1.00 22.90 ? 39  HIS A CE1 1 
ATOM   283  N  NE2 . HIS A 1 39  ? -1.051  6.497   -4.112  1.00 23.33 ? 39  HIS A NE2 1 
ATOM   284  N  N   . ALA A 1 40  ? -4.055  0.782   -3.032  1.00 18.11 ? 40  ALA A N   1 
ATOM   285  C  CA  . ALA A 1 40  ? -4.504  -0.455  -2.406  1.00 17.01 ? 40  ALA A CA  1 
ATOM   286  C  C   . ALA A 1 40  ? -4.775  -0.299  -0.895  1.00 16.05 ? 40  ALA A C   1 
ATOM   287  O  O   . ALA A 1 40  ? -5.827  -0.707  -0.389  1.00 14.38 ? 40  ALA A O   1 
ATOM   288  C  CB  . ALA A 1 40  ? -3.453  -1.546  -2.639  1.00 15.76 ? 40  ALA A CB  1 
ATOM   289  N  N   . PHE A 1 41  ? -3.825  0.304   -0.185  1.00 15.87 ? 41  PHE A N   1 
ATOM   290  C  CA  . PHE A 1 41  ? -3.950  0.485   1.252   1.00 14.29 ? 41  PHE A CA  1 
ATOM   291  C  C   . PHE A 1 41  ? -5.103  1.404   1.646   1.00 14.87 ? 41  PHE A C   1 
ATOM   292  O  O   . PHE A 1 41  ? -5.454  1.486   2.825   1.00 16.39 ? 41  PHE A O   1 
ATOM   293  C  CB  . PHE A 1 41  ? -2.622  0.996   1.836   1.00 11.81 ? 41  PHE A CB  1 
ATOM   294  C  CG  . PHE A 1 41  ? -2.375  2.473   1.642   1.00 10.26 ? 41  PHE A CG  1 
ATOM   295  C  CD1 . PHE A 1 41  ? -2.932  3.410   2.516   1.00 9.66  ? 41  PHE A CD1 1 
ATOM   296  C  CD2 . PHE A 1 41  ? -1.565  2.927   0.605   1.00 9.47  ? 41  PHE A CD2 1 
ATOM   297  C  CE1 . PHE A 1 41  ? -2.678  4.782   2.354   1.00 8.46  ? 41  PHE A CE1 1 
ATOM   298  C  CE2 . PHE A 1 41  ? -1.309  4.282   0.437   1.00 8.56  ? 41  PHE A CE2 1 
ATOM   299  C  CZ  . PHE A 1 41  ? -1.863  5.215   1.312   1.00 8.68  ? 41  PHE A CZ  1 
ATOM   300  N  N   . GLN A 1 42  ? -5.692  2.091   0.672   1.00 13.91 ? 42  GLN A N   1 
ATOM   301  C  CA  . GLN A 1 42  ? -6.805  2.981   0.961   1.00 15.02 ? 42  GLN A CA  1 
ATOM   302  C  C   . GLN A 1 42  ? -8.133  2.296   0.674   1.00 15.62 ? 42  GLN A C   1 
ATOM   303  O  O   . GLN A 1 42  ? -9.200  2.855   0.908   1.00 18.76 ? 42  GLN A O   1 
ATOM   304  C  CB  . GLN A 1 42  ? -6.688  4.266   0.134   1.00 15.48 ? 42  GLN A CB  1 
ATOM   305  C  CG  . GLN A 1 42  ? -5.409  5.039   0.411   1.00 17.67 ? 42  GLN A CG  1 
ATOM   306  C  CD  . GLN A 1 42  ? -5.259  6.289   -0.438  1.00 19.50 ? 42  GLN A CD  1 
ATOM   307  O  OE1 . GLN A 1 42  ? -5.405  7.414   0.053   1.00 22.62 ? 42  GLN A OE1 1 
ATOM   308  N  NE2 . GLN A 1 42  ? -4.968  6.098   -1.720  1.00 19.42 ? 42  GLN A NE2 1 
ATOM   309  N  N   . GLN A 1 43  ? -8.057  1.070   0.178   1.00 17.49 ? 43  GLN A N   1 
ATOM   310  C  CA  . GLN A 1 43  ? -9.246  0.292   -0.162  1.00 16.77 ? 43  GLN A CA  1 
ATOM   311  C  C   . GLN A 1 43  ? -9.796  -0.560  0.981   1.00 15.55 ? 43  GLN A C   1 
ATOM   312  O  O   . GLN A 1 43  ? -9.053  -1.231  1.677   1.00 16.18 ? 43  GLN A O   1 
ATOM   313  C  CB  . GLN A 1 43  ? -8.931  -0.616  -1.356  1.00 17.78 ? 43  GLN A CB  1 
ATOM   314  C  CG  . GLN A 1 43  ? -8.678  0.135   -2.655  1.00 21.64 ? 43  GLN A CG  1 
ATOM   315  C  CD  . GLN A 1 43  ? -8.257  -0.780  -3.792  1.00 23.96 ? 43  GLN A CD  1 
ATOM   316  O  OE1 . GLN A 1 43  ? -8.821  -1.865  -3.976  1.00 26.66 ? 43  GLN A OE1 1 
ATOM   317  N  NE2 . GLN A 1 43  ? -7.273  -0.344  -4.571  1.00 24.17 ? 43  GLN A NE2 1 
ATOM   318  N  N   . ARG A 1 44  ? -11.110 -0.518  1.162   1.00 15.44 ? 44  ARG A N   1 
ATOM   319  C  CA  . ARG A 1 44  ? -11.798 -1.317  2.173   1.00 15.00 ? 44  ARG A CA  1 
ATOM   320  C  C   . ARG A 1 44  ? -12.765 -2.197  1.389   1.00 15.69 ? 44  ARG A C   1 
ATOM   321  O  O   . ARG A 1 44  ? -13.667 -1.700  0.705   1.00 16.66 ? 44  ARG A O   1 
ATOM   322  C  CB  . ARG A 1 44  ? -12.562 -0.422  3.149   1.00 15.05 ? 44  ARG A CB  1 
ATOM   323  C  CG  . ARG A 1 44  ? -11.674 0.603   3.848   1.00 15.50 ? 44  ARG A CG  1 
ATOM   324  C  CD  . ARG A 1 44  ? -10.582 -0.066  4.668   1.00 14.64 ? 44  ARG A CD  1 
ATOM   325  N  NE  . ARG A 1 44  ? -9.670  0.913   5.264   1.00 17.23 ? 44  ARG A NE  1 
ATOM   326  C  CZ  . ARG A 1 44  ? -8.453  1.196   4.807   1.00 16.79 ? 44  ARG A CZ  1 
ATOM   327  N  NH1 . ARG A 1 44  ? -7.713  2.105   5.417   1.00 16.50 ? 44  ARG A NH1 1 
ATOM   328  N  NH2 . ARG A 1 44  ? -7.973  0.566   3.751   1.00 19.44 ? 44  ARG A NH2 1 
ATOM   329  N  N   . LEU A 1 45  ? -12.563 -3.506  1.492   1.00 15.91 ? 45  LEU A N   1 
ATOM   330  C  CA  . LEU A 1 45  ? -13.374 -4.470  0.765   1.00 16.37 ? 45  LEU A CA  1 
ATOM   331  C  C   . LEU A 1 45  ? -14.069 -5.511  1.635   1.00 17.36 ? 45  LEU A C   1 
ATOM   332  O  O   . LEU A 1 45  ? -13.524 -5.976  2.644   1.00 16.09 ? 45  LEU A O   1 
ATOM   333  C  CB  . LEU A 1 45  ? -12.498 -5.177  -0.272  1.00 15.72 ? 45  LEU A CB  1 
ATOM   334  C  CG  . LEU A 1 45  ? -11.896 -4.238  -1.314  1.00 16.91 ? 45  LEU A CG  1 
ATOM   335  C  CD1 . LEU A 1 45  ? -10.838 -4.948  -2.112  1.00 17.57 ? 45  LEU A CD1 1 
ATOM   336  C  CD2 . LEU A 1 45  ? -12.996 -3.730  -2.218  1.00 16.47 ? 45  LEU A CD2 1 
ATOM   337  N  N   . ALA A 1 46  ? -15.276 -5.879  1.214   1.00 16.79 ? 46  ALA A N   1 
ATOM   338  C  CA  . ALA A 1 46  ? -16.084 -6.867  1.907   1.00 18.03 ? 46  ALA A CA  1 
ATOM   339  C  C   . ALA A 1 46  ? -16.785 -7.728  0.871   1.00 20.14 ? 46  ALA A C   1 
ATOM   340  O  O   . ALA A 1 46  ? -17.038 -7.275  -0.244  1.00 21.67 ? 46  ALA A O   1 
ATOM   341  C  CB  . ALA A 1 46  ? -17.113 -6.175  2.788   1.00 16.87 ? 46  ALA A CB  1 
ATOM   342  N  N   . VAL A 1 47  ? -17.090 -8.970  1.228   1.00 21.42 ? 47  VAL A N   1 
ATOM   343  C  CA  . VAL A 1 47  ? -17.789 -9.848  0.299   1.00 22.56 ? 47  VAL A CA  1 
ATOM   344  C  C   . VAL A 1 47  ? -19.281 -9.533  0.369   1.00 23.27 ? 47  VAL A C   1 
ATOM   345  O  O   . VAL A 1 47  ? -19.822 -9.239  1.433   1.00 21.01 ? 47  VAL A O   1 
ATOM   346  C  CB  . VAL A 1 47  ? -17.594 -11.365 0.638   1.00 22.51 ? 47  VAL A CB  1 
ATOM   347  C  CG1 . VAL A 1 47  ? -18.379 -12.220 -0.352  1.00 20.22 ? 47  VAL A CG1 1 
ATOM   348  C  CG2 . VAL A 1 47  ? -16.117 -11.743 0.582   1.00 23.55 ? 47  VAL A CG2 1 
ATOM   349  N  N   . HIS A 1 48  ? -19.933 -9.586  -0.780  1.00 25.86 ? 48  HIS A N   1 
ATOM   350  C  CA  . HIS A 1 48  ? -21.367 -9.338  -0.874  1.00 27.12 ? 48  HIS A CA  1 
ATOM   351  C  C   . HIS A 1 48  ? -22.038 -10.643 -1.299  1.00 27.42 ? 48  HIS A C   1 
ATOM   352  O  O   . HIS A 1 48  ? -21.609 -11.279 -2.253  1.00 29.13 ? 48  HIS A O   1 
ATOM   353  C  CB  . HIS A 1 48  ? -21.648 -8.249  -1.912  1.00 27.84 ? 48  HIS A CB  1 
ATOM   354  C  CG  . HIS A 1 48  ? -23.101 -7.957  -2.104  1.00 29.89 ? 48  HIS A CG  1 
ATOM   355  N  ND1 . HIS A 1 48  ? -23.915 -7.515  -1.080  1.00 30.68 ? 48  HIS A ND1 1 
ATOM   356  C  CD2 . HIS A 1 48  ? -23.894 -8.045  -3.197  1.00 29.80 ? 48  HIS A CD2 1 
ATOM   357  C  CE1 . HIS A 1 48  ? -25.142 -7.346  -1.536  1.00 30.06 ? 48  HIS A CE1 1 
ATOM   358  N  NE2 . HIS A 1 48  ? -25.157 -7.660  -2.818  1.00 29.47 ? 48  HIS A NE2 1 
ATOM   359  N  N   . PRO A 1 49  ? -23.110 -11.046 -0.605  1.00 28.20 ? 49  PRO A N   1 
ATOM   360  C  CA  . PRO A 1 49  ? -23.700 -10.336 0.533   1.00 28.87 ? 49  PRO A CA  1 
ATOM   361  C  C   . PRO A 1 49  ? -23.299 -10.820 1.931   1.00 29.52 ? 49  PRO A C   1 
ATOM   362  O  O   . PRO A 1 49  ? -23.841 -10.334 2.923   1.00 30.77 ? 49  PRO A O   1 
ATOM   363  C  CB  . PRO A 1 49  ? -25.184 -10.504 0.286   1.00 27.89 ? 49  PRO A CB  1 
ATOM   364  C  CG  . PRO A 1 49  ? -25.241 -11.912 -0.198  1.00 28.05 ? 49  PRO A CG  1 
ATOM   365  C  CD  . PRO A 1 49  ? -24.078 -12.003 -1.172  1.00 26.92 ? 49  PRO A CD  1 
ATOM   366  N  N   . SER A 1 50  ? -22.363 -11.764 2.021   1.00 29.28 ? 50  SER A N   1 
ATOM   367  C  CA  . SER A 1 50  ? -21.938 -12.272 3.325   1.00 28.47 ? 50  SER A CA  1 
ATOM   368  C  C   . SER A 1 50  ? -21.658 -11.113 4.276   1.00 28.23 ? 50  SER A C   1 
ATOM   369  O  O   . SER A 1 50  ? -21.902 -11.208 5.476   1.00 28.44 ? 50  SER A O   1 
ATOM   370  C  CB  . SER A 1 50  ? -20.688 -13.152 3.182   1.00 28.96 ? 50  SER A CB  1 
ATOM   371  O  OG  . SER A 1 50  ? -19.533 -12.394 2.862   1.00 31.95 ? 50  SER A OG  1 
ATOM   372  N  N   . GLY A 1 51  ? -21.147 -10.018 3.724   1.00 28.51 ? 51  GLY A N   1 
ATOM   373  C  CA  . GLY A 1 51  ? -20.856 -8.839  4.519   1.00 28.45 ? 51  GLY A CA  1 
ATOM   374  C  C   . GLY A 1 51  ? -19.595 -8.927  5.355   1.00 28.65 ? 51  GLY A C   1 
ATOM   375  O  O   . GLY A 1 51  ? -19.449 -8.192  6.333   1.00 29.70 ? 51  GLY A O   1 
ATOM   376  N  N   . VAL A 1 52  ? -18.679 -9.814  4.980   1.00 28.20 ? 52  VAL A N   1 
ATOM   377  C  CA  . VAL A 1 52  ? -17.438 -9.980  5.722   1.00 28.87 ? 52  VAL A CA  1 
ATOM   378  C  C   . VAL A 1 52  ? -16.220 -9.542  4.909   1.00 30.04 ? 52  VAL A C   1 
ATOM   379  O  O   . VAL A 1 52  ? -16.131 -9.790  3.703   1.00 30.89 ? 52  VAL A O   1 
ATOM   380  C  CB  . VAL A 1 52  ? -17.246 -11.448 6.164   1.00 28.52 ? 52  VAL A CB  1 
ATOM   381  C  CG1 . VAL A 1 52  ? -15.957 -11.589 6.948   1.00 28.85 ? 52  VAL A CG1 1 
ATOM   382  C  CG2 . VAL A 1 52  ? -18.426 -11.893 7.011   1.00 27.01 ? 52  VAL A CG2 1 
ATOM   383  N  N   . ALA A 1 53  ? -15.287 -8.885  5.588   1.00 31.12 ? 53  ALA A N   1 
ATOM   384  C  CA  . ALA A 1 53  ? -14.067 -8.385  4.969   1.00 32.68 ? 53  ALA A CA  1 
ATOM   385  C  C   . ALA A 1 53  ? -13.243 -9.511  4.348   1.00 33.59 ? 53  ALA A C   1 
ATOM   386  O  O   . ALA A 1 53  ? -13.295 -10.649 4.807   1.00 33.93 ? 53  ALA A O   1 
ATOM   387  C  CB  . ALA A 1 53  ? -13.240 -7.641  6.010   1.00 31.86 ? 53  ALA A CB  1 
ATOM   388  N  N   . LEU A 1 54  ? -12.480 -9.183  3.307   1.00 36.65 ? 54  LEU A N   1 
ATOM   389  C  CA  . LEU A 1 54  ? -11.641 -10.165 2.618   1.00 40.20 ? 54  LEU A CA  1 
ATOM   390  C  C   . LEU A 1 54  ? -10.384 -10.578 3.383   1.00 43.54 ? 54  LEU A C   1 
ATOM   391  O  O   . LEU A 1 54  ? -9.894  -9.848  4.242   1.00 43.93 ? 54  LEU A O   1 
ATOM   392  C  CB  . LEU A 1 54  ? -11.220 -9.636  1.246   1.00 37.98 ? 54  LEU A CB  1 
ATOM   393  C  CG  . LEU A 1 54  ? -12.260 -9.553  0.131   1.00 36.51 ? 54  LEU A CG  1 
ATOM   394  C  CD1 . LEU A 1 54  ? -11.601 -9.007  -1.121  1.00 34.19 ? 54  LEU A CD1 1 
ATOM   395  C  CD2 . LEU A 1 54  ? -12.834 -10.936 -0.142  1.00 36.25 ? 54  LEU A CD2 1 
ATOM   396  N  N   . GLN A 1 55  ? -9.871  -11.761 3.053   1.00 48.48 ? 55  GLN A N   1 
ATOM   397  C  CA  . GLN A 1 55  ? -8.663  -12.299 3.676   1.00 53.76 ? 55  GLN A CA  1 
ATOM   398  C  C   . GLN A 1 55  ? -7.488  -12.012 2.742   1.00 56.30 ? 55  GLN A C   1 
ATOM   399  O  O   . GLN A 1 55  ? -7.435  -12.545 1.635   1.00 55.57 ? 55  GLN A O   1 
ATOM   400  C  CB  . GLN A 1 55  ? -8.790  -13.811 3.858   1.00 56.74 ? 55  GLN A CB  1 
ATOM   401  C  CG  . GLN A 1 55  ? -10.106 -14.270 4.465   1.00 60.99 ? 55  GLN A CG  1 
ATOM   402  C  CD  . GLN A 1 55  ? -10.303 -13.755 5.873   1.00 63.32 ? 55  GLN A CD  1 
ATOM   403  O  OE1 . GLN A 1 55  ? -9.516  -14.061 6.770   1.00 65.22 ? 55  GLN A OE1 1 
ATOM   404  N  NE2 . GLN A 1 55  ? -11.358 -12.966 6.079   1.00 64.06 ? 55  GLN A NE2 1 
ATOM   405  N  N   . ASP A 1 56  ? -6.551  -11.181 3.190   1.00 59.18 ? 56  ASP A N   1 
ATOM   406  C  CA  . ASP A 1 56  ? -5.395  -10.816 2.374   1.00 62.17 ? 56  ASP A CA  1 
ATOM   407  C  C   . ASP A 1 56  ? -4.473  -11.971 2.061   1.00 63.29 ? 56  ASP A C   1 
ATOM   408  O  O   . ASP A 1 56  ? -3.625  -11.875 1.178   1.00 64.30 ? 56  ASP A O   1 
ATOM   409  C  CB  . ASP A 1 56  ? -4.594  -9.717  3.060   1.00 64.26 ? 56  ASP A CB  1 
ATOM   410  C  CG  . ASP A 1 56  ? -5.403  -8.464  3.262   1.00 67.25 ? 56  ASP A CG  1 
ATOM   411  O  OD1 . ASP A 1 56  ? -6.433  -8.540  3.968   1.00 68.70 ? 56  ASP A OD1 1 
ATOM   412  O  OD2 . ASP A 1 56  ? -5.018  -7.410  2.710   1.00 67.82 ? 56  ASP A OD2 1 
ATOM   413  N  N   . ARG A 1 57  ? -4.630  -13.067 2.783   1.00 64.20 ? 57  ARG A N   1 
ATOM   414  C  CA  . ARG A 1 57  ? -3.781  -14.214 2.549   1.00 65.56 ? 57  ARG A CA  1 
ATOM   415  C  C   . ARG A 1 57  ? -4.558  -15.269 1.779   1.00 65.09 ? 57  ARG A C   1 
ATOM   416  O  O   . ARG A 1 57  ? -4.025  -15.919 0.879   1.00 64.79 ? 57  ARG A O   1 
ATOM   417  C  CB  . ARG A 1 57  ? -3.290  -14.771 3.887   1.00 68.44 ? 57  ARG A CB  1 
ATOM   418  C  CG  . ARG A 1 57  ? -2.894  -13.686 4.892   1.00 71.79 ? 57  ARG A CG  1 
ATOM   419  C  CD  . ARG A 1 57  ? -1.849  -12.731 4.316   1.00 75.03 ? 57  ARG A CD  1 
ATOM   420  N  NE  . ARG A 1 57  ? -1.789  -11.470 5.058   1.00 77.39 ? 57  ARG A NE  1 
ATOM   421  C  CZ  . ARG A 1 57  ? -1.028  -10.431 4.718   1.00 78.23 ? 57  ARG A CZ  1 
ATOM   422  N  NH1 . ARG A 1 57  ? -0.249  -10.491 3.644   1.00 79.27 ? 57  ARG A NH1 1 
ATOM   423  N  NH2 . ARG A 1 57  ? -1.059  -9.318  5.440   1.00 78.19 ? 57  ARG A NH2 1 
ATOM   424  N  N   . VAL A 1 58  ? -5.831  -15.423 2.122   1.00 64.42 ? 58  VAL A N   1 
ATOM   425  C  CA  . VAL A 1 58  ? -6.671  -16.414 1.467   1.00 63.47 ? 58  VAL A CA  1 
ATOM   426  C  C   . VAL A 1 58  ? -7.030  -16.028 0.035   1.00 62.77 ? 58  VAL A C   1 
ATOM   427  O  O   . VAL A 1 58  ? -7.367  -14.880 -0.246  1.00 63.19 ? 58  VAL A O   1 
ATOM   428  C  CB  . VAL A 1 58  ? -7.979  -16.643 2.257   1.00 62.94 ? 58  VAL A CB  1 
ATOM   429  C  CG1 . VAL A 1 58  ? -8.756  -17.804 1.654   1.00 62.94 ? 58  VAL A CG1 1 
ATOM   430  C  CG2 . VAL A 1 58  ? -7.662  -16.914 3.716   1.00 62.78 ? 58  VAL A CG2 1 
ATOM   431  N  N   . PRO A 1 59  ? -6.941  -16.988 -0.896  1.00 61.97 ? 59  PRO A N   1 
ATOM   432  C  CA  . PRO A 1 59  ? -7.265  -16.744 -2.301  1.00 60.51 ? 59  PRO A CA  1 
ATOM   433  C  C   . PRO A 1 59  ? -8.732  -16.384 -2.454  1.00 59.14 ? 59  PRO A C   1 
ATOM   434  O  O   . PRO A 1 59  ? -9.567  -16.788 -1.645  1.00 58.94 ? 59  PRO A O   1 
ATOM   435  C  CB  . PRO A 1 59  ? -6.942  -18.076 -2.966  1.00 60.82 ? 59  PRO A CB  1 
ATOM   436  C  CG  . PRO A 1 59  ? -5.809  -18.576 -2.144  1.00 61.71 ? 59  PRO A CG  1 
ATOM   437  C  CD  . PRO A 1 59  ? -6.288  -18.297 -0.738  1.00 62.11 ? 59  PRO A CD  1 
ATOM   438  N  N   . LEU A 1 60  ? -9.038  -15.625 -3.498  1.00 58.10 ? 60  LEU A N   1 
ATOM   439  C  CA  . LEU A 1 60  ? -10.405 -15.207 -3.766  1.00 57.07 ? 60  LEU A CA  1 
ATOM   440  C  C   . LEU A 1 60  ? -11.327 -16.403 -3.934  1.00 57.15 ? 60  LEU A C   1 
ATOM   441  O  O   . LEU A 1 60  ? -12.473 -16.376 -3.489  1.00 57.42 ? 60  LEU A O   1 
ATOM   442  C  CB  . LEU A 1 60  ? -10.442 -14.332 -5.020  1.00 55.24 ? 60  LEU A CB  1 
ATOM   443  C  CG  . LEU A 1 60  ? -10.240 -12.828 -4.812  1.00 53.82 ? 60  LEU A CG  1 
ATOM   444  C  CD1 . LEU A 1 60  ? -9.165  -12.567 -3.777  1.00 53.32 ? 60  LEU A CD1 1 
ATOM   445  C  CD2 . LEU A 1 60  ? -9.886  -12.182 -6.138  1.00 52.46 ? 60  LEU A CD2 1 
ATOM   446  N  N   . ALA A 1 61  ? -10.815 -17.455 -4.567  1.00 57.04 ? 61  ALA A N   1 
ATOM   447  C  CA  . ALA A 1 61  ? -11.591 -18.668 -4.811  1.00 56.66 ? 61  ALA A CA  1 
ATOM   448  C  C   . ALA A 1 61  ? -12.120 -19.279 -3.519  1.00 56.12 ? 61  ALA A C   1 
ATOM   449  O  O   . ALA A 1 61  ? -13.333 -19.394 -3.323  1.00 55.96 ? 61  ALA A O   1 
ATOM   450  C  CB  . ALA A 1 61  ? -10.742 -19.685 -5.558  1.00 56.09 ? 61  ALA A CB  1 
ATOM   451  N  N   . SER A 1 62  ? -11.206 -19.672 -2.638  1.00 55.34 ? 62  SER A N   1 
ATOM   452  C  CA  . SER A 1 62  ? -11.583 -20.275 -1.365  1.00 53.35 ? 62  SER A CA  1 
ATOM   453  C  C   . SER A 1 62  ? -12.041 -19.222 -0.364  1.00 52.18 ? 62  SER A C   1 
ATOM   454  O  O   . SER A 1 62  ? -11.847 -19.377 0.839   1.00 52.13 ? 62  SER A O   1 
ATOM   455  C  CB  . SER A 1 62  ? -10.403 -21.054 -0.781  1.00 53.55 ? 62  SER A CB  1 
ATOM   456  O  OG  . SER A 1 62  ? -9.292  -20.202 -0.580  1.00 53.28 ? 62  SER A OG  1 
ATOM   457  N  N   . GLN A 1 63  ? -12.640 -18.146 -0.871  1.00 51.15 ? 63  GLN A N   1 
ATOM   458  C  CA  . GLN A 1 63  ? -13.144 -17.072 -0.021  1.00 49.81 ? 63  GLN A CA  1 
ATOM   459  C  C   . GLN A 1 63  ? -14.590 -16.750 -0.348  1.00 49.76 ? 63  GLN A C   1 
ATOM   460  O  O   . GLN A 1 63  ? -15.108 -15.710 0.063   1.00 50.36 ? 63  GLN A O   1 
ATOM   461  C  CB  . GLN A 1 63  ? -12.321 -15.796 -0.190  1.00 49.20 ? 63  GLN A CB  1 
ATOM   462  C  CG  . GLN A 1 63  ? -11.187 -15.648 0.790   1.00 48.19 ? 63  GLN A CG  1 
ATOM   463  C  CD  . GLN A 1 63  ? -11.035 -14.217 1.261   1.00 46.98 ? 63  GLN A CD  1 
ATOM   464  O  OE1 . GLN A 1 63  ? -11.938 -13.659 1.887   1.00 46.88 ? 63  GLN A OE1 1 
ATOM   465  N  NE2 . GLN A 1 63  ? -9.896  -13.615 0.960   1.00 45.84 ? 63  GLN A NE2 1 
ATOM   466  N  N   . GLY A 1 64  ? -15.234 -17.639 -1.098  1.00 49.01 ? 64  GLY A N   1 
ATOM   467  C  CA  . GLY A 1 64  ? -16.619 -17.422 -1.467  1.00 48.16 ? 64  GLY A CA  1 
ATOM   468  C  C   . GLY A 1 64  ? -16.765 -16.424 -2.601  1.00 47.68 ? 64  GLY A C   1 
ATOM   469  O  O   . GLY A 1 64  ? -17.806 -15.788 -2.762  1.00 47.80 ? 64  GLY A O   1 
ATOM   470  N  N   . LEU A 1 65  ? -15.710 -16.277 -3.388  1.00 46.61 ? 65  LEU A N   1 
ATOM   471  C  CA  . LEU A 1 65  ? -15.736 -15.356 -4.507  1.00 45.32 ? 65  LEU A CA  1 
ATOM   472  C  C   . LEU A 1 65  ? -15.331 -16.062 -5.787  1.00 45.81 ? 65  LEU A C   1 
ATOM   473  O  O   . LEU A 1 65  ? -14.393 -16.856 -5.809  1.00 46.44 ? 65  LEU A O   1 
ATOM   474  C  CB  . LEU A 1 65  ? -14.797 -14.175 -4.254  1.00 42.86 ? 65  LEU A CB  1 
ATOM   475  C  CG  . LEU A 1 65  ? -15.238 -13.123 -3.234  1.00 41.76 ? 65  LEU A CG  1 
ATOM   476  C  CD1 . LEU A 1 65  ? -14.181 -12.034 -3.179  1.00 40.46 ? 65  LEU A CD1 1 
ATOM   477  C  CD2 . LEU A 1 65  ? -16.589 -12.524 -3.622  1.00 38.96 ? 65  LEU A CD2 1 
ATOM   478  N  N   . GLY A 1 66  ? -16.056 -15.767 -6.855  1.00 45.80 ? 66  GLY A N   1 
ATOM   479  C  CA  . GLY A 1 66  ? -15.758 -16.368 -8.136  1.00 47.36 ? 66  GLY A CA  1 
ATOM   480  C  C   . GLY A 1 66  ? -16.335 -15.492 -9.222  1.00 48.65 ? 66  GLY A C   1 
ATOM   481  O  O   . GLY A 1 66  ? -16.561 -14.301 -8.997  1.00 49.90 ? 66  GLY A O   1 
ATOM   482  N  N   . PRO A 1 67  ? -16.593 -16.045 -10.416 1.00 48.25 ? 67  PRO A N   1 
ATOM   483  C  CA  . PRO A 1 67  ? -17.155 -15.227 -11.491 1.00 47.52 ? 67  PRO A CA  1 
ATOM   484  C  C   . PRO A 1 67  ? -18.594 -14.793 -11.190 1.00 46.59 ? 67  PRO A C   1 
ATOM   485  O  O   . PRO A 1 67  ? -19.425 -15.608 -10.790 1.00 46.51 ? 67  PRO A O   1 
ATOM   486  C  CB  . PRO A 1 67  ? -17.052 -16.149 -12.706 1.00 48.05 ? 67  PRO A CB  1 
ATOM   487  C  CG  . PRO A 1 67  ? -17.244 -17.506 -12.108 1.00 48.36 ? 67  PRO A CG  1 
ATOM   488  C  CD  . PRO A 1 67  ? -16.388 -17.435 -10.858 1.00 48.30 ? 67  PRO A CD  1 
ATOM   489  N  N   . GLY A 1 68  ? -18.872 -13.501 -11.367 1.00 45.07 ? 68  GLY A N   1 
ATOM   490  C  CA  . GLY A 1 68  ? -20.207 -12.978 -11.121 1.00 41.36 ? 68  GLY A CA  1 
ATOM   491  C  C   . GLY A 1 68  ? -20.442 -12.495 -9.700  1.00 39.19 ? 68  GLY A C   1 
ATOM   492  O  O   . GLY A 1 68  ? -21.501 -11.936 -9.389  1.00 37.07 ? 68  GLY A O   1 
ATOM   493  N  N   . SER A 1 69  ? -19.457 -12.718 -8.832  1.00 36.90 ? 69  SER A N   1 
ATOM   494  C  CA  . SER A 1 69  ? -19.556 -12.300 -7.440  1.00 34.40 ? 69  SER A CA  1 
ATOM   495  C  C   . SER A 1 69  ? -19.429 -10.787 -7.324  1.00 32.69 ? 69  SER A C   1 
ATOM   496  O  O   . SER A 1 69  ? -18.902 -10.111 -8.216  1.00 31.64 ? 69  SER A O   1 
ATOM   497  C  CB  . SER A 1 69  ? -18.469 -12.973 -6.593  1.00 35.50 ? 69  SER A CB  1 
ATOM   498  O  OG  . SER A 1 69  ? -18.756 -14.340 -6.365  1.00 36.75 ? 69  SER A OG  1 
ATOM   499  N  N   . THR A 1 70  ? -19.916 -10.273 -6.203  1.00 31.39 ? 70  THR A N   1 
ATOM   500  C  CA  . THR A 1 70  ? -19.896 -8.853  -5.916  1.00 30.12 ? 70  THR A CA  1 
ATOM   501  C  C   . THR A 1 70  ? -19.119 -8.579  -4.635  1.00 28.84 ? 70  THR A C   1 
ATOM   502  O  O   . THR A 1 70  ? -19.230 -9.316  -3.658  1.00 29.71 ? 70  THR A O   1 
ATOM   503  C  CB  . THR A 1 70  ? -21.336 -8.332  -5.747  1.00 30.31 ? 70  THR A CB  1 
ATOM   504  O  OG1 . THR A 1 70  ? -22.016 -8.426  -7.004  1.00 33.44 ? 70  THR A OG1 1 
ATOM   505  C  CG2 . THR A 1 70  ? -21.353 -6.883  -5.251  1.00 30.73 ? 70  THR A CG2 1 
ATOM   506  N  N   . VAL A 1 71  ? -18.314 -7.526  -4.649  1.00 27.39 ? 71  VAL A N   1 
ATOM   507  C  CA  . VAL A 1 71  ? -17.563 -7.142  -3.468  1.00 25.49 ? 71  VAL A CA  1 
ATOM   508  C  C   . VAL A 1 71  ? -17.931 -5.699  -3.214  1.00 24.51 ? 71  VAL A C   1 
ATOM   509  O  O   . VAL A 1 71  ? -18.232 -4.969  -4.155  1.00 24.95 ? 71  VAL A O   1 
ATOM   510  C  CB  . VAL A 1 71  ? -16.039 -7.245  -3.693  1.00 24.86 ? 71  VAL A CB  1 
ATOM   511  C  CG1 . VAL A 1 71  ? -15.662 -8.675  -3.975  1.00 25.14 ? 71  VAL A CG1 1 
ATOM   512  C  CG2 . VAL A 1 71  ? -15.616 -6.349  -4.853  1.00 23.26 ? 71  VAL A CG2 1 
ATOM   513  N  N   . LEU A 1 72  ? -17.922 -5.292  -1.950  1.00 24.15 ? 72  LEU A N   1 
ATOM   514  C  CA  . LEU A 1 72  ? -18.248 -3.914  -1.600  1.00 24.29 ? 72  LEU A CA  1 
ATOM   515  C  C   . LEU A 1 72  ? -16.967 -3.123  -1.388  1.00 23.02 ? 72  LEU A C   1 
ATOM   516  O  O   . LEU A 1 72  ? -16.021 -3.606  -0.777  1.00 21.69 ? 72  LEU A O   1 
ATOM   517  C  CB  . LEU A 1 72  ? -19.100 -3.860  -0.330  1.00 24.53 ? 72  LEU A CB  1 
ATOM   518  C  CG  . LEU A 1 72  ? -20.392 -4.676  -0.343  1.00 25.84 ? 72  LEU A CG  1 
ATOM   519  C  CD1 . LEU A 1 72  ? -21.206 -4.335  0.901   1.00 26.78 ? 72  LEU A CD1 1 
ATOM   520  C  CD2 . LEU A 1 72  ? -21.195 -4.376  -1.605  1.00 26.02 ? 72  LEU A CD2 1 
ATOM   521  N  N   . LEU A 1 73  ? -16.942 -1.900  -1.894  1.00 22.72 ? 73  LEU A N   1 
ATOM   522  C  CA  . LEU A 1 73  ? -15.763 -1.071  -1.757  1.00 22.38 ? 73  LEU A CA  1 
ATOM   523  C  C   . LEU A 1 73  ? -16.053 0.308   -1.186  1.00 24.32 ? 73  LEU A C   1 
ATOM   524  O  O   . LEU A 1 73  ? -16.975 1.013   -1.620  1.00 23.98 ? 73  LEU A O   1 
ATOM   525  C  CB  . LEU A 1 73  ? -15.061 -0.918  -3.109  1.00 20.02 ? 73  LEU A CB  1 
ATOM   526  C  CG  . LEU A 1 73  ? -13.999 0.187   -3.234  1.00 20.76 ? 73  LEU A CG  1 
ATOM   527  C  CD1 . LEU A 1 73  ? -12.758 -0.151  -2.404  1.00 20.22 ? 73  LEU A CD1 1 
ATOM   528  C  CD2 . LEU A 1 73  ? -13.620 0.352   -4.702  1.00 19.70 ? 73  LEU A CD2 1 
ATOM   529  N  N   . VAL A 1 74  ? -15.255 0.670   -0.188  1.00 23.94 ? 74  VAL A N   1 
ATOM   530  C  CA  . VAL A 1 74  ? -15.339 1.975   0.440   1.00 22.70 ? 74  VAL A CA  1 
ATOM   531  C  C   . VAL A 1 74  ? -13.897 2.475   0.398   1.00 22.05 ? 74  VAL A C   1 
ATOM   532  O  O   . VAL A 1 74  ? -12.972 1.744   0.721   1.00 22.53 ? 74  VAL A O   1 
ATOM   533  C  CB  . VAL A 1 74  ? -15.842 1.888   1.899   1.00 21.20 ? 74  VAL A CB  1 
ATOM   534  C  CG1 . VAL A 1 74  ? -15.890 3.270   2.518   1.00 18.28 ? 74  VAL A CG1 1 
ATOM   535  C  CG2 . VAL A 1 74  ? -17.216 1.263   1.933   1.00 18.21 ? 74  VAL A CG2 1 
ATOM   536  N  N   . VAL A 1 75  ? -13.714 3.710   -0.035  1.00 22.26 ? 75  VAL A N   1 
ATOM   537  C  CA  . VAL A 1 75  ? -12.389 4.287   -0.145  1.00 23.78 ? 75  VAL A CA  1 
ATOM   538  C  C   . VAL A 1 75  ? -12.054 5.213   1.017   1.00 25.40 ? 75  VAL A C   1 
ATOM   539  O  O   . VAL A 1 75  ? -12.900 5.959   1.510   1.00 24.12 ? 75  VAL A O   1 
ATOM   540  C  CB  . VAL A 1 75  ? -12.263 5.075   -1.458  1.00 23.90 ? 75  VAL A CB  1 
ATOM   541  C  CG1 . VAL A 1 75  ? -10.930 5.808   -1.512  1.00 25.24 ? 75  VAL A CG1 1 
ATOM   542  C  CG2 . VAL A 1 75  ? -12.410 4.132   -2.625  1.00 23.27 ? 75  VAL A CG2 1 
ATOM   543  N  N   . ASP A 1 76  ? -10.801 5.161   1.446   1.00 26.86 ? 76  ASP A N   1 
ATOM   544  C  CA  . ASP A 1 76  ? -10.337 6.010   2.521   1.00 28.10 ? 76  ASP A CA  1 
ATOM   545  C  C   . ASP A 1 76  ? -9.652  7.214   1.866   1.00 28.33 ? 76  ASP A C   1 
ATOM   546  O  O   . ASP A 1 76  ? -8.647  7.056   1.184   1.00 28.77 ? 76  ASP A O   1 
ATOM   547  C  CB  . ASP A 1 76  ? -9.357  5.225   3.385   1.00 28.76 ? 76  ASP A CB  1 
ATOM   548  C  CG  . ASP A 1 76  ? -9.224  5.792   4.774   1.00 29.96 ? 76  ASP A CG  1 
ATOM   549  O  OD1 . ASP A 1 76  ? -9.279  4.999   5.742   1.00 26.18 ? 76  ASP A OD1 1 
ATOM   550  O  OD2 . ASP A 1 76  ? -9.056  7.028   4.892   1.00 32.32 ? 76  ASP A OD2 1 
ATOM   551  N  N   . LYS A 1 77  ? -10.207 8.409   2.072   1.00 28.72 ? 77  LYS A N   1 
ATOM   552  C  CA  . LYS A 1 77  ? -9.678  9.654   1.487   1.00 28.59 ? 77  LYS A CA  1 
ATOM   553  C  C   . LYS A 1 77  ? -8.535  10.313  2.281   1.00 28.45 ? 77  LYS A C   1 
ATOM   554  O  O   . LYS A 1 77  ? -7.514  10.689  1.721   1.00 28.07 ? 77  LYS A O   1 
ATOM   555  C  CB  . LYS A 1 77  ? -10.811 10.681  1.347   1.00 29.44 ? 77  LYS A CB  1 
ATOM   556  C  CG  . LYS A 1 77  ? -12.185 10.098  0.995   1.00 29.81 ? 77  LYS A CG  1 
ATOM   557  C  CD  . LYS A 1 77  ? -12.294 9.706   -0.470  1.00 29.79 ? 77  LYS A CD  1 
ATOM   558  C  CE  . LYS A 1 77  ? -13.669 9.128   -0.767  1.00 32.39 ? 77  LYS A CE  1 
ATOM   559  N  NZ  . LYS A 1 77  ? -14.769 10.090  -0.476  1.00 35.07 ? 77  LYS A NZ  1 
ATOM   560  N  N   . SER A 1 78  ? -8.742  10.477  3.583   1.00 28.24 ? 78  SER A N   1 
ATOM   561  C  CA  . SER A 1 78  ? -7.764  11.091  4.478   1.00 27.55 ? 78  SER A CA  1 
ATOM   562  C  C   . SER A 1 78  ? -6.303  10.860  4.081   1.00 26.35 ? 78  SER A C   1 
ATOM   563  O  O   . SER A 1 78  ? -5.921  9.767   3.682   1.00 25.48 ? 78  SER A O   1 
ATOM   564  C  CB  . SER A 1 78  ? -7.996  10.569  5.896   1.00 26.83 ? 78  SER A CB  1 
ATOM   565  O  OG  . SER A 1 78  ? -7.911  9.151   5.925   1.00 25.06 ? 78  SER A OG  1 
ATOM   566  N  N   . ASP A 1 79  ? -5.489  11.903  4.194   1.00 25.54 ? 79  ASP A N   1 
ATOM   567  C  CA  . ASP A 1 79  ? -4.068  11.820  3.859   1.00 25.91 ? 79  ASP A CA  1 
ATOM   568  C  C   . ASP A 1 79  ? -3.320  12.813  4.753   1.00 25.59 ? 79  ASP A C   1 
ATOM   569  O  O   . ASP A 1 79  ? -2.527  13.631  4.278   1.00 25.10 ? 79  ASP A O   1 
ATOM   570  C  CB  . ASP A 1 79  ? -3.838  12.167  2.379   1.00 25.32 ? 79  ASP A CB  1 
ATOM   571  C  CG  . ASP A 1 79  ? -2.406  11.877  1.918   1.00 25.66 ? 79  ASP A CG  1 
ATOM   572  O  OD1 . ASP A 1 79  ? -2.018  12.342  0.817   1.00 26.47 ? 79  ASP A OD1 1 
ATOM   573  O  OD2 . ASP A 1 79  ? -1.671  11.180  2.642   1.00 22.10 ? 79  ASP A OD2 1 
ATOM   574  N  N   . GLU A 1 80  ? -3.603  12.730  6.052   1.00 25.12 ? 80  GLU A N   1 
ATOM   575  C  CA  . GLU A 1 80  ? -2.996  13.592  7.054   1.00 24.65 ? 80  GLU A CA  1 
ATOM   576  C  C   . GLU A 1 80  ? -1.546  13.238  7.295   1.00 24.26 ? 80  GLU A C   1 
ATOM   577  O  O   . GLU A 1 80  ? -1.171  12.066  7.317   1.00 22.36 ? 80  GLU A O   1 
ATOM   578  C  CB  . GLU A 1 80  ? -3.746  13.481  8.382   1.00 28.98 ? 80  GLU A CB  1 
ATOM   579  C  CG  . GLU A 1 80  ? -5.137  14.041  8.340   1.00 33.09 ? 80  GLU A CG  1 
ATOM   580  C  CD  . GLU A 1 80  ? -5.148  15.404  7.703   1.00 38.51 ? 80  GLU A CD  1 
ATOM   581  O  OE1 . GLU A 1 80  ? -4.290  16.234  8.089   1.00 41.96 ? 80  GLU A OE1 1 
ATOM   582  O  OE2 . GLU A 1 80  ? -6.001  15.646  6.818   1.00 41.10 ? 80  GLU A OE2 1 
ATOM   583  N  N   . PRO A 1 81  ? -0.706  14.255  7.500   1.00 23.06 ? 81  PRO A N   1 
ATOM   584  C  CA  . PRO A 1 81  ? 0.723   14.033  7.744   1.00 22.16 ? 81  PRO A CA  1 
ATOM   585  C  C   . PRO A 1 81  ? 0.985   13.401  9.110   1.00 21.44 ? 81  PRO A C   1 
ATOM   586  O  O   . PRO A 1 81  ? 0.201   13.573  10.040  1.00 21.33 ? 81  PRO A O   1 
ATOM   587  C  CB  . PRO A 1 81  ? 1.305   15.437  7.630   1.00 21.88 ? 81  PRO A CB  1 
ATOM   588  C  CG  . PRO A 1 81  ? 0.183   16.290  8.189   1.00 22.00 ? 81  PRO A CG  1 
ATOM   589  C  CD  . PRO A 1 81  ? -1.042  15.690  7.537   1.00 21.86 ? 81  PRO A CD  1 
ATOM   590  N  N   . LEU A 1 82  ? 2.076   12.650  9.211   1.00 20.48 ? 82  LEU A N   1 
ATOM   591  C  CA  . LEU A 1 82  ? 2.472   12.007  10.457  1.00 19.64 ? 82  LEU A CA  1 
ATOM   592  C  C   . LEU A 1 82  ? 3.987   12.058  10.481  1.00 20.30 ? 82  LEU A C   1 
ATOM   593  O  O   . LEU A 1 82  ? 4.616   12.283  9.445   1.00 19.39 ? 82  LEU A O   1 
ATOM   594  C  CB  . LEU A 1 82  ? 2.003   10.554  10.511  1.00 18.44 ? 82  LEU A CB  1 
ATOM   595  C  CG  . LEU A 1 82  ? 2.621   9.561   9.523   1.00 17.21 ? 82  LEU A CG  1 
ATOM   596  C  CD1 . LEU A 1 82  ? 2.448   8.171   10.068  1.00 14.92 ? 82  LEU A CD1 1 
ATOM   597  C  CD2 . LEU A 1 82  ? 1.987   9.696   8.141   1.00 14.68 ? 82  LEU A CD2 1 
ATOM   598  N  N   . SER A 1 83  ? 4.580   11.861  11.652  1.00 20.59 ? 83  SER A N   1 
ATOM   599  C  CA  . SER A 1 83  ? 6.030   11.907  11.765  1.00 21.10 ? 83  SER A CA  1 
ATOM   600  C  C   . SER A 1 83  ? 6.626   10.533  11.933  1.00 20.69 ? 83  SER A C   1 
ATOM   601  O  O   . SER A 1 83  ? 6.200   9.779   12.804  1.00 22.67 ? 83  SER A O   1 
ATOM   602  C  CB  . SER A 1 83  ? 6.457   12.756  12.974  1.00 21.45 ? 83  SER A CB  1 
ATOM   603  O  OG  . SER A 1 83  ? 6.145   14.123  12.808  1.00 23.41 ? 83  SER A OG  1 
ATOM   604  N  N   . ILE A 1 84  ? 7.608   10.193  11.111  1.00 19.67 ? 84  ILE A N   1 
ATOM   605  C  CA  . ILE A 1 84  ? 8.261   8.902   11.283  1.00 18.61 ? 84  ILE A CA  1 
ATOM   606  C  C   . ILE A 1 84  ? 9.764   9.114   11.488  1.00 18.61 ? 84  ILE A C   1 
ATOM   607  O  O   . ILE A 1 84  ? 10.292  10.218  11.328  1.00 19.03 ? 84  ILE A O   1 
ATOM   608  C  CB  . ILE A 1 84  ? 7.996   7.932   10.086  1.00 19.42 ? 84  ILE A CB  1 
ATOM   609  C  CG1 . ILE A 1 84  ? 8.937   8.217   8.909   1.00 18.02 ? 84  ILE A CG1 1 
ATOM   610  C  CG2 . ILE A 1 84  ? 6.541   8.027   9.676   1.00 16.59 ? 84  ILE A CG2 1 
ATOM   611  C  CD1 . ILE A 1 84  ? 8.709   9.523   8.222   1.00 25.12 ? 84  ILE A CD1 1 
ATOM   612  N  N   . LEU A 1 85  ? 10.452  8.060   11.877  1.00 18.16 ? 85  LEU A N   1 
ATOM   613  C  CA  . LEU A 1 85  ? 11.876  8.164   12.099  1.00 17.04 ? 85  LEU A CA  1 
ATOM   614  C  C   . LEU A 1 85  ? 12.632  7.363   11.051  1.00 16.50 ? 85  LEU A C   1 
ATOM   615  O  O   . LEU A 1 85  ? 12.135  6.358   10.533  1.00 18.13 ? 85  LEU A O   1 
ATOM   616  C  CB  . LEU A 1 85  ? 12.228  7.638   13.496  1.00 16.85 ? 85  LEU A CB  1 
ATOM   617  C  CG  . LEU A 1 85  ? 11.760  8.413   14.738  1.00 15.69 ? 85  LEU A CG  1 
ATOM   618  C  CD1 . LEU A 1 85  ? 12.205  7.666   15.990  1.00 14.23 ? 85  LEU A CD1 1 
ATOM   619  C  CD2 . LEU A 1 85  ? 12.344  9.829   14.743  1.00 13.97 ? 85  LEU A CD2 1 
ATOM   620  N  N   . VAL A 1 86  ? 13.825  7.830   10.718  1.00 16.79 ? 86  VAL A N   1 
ATOM   621  C  CA  . VAL A 1 86  ? 14.672  7.115   9.789   1.00 16.09 ? 86  VAL A CA  1 
ATOM   622  C  C   . VAL A 1 86  ? 16.033  7.085   10.468  1.00 17.31 ? 86  VAL A C   1 
ATOM   623  O  O   . VAL A 1 86  ? 16.610  8.123   10.767  1.00 16.84 ? 86  VAL A O   1 
ATOM   624  C  CB  . VAL A 1 86  ? 14.775  7.814   8.432   1.00 16.31 ? 86  VAL A CB  1 
ATOM   625  C  CG1 . VAL A 1 86  ? 15.628  6.983   7.502   1.00 14.09 ? 86  VAL A CG1 1 
ATOM   626  C  CG2 . VAL A 1 86  ? 13.403  8.003   7.836   1.00 15.70 ? 86  VAL A CG2 1 
ATOM   627  N  N   . ARG A 1 87  ? 16.523  5.887   10.739  1.00 20.88 ? 87  ARG A N   1 
ATOM   628  C  CA  . ARG A 1 87  ? 17.803  5.709   11.404  1.00 23.80 ? 87  ARG A CA  1 
ATOM   629  C  C   . ARG A 1 87  ? 18.897  5.537   10.359  1.00 23.68 ? 87  ARG A C   1 
ATOM   630  O  O   . ARG A 1 87  ? 18.796  4.667   9.498   1.00 22.43 ? 87  ARG A O   1 
ATOM   631  C  CB  . ARG A 1 87  ? 17.710  4.481   12.313  1.00 27.62 ? 87  ARG A CB  1 
ATOM   632  C  CG  . ARG A 1 87  ? 18.806  4.336   13.334  1.00 33.00 ? 87  ARG A CG  1 
ATOM   633  C  CD  . ARG A 1 87  ? 18.386  3.316   14.375  1.00 38.71 ? 87  ARG A CD  1 
ATOM   634  N  NE  . ARG A 1 87  ? 17.288  3.814   15.202  1.00 43.59 ? 87  ARG A NE  1 
ATOM   635  C  CZ  . ARG A 1 87  ? 17.445  4.404   16.386  1.00 46.72 ? 87  ARG A CZ  1 
ATOM   636  N  NH1 . ARG A 1 87  ? 16.383  4.832   17.065  1.00 47.27 ? 87  ARG A NH1 1 
ATOM   637  N  NH2 . ARG A 1 87  ? 18.661  4.553   16.906  1.00 48.08 ? 87  ARG A NH2 1 
ATOM   638  N  N   . ASN A 1 88  ? 19.937  6.367   10.437  1.00 24.25 ? 88  ASN A N   1 
ATOM   639  C  CA  . ASN A 1 88  ? 21.043  6.305   9.475   1.00 24.46 ? 88  ASN A CA  1 
ATOM   640  C  C   . ASN A 1 88  ? 22.125  5.279   9.809   1.00 26.32 ? 88  ASN A C   1 
ATOM   641  O  O   . ASN A 1 88  ? 22.082  4.611   10.845  1.00 26.20 ? 88  ASN A O   1 
ATOM   642  C  CB  . ASN A 1 88  ? 21.723  7.673   9.336   1.00 21.19 ? 88  ASN A CB  1 
ATOM   643  C  CG  . ASN A 1 88  ? 22.592  8.036   10.548  1.00 18.30 ? 88  ASN A CG  1 
ATOM   644  O  OD1 . ASN A 1 88  ? 22.916  7.187   11.393  1.00 19.38 ? 88  ASN A OD1 1 
ATOM   645  N  ND2 . ASN A 1 88  ? 22.981  9.303   10.624  1.00 12.57 ? 88  ASN A ND2 1 
ATOM   646  N  N   . ASN A 1 89  ? 23.105  5.191   8.914   1.00 27.44 ? 89  ASN A N   1 
ATOM   647  C  CA  . ASN A 1 89  ? 24.247  4.295   9.053   1.00 29.98 ? 89  ASN A CA  1 
ATOM   648  C  C   . ASN A 1 89  ? 24.844  4.276   10.470  1.00 29.56 ? 89  ASN A C   1 
ATOM   649  O  O   . ASN A 1 89  ? 25.088  3.207   11.032  1.00 29.69 ? 89  ASN A O   1 
ATOM   650  C  CB  . ASN A 1 89  ? 25.323  4.707   8.035   1.00 33.19 ? 89  ASN A CB  1 
ATOM   651  C  CG  . ASN A 1 89  ? 26.695  4.128   8.356   1.00 36.72 ? 89  ASN A CG  1 
ATOM   652  O  OD1 . ASN A 1 89  ? 26.844  2.910   8.548   1.00 38.47 ? 89  ASN A OD1 1 
ATOM   653  N  ND2 . ASN A 1 89  ? 27.713  5.002   8.407   1.00 34.39 ? 89  ASN A ND2 1 
ATOM   654  N  N   . LYS A 1 90  ? 25.074  5.461   11.036  1.00 30.24 ? 90  LYS A N   1 
ATOM   655  C  CA  . LYS A 1 90  ? 25.656  5.603   12.373  1.00 30.48 ? 90  LYS A CA  1 
ATOM   656  C  C   . LYS A 1 90  ? 24.697  5.240   13.497  1.00 29.15 ? 90  LYS A C   1 
ATOM   657  O  O   . LYS A 1 90  ? 25.104  5.147   14.648  1.00 28.67 ? 90  LYS A O   1 
ATOM   658  C  CB  . LYS A 1 90  ? 26.139  7.043   12.589  1.00 32.73 ? 90  LYS A CB  1 
ATOM   659  C  CG  . LYS A 1 90  ? 27.297  7.482   11.702  1.00 34.37 ? 90  LYS A CG  1 
ATOM   660  C  CD  . LYS A 1 90  ? 28.646  7.183   12.346  1.00 39.67 ? 90  LYS A CD  1 
ATOM   661  C  CE  . LYS A 1 90  ? 28.880  5.688   12.545  1.00 40.91 ? 90  LYS A CE  1 
ATOM   662  N  NZ  . LYS A 1 90  ? 30.219  5.431   13.172  1.00 46.13 ? 90  LYS A NZ  1 
ATOM   663  N  N   . GLY A 1 91  ? 23.423  5.059   13.166  1.00 29.37 ? 91  GLY A N   1 
ATOM   664  C  CA  . GLY A 1 91  ? 22.442  4.708   14.179  1.00 26.75 ? 91  GLY A CA  1 
ATOM   665  C  C   . GLY A 1 91  ? 21.601  5.881   14.662  1.00 27.54 ? 91  GLY A C   1 
ATOM   666  O  O   . GLY A 1 91  ? 20.682  5.686   15.457  1.00 25.96 ? 91  GLY A O   1 
ATOM   667  N  N   . ARG A 1 92  ? 21.910  7.094   14.196  1.00 27.02 ? 92  ARG A N   1 
ATOM   668  C  CA  . ARG A 1 92  ? 21.159  8.293   14.587  1.00 27.10 ? 92  ARG A CA  1 
ATOM   669  C  C   . ARG A 1 92  ? 19.863  8.361   13.781  1.00 26.32 ? 92  ARG A C   1 
ATOM   670  O  O   . ARG A 1 92  ? 19.885  8.229   12.560  1.00 26.25 ? 92  ARG A O   1 
ATOM   671  C  CB  . ARG A 1 92  ? 21.952  9.570   14.284  1.00 26.99 ? 92  ARG A CB  1 
ATOM   672  C  CG  . ARG A 1 92  ? 23.389  9.609   14.762  1.00 32.21 ? 92  ARG A CG  1 
ATOM   673  C  CD  . ARG A 1 92  ? 23.498  9.893   16.242  1.00 36.89 ? 92  ARG A CD  1 
ATOM   674  N  NE  . ARG A 1 92  ? 24.892  10.060  16.652  1.00 42.14 ? 92  ARG A NE  1 
ATOM   675  C  CZ  . ARG A 1 92  ? 25.776  9.070   16.769  1.00 44.47 ? 92  ARG A CZ  1 
ATOM   676  N  NH1 . ARG A 1 92  ? 25.426  7.806   16.513  1.00 42.50 ? 92  ARG A NH1 1 
ATOM   677  N  NH2 . ARG A 1 92  ? 27.021  9.347   17.137  1.00 45.27 ? 92  ARG A NH2 1 
ATOM   678  N  N   . SER A 1 93  ? 18.740  8.575   14.451  1.00 25.52 ? 93  SER A N   1 
ATOM   679  C  CA  . SER A 1 93  ? 17.466  8.679   13.749  1.00 24.23 ? 93  SER A CA  1 
ATOM   680  C  C   . SER A 1 93  ? 17.091  10.155  13.611  1.00 24.24 ? 93  SER A C   1 
ATOM   681  O  O   . SER A 1 93  ? 17.539  10.988  14.398  1.00 25.27 ? 93  SER A O   1 
ATOM   682  C  CB  . SER A 1 93  ? 16.367  7.932   14.515  1.00 23.31 ? 93  SER A CB  1 
ATOM   683  O  OG  . SER A 1 93  ? 16.217  8.458   15.821  1.00 24.30 ? 93  SER A OG  1 
ATOM   684  N  N   . SER A 1 94  ? 16.285  10.474  12.604  1.00 24.60 ? 94  SER A N   1 
ATOM   685  C  CA  . SER A 1 94  ? 15.841  11.848  12.368  1.00 24.94 ? 94  SER A CA  1 
ATOM   686  C  C   . SER A 1 94  ? 14.353  11.810  12.089  1.00 24.18 ? 94  SER A C   1 
ATOM   687  O  O   . SER A 1 94  ? 13.857  10.827  11.547  1.00 23.30 ? 94  SER A O   1 
ATOM   688  C  CB  . SER A 1 94  ? 16.566  12.452  11.166  1.00 26.60 ? 94  SER A CB  1 
ATOM   689  O  OG  . SER A 1 94  ? 17.959  12.540  11.394  1.00 28.52 ? 94  SER A OG  1 
ATOM   690  N  N   . THR A 1 95  ? 13.641  12.872  12.453  1.00 23.13 ? 95  THR A N   1 
ATOM   691  C  CA  . THR A 1 95  ? 12.198  12.914  12.243  1.00 23.35 ? 95  THR A CA  1 
ATOM   692  C  C   . THR A 1 95  ? 11.847  13.478  10.888  1.00 23.37 ? 95  THR A C   1 
ATOM   693  O  O   . THR A 1 95  ? 12.401  14.489  10.465  1.00 23.95 ? 95  THR A O   1 
ATOM   694  C  CB  . THR A 1 95  ? 11.473  13.777  13.294  1.00 23.03 ? 95  THR A CB  1 
ATOM   695  O  OG1 . THR A 1 95  ? 11.784  13.299  14.608  1.00 24.81 ? 95  THR A OG1 1 
ATOM   696  C  CG2 . THR A 1 95  ? 9.958   13.695  13.092  1.00 24.95 ? 95  THR A CG2 1 
ATOM   697  N  N   . TYR A 1 96  ? 10.916  12.816  10.212  1.00 21.95 ? 96  TYR A N   1 
ATOM   698  C  CA  . TYR A 1 96  ? 10.459  13.261  8.909   1.00 19.94 ? 96  TYR A CA  1 
ATOM   699  C  C   . TYR A 1 96  ? 8.949   13.375  8.949   1.00 19.42 ? 96  TYR A C   1 
ATOM   700  O  O   . TYR A 1 96  ? 8.274   12.526  9.532   1.00 19.04 ? 96  TYR A O   1 
ATOM   701  C  CB  . TYR A 1 96  ? 10.838  12.258  7.815   1.00 19.87 ? 96  TYR A CB  1 
ATOM   702  C  CG  . TYR A 1 96  ? 12.312  12.176  7.527   1.00 21.82 ? 96  TYR A CG  1 
ATOM   703  C  CD1 . TYR A 1 96  ? 13.194  11.643  8.461   1.00 23.49 ? 96  TYR A CD1 1 
ATOM   704  C  CD2 . TYR A 1 96  ? 12.836  12.671  6.331   1.00 22.26 ? 96  TYR A CD2 1 
ATOM   705  C  CE1 . TYR A 1 96  ? 14.561  11.603  8.215   1.00 23.41 ? 96  TYR A CE1 1 
ATOM   706  C  CE2 . TYR A 1 96  ? 14.205  12.635  6.073   1.00 22.61 ? 96  TYR A CE2 1 
ATOM   707  C  CZ  . TYR A 1 96  ? 15.062  12.108  7.024   1.00 22.95 ? 96  TYR A CZ  1 
ATOM   708  O  OH  . TYR A 1 96  ? 16.424  12.109  6.805   1.00 24.55 ? 96  TYR A OH  1 
ATOM   709  N  N   . GLU A 1 97  ? 8.413   14.435  8.356   1.00 19.52 ? 97  GLU A N   1 
ATOM   710  C  CA  . GLU A 1 97  ? 6.972   14.573  8.294   1.00 20.91 ? 97  GLU A CA  1 
ATOM   711  C  C   . GLU A 1 97  ? 6.614   14.027  6.922   1.00 20.50 ? 97  GLU A C   1 
ATOM   712  O  O   . GLU A 1 97  ? 7.133   14.497  5.917   1.00 20.34 ? 97  GLU A O   1 
ATOM   713  C  CB  . GLU A 1 97  ? 6.527   16.028  8.398   1.00 22.31 ? 97  GLU A CB  1 
ATOM   714  C  CG  . GLU A 1 97  ? 5.027   16.170  8.141   1.00 27.68 ? 97  GLU A CG  1 
ATOM   715  C  CD  . GLU A 1 97  ? 4.559   17.612  8.054   1.00 31.79 ? 97  GLU A CD  1 
ATOM   716  O  OE1 . GLU A 1 97  ? 5.224   18.411  7.355   1.00 34.28 ? 97  GLU A OE1 1 
ATOM   717  O  OE2 . GLU A 1 97  ? 3.520   17.942  8.671   1.00 32.71 ? 97  GLU A OE2 1 
ATOM   718  N  N   . VAL A 1 98  ? 5.745   13.023  6.885   1.00 19.77 ? 98  VAL A N   1 
ATOM   719  C  CA  . VAL A 1 98  ? 5.347   12.408  5.624   1.00 18.62 ? 98  VAL A CA  1 
ATOM   720  C  C   . VAL A 1 98  ? 3.853   12.134  5.543   1.00 17.90 ? 98  VAL A C   1 
ATOM   721  O  O   . VAL A 1 98  ? 3.108   12.307  6.509   1.00 17.76 ? 98  VAL A O   1 
ATOM   722  C  CB  . VAL A 1 98  ? 6.072   11.056  5.402   1.00 20.19 ? 98  VAL A CB  1 
ATOM   723  C  CG1 . VAL A 1 98  ? 7.593   11.240  5.526   1.00 18.85 ? 98  VAL A CG1 1 
ATOM   724  C  CG2 . VAL A 1 98  ? 5.564   10.014  6.415   1.00 17.21 ? 98  VAL A CG2 1 
ATOM   725  N  N   . ARG A 1 99  ? 3.434   11.711  4.358   1.00 18.69 ? 99  ARG A N   1 
ATOM   726  C  CA  . ARG A 1 99  ? 2.047   11.352  4.082   1.00 18.30 ? 99  ARG A CA  1 
ATOM   727  C  C   . ARG A 1 99  ? 2.134   9.903   3.626   1.00 17.26 ? 99  ARG A C   1 
ATOM   728  O  O   . ARG A 1 99  ? 3.122   9.500   2.998   1.00 15.83 ? 99  ARG A O   1 
ATOM   729  C  CB  . ARG A 1 99  ? 1.476   12.199  2.951   1.00 19.00 ? 99  ARG A CB  1 
ATOM   730  C  CG  . ARG A 1 99  ? 1.684   13.675  3.124   1.00 21.79 ? 99  ARG A CG  1 
ATOM   731  C  CD  . ARG A 1 99  ? 0.429   14.375  3.555   1.00 22.07 ? 99  ARG A CD  1 
ATOM   732  N  NE  . ARG A 1 99  ? 0.654   15.815  3.628   1.00 25.11 ? 99  ARG A NE  1 
ATOM   733  C  CZ  . ARG A 1 99  ? -0.305  16.718  3.797   1.00 27.84 ? 99  ARG A CZ  1 
ATOM   734  N  NH1 . ARG A 1 99  ? 0.007   18.005  3.850   1.00 28.63 ? 99  ARG A NH1 1 
ATOM   735  N  NH2 . ARG A 1 99  ? -1.575  16.340  3.908   1.00 28.38 ? 99  ARG A NH2 1 
ATOM   736  N  N   . LEU A 1 100 ? 1.115   9.118   3.945   1.00 15.61 ? 100 LEU A N   1 
ATOM   737  C  CA  . LEU A 1 100 ? 1.126   7.728   3.549   1.00 15.64 ? 100 LEU A CA  1 
ATOM   738  C  C   . LEU A 1 100 ? 0.993   7.526   2.041   1.00 16.88 ? 100 LEU A C   1 
ATOM   739  O  O   . LEU A 1 100 ? 1.240   6.434   1.533   1.00 17.47 ? 100 LEU A O   1 
ATOM   740  C  CB  . LEU A 1 100 ? 0.036   6.971   4.302   1.00 12.29 ? 100 LEU A CB  1 
ATOM   741  C  CG  . LEU A 1 100 ? 0.366   6.748   5.789   1.00 11.30 ? 100 LEU A CG  1 
ATOM   742  C  CD1 . LEU A 1 100 ? -0.619  5.734   6.388   1.00 6.00  ? 100 LEU A CD1 1 
ATOM   743  C  CD2 . LEU A 1 100 ? 1.821   6.242   5.931   1.00 6.62  ? 100 LEU A CD2 1 
ATOM   744  N  N   . THR A 1 101 ? 0.617   8.575   1.317   1.00 16.33 ? 101 THR A N   1 
ATOM   745  C  CA  . THR A 1 101 ? 0.484   8.462   -0.128  1.00 17.57 ? 101 THR A CA  1 
ATOM   746  C  C   . THR A 1 101 ? 1.760   8.771   -0.907  1.00 16.84 ? 101 THR A C   1 
ATOM   747  O  O   . THR A 1 101 ? 1.815   8.528   -2.105  1.00 17.35 ? 101 THR A O   1 
ATOM   748  C  CB  . THR A 1 101 ? -0.628  9.379   -0.678  1.00 18.29 ? 101 THR A CB  1 
ATOM   749  O  OG1 . THR A 1 101 ? -0.455  10.713  -0.180  1.00 20.66 ? 101 THR A OG1 1 
ATOM   750  C  CG2 . THR A 1 101 ? -1.986  8.846   -0.288  1.00 20.83 ? 101 THR A CG2 1 
ATOM   751  N  N   . GLN A 1 102 ? 2.781   9.314   -0.253  1.00 15.35 ? 102 GLN A N   1 
ATOM   752  C  CA  . GLN A 1 102 ? 4.001   9.621   -0.979  1.00 13.77 ? 102 GLN A CA  1 
ATOM   753  C  C   . GLN A 1 102 ? 4.766   8.332   -1.212  1.00 13.32 ? 102 GLN A C   1 
ATOM   754  O  O   . GLN A 1 102 ? 4.583   7.356   -0.489  1.00 12.39 ? 102 GLN A O   1 
ATOM   755  C  CB  . GLN A 1 102 ? 4.866   10.615  -0.216  1.00 15.12 ? 102 GLN A CB  1 
ATOM   756  C  CG  . GLN A 1 102 ? 5.819   10.006  0.800   1.00 16.52 ? 102 GLN A CG  1 
ATOM   757  C  CD  . GLN A 1 102 ? 6.636   11.074  1.502   1.00 15.94 ? 102 GLN A CD  1 
ATOM   758  O  OE1 . GLN A 1 102 ? 6.093   11.900  2.244   1.00 16.29 ? 102 GLN A OE1 1 
ATOM   759  N  NE2 . GLN A 1 102 ? 7.945   11.072  1.267   1.00 15.85 ? 102 GLN A NE2 1 
ATOM   760  N  N   . THR A 1 103 ? 5.627   8.331   -2.221  1.00 13.33 ? 103 THR A N   1 
ATOM   761  C  CA  . THR A 1 103 ? 6.385   7.141   -2.553  1.00 12.08 ? 103 THR A CA  1 
ATOM   762  C  C   . THR A 1 103 ? 7.662   6.981   -1.768  1.00 11.85 ? 103 THR A C   1 
ATOM   763  O  O   . THR A 1 103 ? 8.198   7.928   -1.197  1.00 11.69 ? 103 THR A O   1 
ATOM   764  C  CB  . THR A 1 103 ? 6.762   7.101   -4.057  1.00 13.46 ? 103 THR A CB  1 
ATOM   765  O  OG1 . THR A 1 103 ? 7.827   8.026   -4.313  1.00 13.51 ? 103 THR A OG1 1 
ATOM   766  C  CG2 . THR A 1 103 ? 5.555   7.452   -4.921  1.00 10.76 ? 103 THR A CG2 1 
ATOM   767  N  N   . VAL A 1 104 ? 8.140   5.746   -1.757  1.00 13.06 ? 104 VAL A N   1 
ATOM   768  C  CA  . VAL A 1 104 ? 9.386   5.386   -1.101  1.00 11.50 ? 104 VAL A CA  1 
ATOM   769  C  C   . VAL A 1 104 ? 10.496  6.226   -1.744  1.00 12.39 ? 104 VAL A C   1 
ATOM   770  O  O   . VAL A 1 104 ? 11.345  6.775   -1.051  1.00 11.98 ? 104 VAL A O   1 
ATOM   771  C  CB  . VAL A 1 104 ? 9.669   3.862   -1.289  1.00 9.48  ? 104 VAL A CB  1 
ATOM   772  C  CG1 . VAL A 1 104 ? 11.061  3.497   -0.791  1.00 7.98  ? 104 VAL A CG1 1 
ATOM   773  C  CG2 . VAL A 1 104 ? 8.612   3.048   -0.550  1.00 7.05  ? 104 VAL A CG2 1 
ATOM   774  N  N   . ALA A 1 105 ? 10.467  6.343   -3.071  1.00 14.79 ? 105 ALA A N   1 
ATOM   775  C  CA  . ALA A 1 105 ? 11.473  7.118   -3.796  1.00 13.86 ? 105 ALA A CA  1 
ATOM   776  C  C   . ALA A 1 105 ? 11.535  8.565   -3.306  1.00 14.29 ? 105 ALA A C   1 
ATOM   777  O  O   . ALA A 1 105 ? 12.614  9.148   -3.189  1.00 14.56 ? 105 ALA A O   1 
ATOM   778  C  CB  . ALA A 1 105 ? 11.186  7.086   -5.293  1.00 10.59 ? 105 ALA A CB  1 
ATOM   779  N  N   . HIS A 1 106 ? 10.369  9.133   -3.020  1.00 14.59 ? 106 HIS A N   1 
ATOM   780  C  CA  . HIS A 1 106 ? 10.252  10.511  -2.538  1.00 13.29 ? 106 HIS A CA  1 
ATOM   781  C  C   . HIS A 1 106 ? 10.900  10.642  -1.147  1.00 14.19 ? 106 HIS A C   1 
ATOM   782  O  O   . HIS A 1 106 ? 11.610  11.609  -0.863  1.00 13.19 ? 106 HIS A O   1 
ATOM   783  C  CB  . HIS A 1 106 ? 8.771   10.882  -2.480  1.00 12.46 ? 106 HIS A CB  1 
ATOM   784  C  CG  . HIS A 1 106 ? 8.508   12.330  -2.210  1.00 11.95 ? 106 HIS A CG  1 
ATOM   785  N  ND1 . HIS A 1 106 ? 7.244   12.868  -2.260  1.00 13.45 ? 106 HIS A ND1 1 
ATOM   786  C  CD2 . HIS A 1 106 ? 9.338   13.339  -1.866  1.00 13.93 ? 106 HIS A CD2 1 
ATOM   787  C  CE1 . HIS A 1 106 ? 7.301   14.152  -1.957  1.00 13.68 ? 106 HIS A CE1 1 
ATOM   788  N  NE2 . HIS A 1 106 ? 8.565   14.462  -1.713  1.00 13.99 ? 106 HIS A NE2 1 
ATOM   789  N  N   . LEU A 1 107 ? 10.641  9.653   -0.295  1.00 13.64 ? 107 LEU A N   1 
ATOM   790  C  CA  . LEU A 1 107 ? 11.196  9.621   1.050   1.00 14.60 ? 107 LEU A CA  1 
ATOM   791  C  C   . LEU A 1 107 ? 12.719  9.559   0.936   1.00 16.82 ? 107 LEU A C   1 
ATOM   792  O  O   . LEU A 1 107 ? 13.440  10.283  1.630   1.00 17.13 ? 107 LEU A O   1 
ATOM   793  C  CB  . LEU A 1 107 ? 10.699  8.381   1.790   1.00 14.17 ? 107 LEU A CB  1 
ATOM   794  C  CG  . LEU A 1 107 ? 10.504  8.427   3.308   1.00 16.81 ? 107 LEU A CG  1 
ATOM   795  C  CD1 . LEU A 1 107 ? 10.727  7.029   3.878   1.00 15.27 ? 107 LEU A CD1 1 
ATOM   796  C  CD2 . LEU A 1 107 ? 11.449  9.411   3.954   1.00 16.59 ? 107 LEU A CD2 1 
ATOM   797  N  N   . LYS A 1 108 ? 13.202  8.690   0.049   1.00 17.93 ? 108 LYS A N   1 
ATOM   798  C  CA  . LYS A 1 108 ? 14.634  8.541   -0.152  1.00 18.40 ? 108 LYS A CA  1 
ATOM   799  C  C   . LYS A 1 108 ? 15.264  9.882   -0.492  1.00 19.53 ? 108 LYS A C   1 
ATOM   800  O  O   . LYS A 1 108 ? 16.318  10.237  0.041   1.00 20.63 ? 108 LYS A O   1 
ATOM   801  C  CB  . LYS A 1 108 ? 14.923  7.547   -1.274  1.00 18.34 ? 108 LYS A CB  1 
ATOM   802  C  CG  . LYS A 1 108 ? 14.599  6.113   -0.937  1.00 19.58 ? 108 LYS A CG  1 
ATOM   803  C  CD  . LYS A 1 108 ? 15.068  5.159   -2.028  1.00 22.10 ? 108 LYS A CD  1 
ATOM   804  C  CE  . LYS A 1 108 ? 16.590  5.097   -2.098  1.00 23.37 ? 108 LYS A CE  1 
ATOM   805  N  NZ  . LYS A 1 108 ? 17.065  4.026   -3.011  1.00 24.27 ? 108 LYS A NZ  1 
ATOM   806  N  N   . GLN A 1 109 ? 14.612  10.629  -1.377  1.00 21.06 ? 109 GLN A N   1 
ATOM   807  C  CA  . GLN A 1 109 ? 15.120  11.931  -1.787  1.00 21.56 ? 109 GLN A CA  1 
ATOM   808  C  C   . GLN A 1 109 ? 15.250  12.834  -0.565  1.00 22.01 ? 109 GLN A C   1 
ATOM   809  O  O   . GLN A 1 109 ? 16.257  13.521  -0.394  1.00 22.72 ? 109 GLN A O   1 
ATOM   810  C  CB  . GLN A 1 109 ? 14.186  12.566  -2.819  1.00 21.89 ? 109 GLN A CB  1 
ATOM   811  C  CG  . GLN A 1 109 ? 14.901  13.491  -3.785  1.00 25.98 ? 109 GLN A CG  1 
ATOM   812  C  CD  . GLN A 1 109 ? 15.984  12.771  -4.555  1.00 26.12 ? 109 GLN A CD  1 
ATOM   813  O  OE1 . GLN A 1 109 ? 15.715  11.807  -5.264  1.00 26.14 ? 109 GLN A OE1 1 
ATOM   814  N  NE2 . GLN A 1 109 ? 17.218  13.227  -4.410  1.00 26.39 ? 109 GLN A NE2 1 
ATOM   815  N  N   . GLN A 1 110 ? 14.239  12.814  0.297   1.00 22.47 ? 110 GLN A N   1 
ATOM   816  C  CA  . GLN A 1 110 ? 14.268  13.636  1.497   1.00 22.43 ? 110 GLN A CA  1 
ATOM   817  C  C   . GLN A 1 110 ? 15.419  13.196  2.385   1.00 22.03 ? 110 GLN A C   1 
ATOM   818  O  O   . GLN A 1 110 ? 16.199  14.019  2.853   1.00 23.19 ? 110 GLN A O   1 
ATOM   819  C  CB  . GLN A 1 110 ? 12.954  13.514  2.273   1.00 22.75 ? 110 GLN A CB  1 
ATOM   820  C  CG  . GLN A 1 110 ? 11.723  13.808  1.448   1.00 25.56 ? 110 GLN A CG  1 
ATOM   821  C  CD  . GLN A 1 110 ? 10.479  13.973  2.297   1.00 26.26 ? 110 GLN A CD  1 
ATOM   822  O  OE1 . GLN A 1 110 ? 10.052  15.088  2.561   1.00 27.66 ? 110 GLN A OE1 1 
ATOM   823  N  NE2 . GLN A 1 110 ? 9.899   12.858  2.738   1.00 25.57 ? 110 GLN A NE2 1 
ATOM   824  N  N   . VAL A 1 111 ? 15.510  11.888  2.613   1.00 20.79 ? 111 VAL A N   1 
ATOM   825  C  CA  . VAL A 1 111 ? 16.565  11.324  3.445   1.00 19.61 ? 111 VAL A CA  1 
ATOM   826  C  C   . VAL A 1 111 ? 17.907  11.748  2.863   1.00 19.97 ? 111 VAL A C   1 
ATOM   827  O  O   . VAL A 1 111 ? 18.747  12.313  3.558   1.00 20.56 ? 111 VAL A O   1 
ATOM   828  C  CB  . VAL A 1 111 ? 16.483  9.762   3.499   1.00 19.48 ? 111 VAL A CB  1 
ATOM   829  C  CG1 . VAL A 1 111 ? 17.682  9.198   4.253   1.00 17.92 ? 111 VAL A CG1 1 
ATOM   830  C  CG2 . VAL A 1 111 ? 15.192  9.317   4.192   1.00 16.97 ? 111 VAL A CG2 1 
ATOM   831  N  N   . SER A 1 112 ? 18.084  11.482  1.576   1.00 19.05 ? 112 SER A N   1 
ATOM   832  C  CA  . SER A 1 112 ? 19.306  11.827  0.873   1.00 19.64 ? 112 SER A CA  1 
ATOM   833  C  C   . SER A 1 112 ? 19.690  13.282  1.141   1.00 20.95 ? 112 SER A C   1 
ATOM   834  O  O   . SER A 1 112 ? 20.796  13.571  1.601   1.00 22.57 ? 112 SER A O   1 
ATOM   835  C  CB  . SER A 1 112 ? 19.114  11.584  -0.633  1.00 19.99 ? 112 SER A CB  1 
ATOM   836  O  OG  . SER A 1 112 ? 20.234  12.007  -1.384  1.00 22.85 ? 112 SER A OG  1 
ATOM   837  N  N   . GLY A 1 113 ? 18.767  14.193  0.867   1.00 19.60 ? 113 GLY A N   1 
ATOM   838  C  CA  . GLY A 1 113 ? 19.048  15.596  1.081   1.00 19.14 ? 113 GLY A CA  1 
ATOM   839  C  C   . GLY A 1 113 ? 19.482  15.924  2.497   1.00 20.38 ? 113 GLY A C   1 
ATOM   840  O  O   . GLY A 1 113 ? 20.289  16.831  2.705   1.00 19.42 ? 113 GLY A O   1 
ATOM   841  N  N   . LEU A 1 114 ? 18.956  15.190  3.475   1.00 21.29 ? 114 LEU A N   1 
ATOM   842  C  CA  . LEU A 1 114 ? 19.290  15.445  4.871   1.00 23.07 ? 114 LEU A CA  1 
ATOM   843  C  C   . LEU A 1 114 ? 20.574  14.775  5.346   1.00 23.00 ? 114 LEU A C   1 
ATOM   844  O  O   . LEU A 1 114 ? 21.283  15.310  6.191   1.00 22.20 ? 114 LEU A O   1 
ATOM   845  C  CB  . LEU A 1 114 ? 18.130  15.026  5.778   1.00 23.43 ? 114 LEU A CB  1 
ATOM   846  C  CG  . LEU A 1 114 ? 18.355  15.280  7.274   1.00 25.68 ? 114 LEU A CG  1 
ATOM   847  C  CD1 . LEU A 1 114 ? 17.025  15.573  7.953   1.00 25.72 ? 114 LEU A CD1 1 
ATOM   848  C  CD2 . LEU A 1 114 ? 19.054  14.080  7.920   1.00 24.71 ? 114 LEU A CD2 1 
ATOM   849  N  N   . GLU A 1 115 ? 20.863  13.604  4.796   1.00 24.70 ? 115 GLU A N   1 
ATOM   850  C  CA  . GLU A 1 115 ? 22.044  12.841  5.169   1.00 25.64 ? 115 GLU A CA  1 
ATOM   851  C  C   . GLU A 1 115 ? 23.227  13.101  4.233   1.00 26.28 ? 115 GLU A C   1 
ATOM   852  O  O   . GLU A 1 115 ? 24.308  12.546  4.427   1.00 27.13 ? 115 GLU A O   1 
ATOM   853  C  CB  . GLU A 1 115 ? 21.711  11.348  5.163   1.00 25.80 ? 115 GLU A CB  1 
ATOM   854  C  CG  . GLU A 1 115 ? 22.168  10.608  6.410   1.00 30.76 ? 115 GLU A CG  1 
ATOM   855  C  CD  . GLU A 1 115 ? 21.314  10.917  7.628   1.00 30.04 ? 115 GLU A CD  1 
ATOM   856  O  OE1 . GLU A 1 115 ? 21.888  11.139  8.710   1.00 30.43 ? 115 GLU A OE1 1 
ATOM   857  O  OE2 . GLU A 1 115 ? 20.073  10.930  7.508   1.00 32.33 ? 115 GLU A OE2 1 
ATOM   858  N  N   . GLY A 1 116 ? 23.020  13.940  3.219   1.00 26.10 ? 116 GLY A N   1 
ATOM   859  C  CA  . GLY A 1 116 ? 24.084  14.239  2.280   1.00 25.27 ? 116 GLY A CA  1 
ATOM   860  C  C   . GLY A 1 116 ? 24.620  12.998  1.593   1.00 26.42 ? 116 GLY A C   1 
ATOM   861  O  O   . GLY A 1 116 ? 25.798  12.928  1.242   1.00 26.92 ? 116 GLY A O   1 
ATOM   862  N  N   . VAL A 1 117 ? 23.756  12.009  1.403   1.00 27.37 ? 117 VAL A N   1 
ATOM   863  C  CA  . VAL A 1 117 ? 24.158  10.773  0.752   1.00 28.57 ? 117 VAL A CA  1 
ATOM   864  C  C   . VAL A 1 117 ? 23.300  10.548  -0.476  1.00 30.09 ? 117 VAL A C   1 
ATOM   865  O  O   . VAL A 1 117 ? 22.076  10.565  -0.389  1.00 30.40 ? 117 VAL A O   1 
ATOM   866  C  CB  . VAL A 1 117 ? 23.975  9.558   1.672   1.00 29.27 ? 117 VAL A CB  1 
ATOM   867  C  CG1 . VAL A 1 117 ? 24.585  8.332   1.014   1.00 28.60 ? 117 VAL A CG1 1 
ATOM   868  C  CG2 . VAL A 1 117 ? 24.597  9.824   3.036   1.00 27.91 ? 117 VAL A CG2 1 
ATOM   869  N  N   . GLN A 1 118 ? 23.948  10.332  -1.618  1.00 32.15 ? 118 GLN A N   1 
ATOM   870  C  CA  . GLN A 1 118 ? 23.239  10.096  -2.866  1.00 32.03 ? 118 GLN A CA  1 
ATOM   871  C  C   . GLN A 1 118 ? 22.194  9.007   -2.644  1.00 30.54 ? 118 GLN A C   1 
ATOM   872  O  O   . GLN A 1 118 ? 22.491  7.952   -2.095  1.00 29.23 ? 118 GLN A O   1 
ATOM   873  C  CB  . GLN A 1 118 ? 24.218  9.663   -3.964  1.00 35.40 ? 118 GLN A CB  1 
ATOM   874  C  CG  . GLN A 1 118 ? 23.803  10.157  -5.341  1.00 39.65 ? 118 GLN A CG  1 
ATOM   875  C  CD  . GLN A 1 118 ? 23.909  11.668  -5.441  1.00 41.57 ? 118 GLN A CD  1 
ATOM   876  O  OE1 . GLN A 1 118 ? 23.209  12.310  -6.233  1.00 43.15 ? 118 GLN A OE1 1 
ATOM   877  N  NE2 . GLN A 1 118 ? 24.802  12.246  -4.638  1.00 41.21 ? 118 GLN A NE2 1 
ATOM   878  N  N   . ASP A 1 119 ? 20.972  9.271   -3.080  1.00 30.81 ? 119 ASP A N   1 
ATOM   879  C  CA  . ASP A 1 119 ? 19.886  8.322   -2.905  1.00 32.38 ? 119 ASP A CA  1 
ATOM   880  C  C   . ASP A 1 119 ? 20.135  6.934   -3.495  1.00 31.85 ? 119 ASP A C   1 
ATOM   881  O  O   . ASP A 1 119 ? 19.596  5.947   -3.007  1.00 31.44 ? 119 ASP A O   1 
ATOM   882  C  CB  . ASP A 1 119 ? 18.587  8.913   -3.471  1.00 33.37 ? 119 ASP A CB  1 
ATOM   883  C  CG  . ASP A 1 119 ? 18.712  9.324   -4.923  1.00 35.23 ? 119 ASP A CG  1 
ATOM   884  O  OD1 . ASP A 1 119 ? 19.494  10.256  -5.218  1.00 37.67 ? 119 ASP A OD1 1 
ATOM   885  O  OD2 . ASP A 1 119 ? 18.027  8.712   -5.769  1.00 32.35 ? 119 ASP A OD2 1 
ATOM   886  N  N   . ASP A 1 120 ? 20.955  6.851   -4.535  1.00 32.98 ? 120 ASP A N   1 
ATOM   887  C  CA  . ASP A 1 120 ? 21.249  5.566   -5.170  1.00 34.08 ? 120 ASP A CA  1 
ATOM   888  C  C   . ASP A 1 120 ? 22.303  4.729   -4.447  1.00 31.47 ? 120 ASP A C   1 
ATOM   889  O  O   . ASP A 1 120 ? 22.589  3.612   -4.854  1.00 31.54 ? 120 ASP A O   1 
ATOM   890  C  CB  . ASP A 1 120 ? 21.681  5.780   -6.626  1.00 39.25 ? 120 ASP A CB  1 
ATOM   891  C  CG  . ASP A 1 120 ? 22.665  6.926   -6.782  1.00 45.40 ? 120 ASP A CG  1 
ATOM   892  O  OD1 . ASP A 1 120 ? 23.670  6.952   -6.041  1.00 47.63 ? 120 ASP A OD1 1 
ATOM   893  O  OD2 . ASP A 1 120 ? 22.435  7.804   -7.649  1.00 50.77 ? 120 ASP A OD2 1 
ATOM   894  N  N   . LEU A 1 121 ? 22.868  5.269   -3.373  1.00 28.74 ? 121 LEU A N   1 
ATOM   895  C  CA  . LEU A 1 121 ? 23.883  4.562   -2.599  1.00 24.88 ? 121 LEU A CA  1 
ATOM   896  C  C   . LEU A 1 121 ? 23.314  3.857   -1.370  1.00 24.10 ? 121 LEU A C   1 
ATOM   897  O  O   . LEU A 1 121 ? 24.058  3.390   -0.505  1.00 23.75 ? 121 LEU A O   1 
ATOM   898  C  CB  . LEU A 1 121 ? 24.988  5.529   -2.178  1.00 24.79 ? 121 LEU A CB  1 
ATOM   899  C  CG  . LEU A 1 121 ? 25.909  5.963   -3.321  1.00 25.40 ? 121 LEU A CG  1 
ATOM   900  C  CD1 . LEU A 1 121 ? 26.962  6.917   -2.829  1.00 24.08 ? 121 LEU A CD1 1 
ATOM   901  C  CD2 . LEU A 1 121 ? 26.562  4.744   -3.910  1.00 27.43 ? 121 LEU A CD2 1 
ATOM   902  N  N   . PHE A 1 122 ? 21.992  3.768   -1.294  1.00 22.42 ? 122 PHE A N   1 
ATOM   903  C  CA  . PHE A 1 122 ? 21.356  3.095   -0.168  1.00 21.03 ? 122 PHE A CA  1 
ATOM   904  C  C   . PHE A 1 122 ? 19.899  2.764   -0.466  1.00 19.46 ? 122 PHE A C   1 
ATOM   905  O  O   . PHE A 1 122 ? 19.321  3.278   -1.418  1.00 18.84 ? 122 PHE A O   1 
ATOM   906  C  CB  . PHE A 1 122 ? 21.423  3.972   1.095   1.00 20.63 ? 122 PHE A CB  1 
ATOM   907  C  CG  . PHE A 1 122 ? 20.527  5.188   1.045   1.00 18.51 ? 122 PHE A CG  1 
ATOM   908  C  CD1 . PHE A 1 122 ? 20.961  6.371   0.448   1.00 20.56 ? 122 PHE A CD1 1 
ATOM   909  C  CD2 . PHE A 1 122 ? 19.234  5.138   1.565   1.00 16.62 ? 122 PHE A CD2 1 
ATOM   910  C  CE1 . PHE A 1 122 ? 20.116  7.490   0.365   1.00 20.35 ? 122 PHE A CE1 1 
ATOM   911  C  CE2 . PHE A 1 122 ? 18.384  6.239   1.490   1.00 17.67 ? 122 PHE A CE2 1 
ATOM   912  C  CZ  . PHE A 1 122 ? 18.828  7.423   0.886   1.00 21.12 ? 122 PHE A CZ  1 
ATOM   913  N  N   . TRP A 1 123 ? 19.320  1.891   0.349   1.00 18.34 ? 123 TRP A N   1 
ATOM   914  C  CA  . TRP A 1 123 ? 17.915  1.526   0.224   1.00 18.69 ? 123 TRP A CA  1 
ATOM   915  C  C   . TRP A 1 123 ? 17.327  1.525   1.650   1.00 17.71 ? 123 TRP A C   1 
ATOM   916  O  O   . TRP A 1 123 ? 18.069  1.575   2.629   1.00 13.54 ? 123 TRP A O   1 
ATOM   917  C  CB  . TRP A 1 123 ? 17.753  0.160   -0.480  1.00 18.93 ? 123 TRP A CB  1 
ATOM   918  C  CG  . TRP A 1 123 ? 18.109  -1.040  0.336   1.00 22.73 ? 123 TRP A CG  1 
ATOM   919  C  CD1 . TRP A 1 123 ? 17.273  -1.770  1.138   1.00 23.90 ? 123 TRP A CD1 1 
ATOM   920  C  CD2 . TRP A 1 123 ? 19.407  -1.626  0.468   1.00 24.40 ? 123 TRP A CD2 1 
ATOM   921  N  NE1 . TRP A 1 123 ? 17.974  -2.777  1.764   1.00 25.25 ? 123 TRP A NE1 1 
ATOM   922  C  CE2 . TRP A 1 123 ? 19.284  -2.713  1.373   1.00 24.95 ? 123 TRP A CE2 1 
ATOM   923  C  CE3 . TRP A 1 123 ? 20.664  -1.343  -0.084  1.00 25.20 ? 123 TRP A CE3 1 
ATOM   924  C  CZ2 . TRP A 1 123 ? 20.373  -3.513  1.735   1.00 26.90 ? 123 TRP A CZ2 1 
ATOM   925  C  CZ3 . TRP A 1 123 ? 21.749  -2.137  0.276   1.00 26.25 ? 123 TRP A CZ3 1 
ATOM   926  C  CH2 . TRP A 1 123 ? 21.595  -3.211  1.181   1.00 27.24 ? 123 TRP A CH2 1 
ATOM   927  N  N   . LEU A 1 124 ? 16.003  1.495   1.770   1.00 18.43 ? 124 LEU A N   1 
ATOM   928  C  CA  . LEU A 1 124 ? 15.371  1.518   3.086   1.00 18.91 ? 124 LEU A CA  1 
ATOM   929  C  C   . LEU A 1 124 ? 14.670  0.207   3.425   1.00 20.42 ? 124 LEU A C   1 
ATOM   930  O  O   . LEU A 1 124 ? 14.315  -0.566  2.531   1.00 20.30 ? 124 LEU A O   1 
ATOM   931  C  CB  . LEU A 1 124 ? 14.381  2.686   3.153   1.00 15.24 ? 124 LEU A CB  1 
ATOM   932  C  CG  . LEU A 1 124 ? 15.007  4.041   2.781   1.00 14.15 ? 124 LEU A CG  1 
ATOM   933  C  CD1 . LEU A 1 124 ? 13.934  5.119   2.675   1.00 11.44 ? 124 LEU A CD1 1 
ATOM   934  C  CD2 . LEU A 1 124 ? 16.070  4.421   3.819   1.00 12.15 ? 124 LEU A CD2 1 
ATOM   935  N  N   . THR A 1 125 ? 14.495  -0.048  4.722   1.00 22.71 ? 125 THR A N   1 
ATOM   936  C  CA  . THR A 1 125 ? 13.816  -1.257  5.185   1.00 25.00 ? 125 THR A CA  1 
ATOM   937  C  C   . THR A 1 125 ? 12.982  -0.983  6.432   1.00 26.09 ? 125 THR A C   1 
ATOM   938  O  O   . THR A 1 125 ? 13.285  -0.085  7.218   1.00 24.75 ? 125 THR A O   1 
ATOM   939  C  CB  . THR A 1 125 ? 14.802  -2.415  5.535   1.00 25.13 ? 125 THR A CB  1 
ATOM   940  O  OG1 . THR A 1 125 ? 15.577  -2.064  6.690   1.00 24.27 ? 125 THR A OG1 1 
ATOM   941  C  CG2 . THR A 1 125 ? 15.727  -2.711  4.366   1.00 26.83 ? 125 THR A CG2 1 
ATOM   942  N  N   . PHE A 1 126 ? 11.924  -1.766  6.595   1.00 28.05 ? 126 PHE A N   1 
ATOM   943  C  CA  . PHE A 1 126 ? 11.047  -1.651  7.746   1.00 29.97 ? 126 PHE A CA  1 
ATOM   944  C  C   . PHE A 1 126 ? 10.701  -3.072  8.160   1.00 31.78 ? 126 PHE A C   1 
ATOM   945  O  O   . PHE A 1 126 ? 10.297  -3.884  7.328   1.00 32.24 ? 126 PHE A O   1 
ATOM   946  C  CB  . PHE A 1 126 ? 9.776   -0.874  7.381   1.00 29.23 ? 126 PHE A CB  1 
ATOM   947  C  CG  . PHE A 1 126 ? 8.817   -0.704  8.529   1.00 28.93 ? 126 PHE A CG  1 
ATOM   948  C  CD1 . PHE A 1 126 ? 9.220   -0.079  9.707   1.00 27.34 ? 126 PHE A CD1 1 
ATOM   949  C  CD2 . PHE A 1 126 ? 7.503   -1.155  8.426   1.00 27.80 ? 126 PHE A CD2 1 
ATOM   950  C  CE1 . PHE A 1 126 ? 8.325   0.096   10.770  1.00 26.49 ? 126 PHE A CE1 1 
ATOM   951  C  CE2 . PHE A 1 126 ? 6.605   -0.984  9.482   1.00 26.84 ? 126 PHE A CE2 1 
ATOM   952  C  CZ  . PHE A 1 126 ? 7.018   -0.356  10.655  1.00 26.51 ? 126 PHE A CZ  1 
ATOM   953  N  N   . GLU A 1 127 ? 10.875  -3.370  9.444   1.00 33.61 ? 127 GLU A N   1 
ATOM   954  C  CA  . GLU A 1 127 ? 10.594  -4.703  9.960   1.00 34.44 ? 127 GLU A CA  1 
ATOM   955  C  C   . GLU A 1 127 ? 11.236  -5.794  9.107   1.00 34.83 ? 127 GLU A C   1 
ATOM   956  O  O   . GLU A 1 127 ? 10.611  -6.817  8.795   1.00 34.05 ? 127 GLU A O   1 
ATOM   957  C  CB  . GLU A 1 127 ? 9.087   -4.914  10.066  1.00 35.29 ? 127 GLU A CB  1 
ATOM   958  C  CG  . GLU A 1 127 ? 8.476   -4.126  11.215  1.00 38.86 ? 127 GLU A CG  1 
ATOM   959  C  CD  . GLU A 1 127 ? 6.959   -4.125  11.199  1.00 40.69 ? 127 GLU A CD  1 
ATOM   960  O  OE1 . GLU A 1 127 ? 6.361   -3.667  12.194  1.00 43.65 ? 127 GLU A OE1 1 
ATOM   961  O  OE2 . GLU A 1 127 ? 6.362   -4.572  10.196  1.00 41.72 ? 127 GLU A OE2 1 
ATOM   962  N  N   . GLY A 1 128 ? 12.491  -5.556  8.729   1.00 34.91 ? 128 GLY A N   1 
ATOM   963  C  CA  . GLY A 1 128 ? 13.240  -6.523  7.948   1.00 35.77 ? 128 GLY A CA  1 
ATOM   964  C  C   . GLY A 1 128 ? 13.022  -6.551  6.449   1.00 36.81 ? 128 GLY A C   1 
ATOM   965  O  O   . GLY A 1 128 ? 13.857  -7.071  5.713   1.00 37.59 ? 128 GLY A O   1 
ATOM   966  N  N   . LYS A 1 129 ? 11.908  -6.004  5.981   1.00 37.67 ? 129 LYS A N   1 
ATOM   967  C  CA  . LYS A 1 129 ? 11.636  -6.005  4.551   1.00 37.50 ? 129 LYS A CA  1 
ATOM   968  C  C   . LYS A 1 129 ? 12.028  -4.687  3.901   1.00 36.48 ? 129 LYS A C   1 
ATOM   969  O  O   . LYS A 1 129 ? 11.840  -3.614  4.474   1.00 36.76 ? 129 LYS A O   1 
ATOM   970  C  CB  . LYS A 1 129 ? 10.150  -6.311  4.291   1.00 39.20 ? 129 LYS A CB  1 
ATOM   971  C  CG  . LYS A 1 129 ? 9.169   -5.458  5.087   1.00 40.35 ? 129 LYS A CG  1 
ATOM   972  C  CD  . LYS A 1 129 ? 7.720   -5.844  4.808   1.00 41.25 ? 129 LYS A CD  1 
ATOM   973  C  CE  . LYS A 1 129 ? 6.784   -5.176  5.809   1.00 41.71 ? 129 LYS A CE  1 
ATOM   974  N  NZ  . LYS A 1 129 ? 5.359   -5.557  5.593   1.00 43.32 ? 129 LYS A NZ  1 
ATOM   975  N  N   . PRO A 1 130 ? 12.608  -4.754  2.698   1.00 35.54 ? 130 PRO A N   1 
ATOM   976  C  CA  . PRO A 1 130 ? 13.005  -3.527  2.012   1.00 34.23 ? 130 PRO A CA  1 
ATOM   977  C  C   . PRO A 1 130 ? 11.790  -2.849  1.402   1.00 33.08 ? 130 PRO A C   1 
ATOM   978  O  O   . PRO A 1 130 ? 10.763  -3.482  1.192   1.00 33.95 ? 130 PRO A O   1 
ATOM   979  C  CB  . PRO A 1 130 ? 14.001  -4.025  0.964   1.00 34.81 ? 130 PRO A CB  1 
ATOM   980  C  CG  . PRO A 1 130 ? 13.479  -5.375  0.627   1.00 34.93 ? 130 PRO A CG  1 
ATOM   981  C  CD  . PRO A 1 130 ? 13.102  -5.943  1.980   1.00 35.48 ? 130 PRO A CD  1 
ATOM   982  N  N   . LEU A 1 131 ? 11.916  -1.557  1.131   1.00 31.57 ? 131 LEU A N   1 
ATOM   983  C  CA  . LEU A 1 131 ? 10.837  -0.770  0.548   1.00 29.22 ? 131 LEU A CA  1 
ATOM   984  C  C   . LEU A 1 131 ? 11.119  -0.504  -0.921  1.00 28.71 ? 131 LEU A C   1 
ATOM   985  O  O   . LEU A 1 131 ? 12.259  -0.251  -1.299  1.00 29.21 ? 131 LEU A O   1 
ATOM   986  C  CB  . LEU A 1 131 ? 10.724  0.557   1.283   1.00 28.16 ? 131 LEU A CB  1 
ATOM   987  C  CG  . LEU A 1 131 ? 10.792  0.452   2.805   1.00 28.88 ? 131 LEU A CG  1 
ATOM   988  C  CD1 . LEU A 1 131 ? 10.493  1.822   3.402   1.00 27.83 ? 131 LEU A CD1 1 
ATOM   989  C  CD2 . LEU A 1 131 ? 9.797   -0.589  3.315   1.00 24.83 ? 131 LEU A CD2 1 
ATOM   990  N  N   . GLU A 1 132 ? 10.078  -0.552  -1.744  1.00 28.92 ? 132 GLU A N   1 
ATOM   991  C  CA  . GLU A 1 132 ? 10.221  -0.324  -3.180  1.00 29.16 ? 132 GLU A CA  1 
ATOM   992  C  C   . GLU A 1 132 ? 9.931   1.119   -3.551  1.00 28.77 ? 132 GLU A C   1 
ATOM   993  O  O   . GLU A 1 132 ? 8.872   1.656   -3.215  1.00 28.44 ? 132 GLU A O   1 
ATOM   994  C  CB  . GLU A 1 132 ? 9.289   -1.253  -3.938  1.00 31.89 ? 132 GLU A CB  1 
ATOM   995  C  CG  . GLU A 1 132 ? 9.515   -2.708  -3.589  1.00 36.02 ? 132 GLU A CG  1 
ATOM   996  C  CD  . GLU A 1 132 ? 8.619   -3.631  -4.380  1.00 39.50 ? 132 GLU A CD  1 
ATOM   997  O  OE1 . GLU A 1 132 ? 8.859   -3.794  -5.600  1.00 40.85 ? 132 GLU A OE1 1 
ATOM   998  O  OE2 . GLU A 1 132 ? 7.666   -4.179  -3.783  1.00 38.98 ? 132 GLU A OE2 1 
ATOM   999  N  N   . ASP A 1 133 ? 10.874  1.728   -4.263  1.00 27.36 ? 133 ASP A N   1 
ATOM   1000 C  CA  . ASP A 1 133 ? 10.771  3.126   -4.675  1.00 27.94 ? 133 ASP A CA  1 
ATOM   1001 C  C   . ASP A 1 133 ? 9.423   3.579   -5.211  1.00 27.05 ? 133 ASP A C   1 
ATOM   1002 O  O   . ASP A 1 133 ? 8.959   4.671   -4.871  1.00 25.27 ? 133 ASP A O   1 
ATOM   1003 C  CB  . ASP A 1 133 ? 11.835  3.446   -5.725  1.00 28.97 ? 133 ASP A CB  1 
ATOM   1004 C  CG  . ASP A 1 133 ? 13.233  3.162   -5.243  1.00 31.44 ? 133 ASP A CG  1 
ATOM   1005 O  OD1 . ASP A 1 133 ? 13.475  3.208   -4.021  1.00 33.30 ? 133 ASP A OD1 1 
ATOM   1006 O  OD2 . ASP A 1 133 ? 14.104  2.902   -6.090  1.00 31.57 ? 133 ASP A OD2 1 
ATOM   1007 N  N   . GLN A 1 134 ? 8.801   2.742   -6.039  1.00 26.86 ? 134 GLN A N   1 
ATOM   1008 C  CA  . GLN A 1 134 ? 7.529   3.070   -6.667  1.00 27.37 ? 134 GLN A CA  1 
ATOM   1009 C  C   . GLN A 1 134 ? 6.260   2.944   -5.818  1.00 26.84 ? 134 GLN A C   1 
ATOM   1010 O  O   . GLN A 1 134 ? 5.211   3.475   -6.191  1.00 26.73 ? 134 GLN A O   1 
ATOM   1011 C  CB  . GLN A 1 134 ? 7.373   2.250   -7.946  1.00 30.61 ? 134 GLN A CB  1 
ATOM   1012 C  CG  . GLN A 1 134 ? 8.433   2.563   -8.990  1.00 36.77 ? 134 GLN A CG  1 
ATOM   1013 C  CD  . GLN A 1 134 ? 8.405   4.021   -9.439  1.00 40.82 ? 134 GLN A CD  1 
ATOM   1014 O  OE1 . GLN A 1 134 ? 7.425   4.483   -10.033 1.00 42.70 ? 134 GLN A OE1 1 
ATOM   1015 N  NE2 . GLN A 1 134 ? 9.486   4.753   -9.156  1.00 41.56 ? 134 GLN A NE2 1 
ATOM   1016 N  N   . LEU A 1 135 ? 6.344   2.250   -4.687  1.00 25.88 ? 135 LEU A N   1 
ATOM   1017 C  CA  . LEU A 1 135 ? 5.178   2.083   -3.816  1.00 23.62 ? 135 LEU A CA  1 
ATOM   1018 C  C   . LEU A 1 135 ? 5.022   3.200   -2.764  1.00 21.76 ? 135 LEU A C   1 
ATOM   1019 O  O   . LEU A 1 135 ? 6.002   3.827   -2.355  1.00 22.10 ? 135 LEU A O   1 
ATOM   1020 C  CB  . LEU A 1 135 ? 5.255   0.732   -3.099  1.00 24.72 ? 135 LEU A CB  1 
ATOM   1021 C  CG  . LEU A 1 135 ? 5.127   -0.539  -3.946  1.00 25.50 ? 135 LEU A CG  1 
ATOM   1022 C  CD1 . LEU A 1 135 ? 5.395   -1.767  -3.076  1.00 24.03 ? 135 LEU A CD1 1 
ATOM   1023 C  CD2 . LEU A 1 135 ? 3.735   -0.618  -4.557  1.00 26.50 ? 135 LEU A CD2 1 
ATOM   1024 N  N   . PRO A 1 136 ? 3.777   3.468   -2.327  1.00 19.59 ? 136 PRO A N   1 
ATOM   1025 C  CA  . PRO A 1 136 ? 3.482   4.498   -1.323  1.00 17.55 ? 136 PRO A CA  1 
ATOM   1026 C  C   . PRO A 1 136 ? 3.792   4.009   0.098   1.00 16.53 ? 136 PRO A C   1 
ATOM   1027 O  O   . PRO A 1 136 ? 3.679   2.817   0.385   1.00 17.39 ? 136 PRO A O   1 
ATOM   1028 C  CB  . PRO A 1 136 ? 1.992   4.758   -1.531  1.00 17.07 ? 136 PRO A CB  1 
ATOM   1029 C  CG  . PRO A 1 136 ? 1.474   3.418   -1.917  1.00 15.60 ? 136 PRO A CG  1 
ATOM   1030 C  CD  . PRO A 1 136 ? 2.526   2.911   -2.886  1.00 18.22 ? 136 PRO A CD  1 
ATOM   1031 N  N   . LEU A 1 137 ? 4.181   4.927   0.977   1.00 15.26 ? 137 LEU A N   1 
ATOM   1032 C  CA  . LEU A 1 137 ? 4.508   4.579   2.362   1.00 15.24 ? 137 LEU A CA  1 
ATOM   1033 C  C   . LEU A 1 137 ? 3.384   3.815   3.066   1.00 14.65 ? 137 LEU A C   1 
ATOM   1034 O  O   . LEU A 1 137 ? 3.639   2.900   3.859   1.00 12.61 ? 137 LEU A O   1 
ATOM   1035 C  CB  . LEU A 1 137 ? 4.848   5.844   3.164   1.00 13.21 ? 137 LEU A CB  1 
ATOM   1036 C  CG  . LEU A 1 137 ? 6.055   6.656   2.684   1.00 13.20 ? 137 LEU A CG  1 
ATOM   1037 C  CD1 . LEU A 1 137 ? 6.417   7.713   3.721   1.00 12.93 ? 137 LEU A CD1 1 
ATOM   1038 C  CD2 . LEU A 1 137 ? 7.241   5.720   2.458   1.00 10.75 ? 137 LEU A CD2 1 
ATOM   1039 N  N   . GLY A 1 138 ? 2.144   4.202   2.777   1.00 15.24 ? 138 GLY A N   1 
ATOM   1040 C  CA  . GLY A 1 138 ? 0.997   3.549   3.376   1.00 15.39 ? 138 GLY A CA  1 
ATOM   1041 C  C   . GLY A 1 138 ? 0.953   2.058   3.090   1.00 17.21 ? 138 GLY A C   1 
ATOM   1042 O  O   . GLY A 1 138 ? 0.293   1.301   3.794   1.00 17.65 ? 138 GLY A O   1 
ATOM   1043 N  N   . GLU A 1 139 ? 1.667   1.619   2.064   1.00 18.31 ? 139 GLU A N   1 
ATOM   1044 C  CA  . GLU A 1 139 ? 1.661   0.207   1.728   1.00 20.30 ? 139 GLU A CA  1 
ATOM   1045 C  C   . GLU A 1 139 ? 2.384   -0.667  2.753   1.00 19.85 ? 139 GLU A C   1 
ATOM   1046 O  O   . GLU A 1 139 ? 2.169   -1.879  2.803   1.00 18.57 ? 139 GLU A O   1 
ATOM   1047 C  CB  . GLU A 1 139 ? 2.270   -0.001  0.341   1.00 22.19 ? 139 GLU A CB  1 
ATOM   1048 C  CG  . GLU A 1 139 ? 1.460   -0.944  -0.529  1.00 25.12 ? 139 GLU A CG  1 
ATOM   1049 C  CD  . GLU A 1 139 ? -0.032  -0.589  -0.549  1.00 26.80 ? 139 GLU A CD  1 
ATOM   1050 O  OE1 . GLU A 1 139 ? -0.826  -1.345  0.049   1.00 28.67 ? 139 GLU A OE1 1 
ATOM   1051 O  OE2 . GLU A 1 139 ? -0.412  0.441   -1.153  1.00 24.32 ? 139 GLU A OE2 1 
ATOM   1052 N  N   . TYR A 1 140 ? 3.222   -0.051  3.582   1.00 19.20 ? 140 TYR A N   1 
ATOM   1053 C  CA  . TYR A 1 140 ? 3.969   -0.796  4.588   1.00 19.58 ? 140 TYR A CA  1 
ATOM   1054 C  C   . TYR A 1 140 ? 3.491   -0.619  6.035   1.00 18.83 ? 140 TYR A C   1 
ATOM   1055 O  O   . TYR A 1 140 ? 4.201   -0.971  6.981   1.00 19.63 ? 140 TYR A O   1 
ATOM   1056 C  CB  . TYR A 1 140 ? 5.458   -0.456  4.484   1.00 18.97 ? 140 TYR A CB  1 
ATOM   1057 C  CG  . TYR A 1 140 ? 6.018   -0.708  3.105   1.00 20.11 ? 140 TYR A CG  1 
ATOM   1058 C  CD1 . TYR A 1 140 ? 5.932   0.263   2.116   1.00 19.46 ? 140 TYR A CD1 1 
ATOM   1059 C  CD2 . TYR A 1 140 ? 6.589   -1.941  2.773   1.00 20.23 ? 140 TYR A CD2 1 
ATOM   1060 C  CE1 . TYR A 1 140 ? 6.396   0.019   0.826   1.00 20.62 ? 140 TYR A CE1 1 
ATOM   1061 C  CE2 . TYR A 1 140 ? 7.055   -2.197  1.481   1.00 20.65 ? 140 TYR A CE2 1 
ATOM   1062 C  CZ  . TYR A 1 140 ? 6.955   -1.207  0.514   1.00 21.21 ? 140 TYR A CZ  1 
ATOM   1063 O  OH  . TYR A 1 140 ? 7.409   -1.439  -0.762  1.00 22.83 ? 140 TYR A OH  1 
ATOM   1064 N  N   . GLY A 1 141 ? 2.294   -0.079  6.208   1.00 18.49 ? 141 GLY A N   1 
ATOM   1065 C  CA  . GLY A 1 141 ? 1.758   0.106   7.547   1.00 19.43 ? 141 GLY A CA  1 
ATOM   1066 C  C   . GLY A 1 141 ? 2.588   0.937   8.516   1.00 20.40 ? 141 GLY A C   1 
ATOM   1067 O  O   . GLY A 1 141 ? 2.723   0.587   9.690   1.00 22.28 ? 141 GLY A O   1 
ATOM   1068 N  N   . LEU A 1 142 ? 3.142   2.044   8.040   1.00 20.54 ? 142 LEU A N   1 
ATOM   1069 C  CA  . LEU A 1 142 ? 3.932   2.903   8.898   1.00 20.82 ? 142 LEU A CA  1 
ATOM   1070 C  C   . LEU A 1 142 ? 3.021   3.699   9.824   1.00 21.21 ? 142 LEU A C   1 
ATOM   1071 O  O   . LEU A 1 142 ? 1.956   4.162   9.422   1.00 21.71 ? 142 LEU A O   1 
ATOM   1072 C  CB  . LEU A 1 142 ? 4.778   3.871   8.069   1.00 20.26 ? 142 LEU A CB  1 
ATOM   1073 C  CG  . LEU A 1 142 ? 5.843   3.275   7.150   1.00 21.36 ? 142 LEU A CG  1 
ATOM   1074 C  CD1 . LEU A 1 142 ? 6.667   4.406   6.561   1.00 22.74 ? 142 LEU A CD1 1 
ATOM   1075 C  CD2 . LEU A 1 142 ? 6.739   2.310   7.917   1.00 22.87 ? 142 LEU A CD2 1 
ATOM   1076 N  N   . LYS A 1 143 ? 3.452   3.853   11.068  1.00 21.84 ? 143 LYS A N   1 
ATOM   1077 C  CA  . LYS A 1 143 ? 2.699   4.604   12.055  1.00 20.66 ? 143 LYS A CA  1 
ATOM   1078 C  C   . LYS A 1 143 ? 3.602   5.671   12.655  1.00 19.30 ? 143 LYS A C   1 
ATOM   1079 O  O   . LYS A 1 143 ? 4.801   5.723   12.371  1.00 17.67 ? 143 LYS A O   1 
ATOM   1080 C  CB  . LYS A 1 143 ? 2.203   3.663   13.141  1.00 23.65 ? 143 LYS A CB  1 
ATOM   1081 C  CG  . LYS A 1 143 ? 1.240   2.632   12.616  1.00 28.38 ? 143 LYS A CG  1 
ATOM   1082 C  CD  . LYS A 1 143 ? 1.007   1.512   13.610  1.00 32.04 ? 143 LYS A CD  1 
ATOM   1083 C  CE  . LYS A 1 143 ? -0.070  0.578   13.080  1.00 34.96 ? 143 LYS A CE  1 
ATOM   1084 N  NZ  . LYS A 1 143 ? -0.153  -0.688  13.856  1.00 37.51 ? 143 LYS A NZ  1 
ATOM   1085 N  N   . PRO A 1 144 ? 3.035   6.549   13.487  1.00 18.17 ? 144 PRO A N   1 
ATOM   1086 C  CA  . PRO A 1 144 ? 3.847   7.600   14.100  1.00 17.83 ? 144 PRO A CA  1 
ATOM   1087 C  C   . PRO A 1 144 ? 5.084   7.026   14.789  1.00 17.86 ? 144 PRO A C   1 
ATOM   1088 O  O   . PRO A 1 144 ? 5.021   6.010   15.477  1.00 16.75 ? 144 PRO A O   1 
ATOM   1089 C  CB  . PRO A 1 144 ? 2.882   8.252   15.082  1.00 17.89 ? 144 PRO A CB  1 
ATOM   1090 C  CG  . PRO A 1 144 ? 1.559   8.114   14.378  1.00 18.14 ? 144 PRO A CG  1 
ATOM   1091 C  CD  . PRO A 1 144 ? 1.614   6.696   13.847  1.00 16.99 ? 144 PRO A CD  1 
ATOM   1092 N  N   . LEU A 1 145 ? 6.208   7.697   14.585  1.00 17.81 ? 145 LEU A N   1 
ATOM   1093 C  CA  . LEU A 1 145 ? 7.474   7.286   15.155  1.00 17.63 ? 145 LEU A CA  1 
ATOM   1094 C  C   . LEU A 1 145 ? 7.945   5.897   14.753  1.00 16.46 ? 145 LEU A C   1 
ATOM   1095 O  O   . LEU A 1 145 ? 8.781   5.316   15.427  1.00 16.14 ? 145 LEU A O   1 
ATOM   1096 C  CB  . LEU A 1 145 ? 7.450   7.406   16.682  1.00 18.40 ? 145 LEU A CB  1 
ATOM   1097 C  CG  . LEU A 1 145 ? 7.345   8.835   17.213  1.00 17.04 ? 145 LEU A CG  1 
ATOM   1098 C  CD1 . LEU A 1 145 ? 7.602   8.848   18.716  1.00 18.55 ? 145 LEU A CD1 1 
ATOM   1099 C  CD2 . LEU A 1 145 ? 8.362   9.715   16.512  1.00 18.21 ? 145 LEU A CD2 1 
ATOM   1100 N  N   . SER A 1 146 ? 7.406   5.351   13.667  1.00 17.69 ? 146 SER A N   1 
ATOM   1101 C  CA  . SER A 1 146 ? 7.882   4.052   13.192  1.00 17.36 ? 146 SER A CA  1 
ATOM   1102 C  C   . SER A 1 146 ? 9.314   4.325   12.739  1.00 17.10 ? 146 SER A C   1 
ATOM   1103 O  O   . SER A 1 146 ? 9.639   5.440   12.317  1.00 16.87 ? 146 SER A O   1 
ATOM   1104 C  CB  . SER A 1 146 ? 7.081   3.563   11.991  1.00 17.38 ? 146 SER A CB  1 
ATOM   1105 O  OG  . SER A 1 146 ? 5.772   3.198   12.362  1.00 23.02 ? 146 SER A OG  1 
ATOM   1106 N  N   . THR A 1 147 ? 10.163  3.316   12.810  1.00 16.15 ? 147 THR A N   1 
ATOM   1107 C  CA  . THR A 1 147 ? 11.543  3.501   12.409  1.00 18.60 ? 147 THR A CA  1 
ATOM   1108 C  C   . THR A 1 147 ? 11.903  2.736   11.152  1.00 19.43 ? 147 THR A C   1 
ATOM   1109 O  O   . THR A 1 147 ? 11.737  1.519   11.078  1.00 19.71 ? 147 THR A O   1 
ATOM   1110 C  CB  . THR A 1 147 ? 12.514  3.088   13.537  1.00 17.50 ? 147 THR A CB  1 
ATOM   1111 O  OG1 . THR A 1 147 ? 12.217  3.845   14.712  1.00 22.44 ? 147 THR A OG1 1 
ATOM   1112 C  CG2 . THR A 1 147 ? 13.948  3.370   13.140  1.00 18.09 ? 147 THR A CG2 1 
ATOM   1113 N  N   . VAL A 1 148 ? 12.383  3.470   10.156  1.00 20.53 ? 148 VAL A N   1 
ATOM   1114 C  CA  . VAL A 1 148 ? 12.805  2.878   8.894   1.00 22.21 ? 148 VAL A CA  1 
ATOM   1115 C  C   . VAL A 1 148 ? 14.326  2.926   8.884   1.00 23.63 ? 148 VAL A C   1 
ATOM   1116 O  O   . VAL A 1 148 ? 14.932  3.923   9.272   1.00 23.84 ? 148 VAL A O   1 
ATOM   1117 C  CB  . VAL A 1 148 ? 12.240  3.653   7.691   1.00 21.55 ? 148 VAL A CB  1 
ATOM   1118 C  CG1 . VAL A 1 148 ? 12.887  3.168   6.412   1.00 21.38 ? 148 VAL A CG1 1 
ATOM   1119 C  CG2 . VAL A 1 148 ? 10.731  3.448   7.614   1.00 20.59 ? 148 VAL A CG2 1 
ATOM   1120 N  N   . PHE A 1 149 ? 14.944  1.842   8.450   1.00 25.05 ? 149 PHE A N   1 
ATOM   1121 C  CA  . PHE A 1 149 ? 16.392  1.781   8.447   1.00 27.15 ? 149 PHE A CA  1 
ATOM   1122 C  C   . PHE A 1 149 ? 17.041  2.057   7.122   1.00 27.63 ? 149 PHE A C   1 
ATOM   1123 O  O   . PHE A 1 149 ? 16.550  1.642   6.069   1.00 28.14 ? 149 PHE A O   1 
ATOM   1124 C  CB  . PHE A 1 149 ? 16.867  0.420   8.957   1.00 28.96 ? 149 PHE A CB  1 
ATOM   1125 C  CG  . PHE A 1 149 ? 16.782  0.278   10.437  1.00 32.61 ? 149 PHE A CG  1 
ATOM   1126 C  CD1 . PHE A 1 149 ? 15.552  0.329   11.087  1.00 34.39 ? 149 PHE A CD1 1 
ATOM   1127 C  CD2 . PHE A 1 149 ? 17.935  0.134   11.192  1.00 36.28 ? 149 PHE A CD2 1 
ATOM   1128 C  CE1 . PHE A 1 149 ? 15.473  0.234   12.473  1.00 36.82 ? 149 PHE A CE1 1 
ATOM   1129 C  CE2 . PHE A 1 149 ? 17.872  0.039   12.578  1.00 39.65 ? 149 PHE A CE2 1 
ATOM   1130 C  CZ  . PHE A 1 149 ? 16.632  0.091   13.221  1.00 40.10 ? 149 PHE A CZ  1 
ATOM   1131 N  N   . MET A 1 150 ? 18.159  2.765   7.189   1.00 28.09 ? 150 MET A N   1 
ATOM   1132 C  CA  . MET A 1 150 ? 18.923  3.082   6.005   1.00 29.63 ? 150 MET A CA  1 
ATOM   1133 C  C   . MET A 1 150 ? 19.921  1.934   5.858   1.00 30.55 ? 150 MET A C   1 
ATOM   1134 O  O   . MET A 1 150 ? 20.417  1.403   6.853   1.00 31.17 ? 150 MET A O   1 
ATOM   1135 C  CB  . MET A 1 150 ? 19.650  4.413   6.199   1.00 29.19 ? 150 MET A CB  1 
ATOM   1136 C  CG  . MET A 1 150 ? 20.015  5.105   4.900   1.00 32.54 ? 150 MET A CG  1 
ATOM   1137 S  SD  . MET A 1 150 ? 20.922  6.650   5.132   1.00 33.48 ? 150 MET A SD  1 
ATOM   1138 C  CE  . MET A 1 150 ? 19.850  7.458   6.300   1.00 35.04 ? 150 MET A CE  1 
ATOM   1139 N  N   . ASN A 1 151 ? 20.196  1.534   4.627   1.00 30.77 ? 151 ASN A N   1 
ATOM   1140 C  CA  . ASN A 1 151 ? 21.139  0.456   4.378   1.00 32.24 ? 151 ASN A CA  1 
ATOM   1141 C  C   . ASN A 1 151 ? 22.122  0.899   3.303   1.00 33.69 ? 151 ASN A C   1 
ATOM   1142 O  O   . ASN A 1 151 ? 21.728  1.228   2.185   1.00 33.50 ? 151 ASN A O   1 
ATOM   1143 C  CB  . ASN A 1 151 ? 20.393  -0.796  3.925   1.00 32.67 ? 151 ASN A CB  1 
ATOM   1144 C  CG  . ASN A 1 151 ? 19.548  -1.404  5.029   1.00 34.20 ? 151 ASN A CG  1 
ATOM   1145 O  OD1 . ASN A 1 151 ? 20.079  -1.951  5.989   1.00 36.37 ? 151 ASN A OD1 1 
ATOM   1146 N  ND2 . ASN A 1 151 ? 18.225  -1.305  4.901   1.00 33.47 ? 151 ASN A ND2 1 
ATOM   1147 N  N   . LEU A 1 152 ? 23.405  0.922   3.637   1.00 36.17 ? 152 LEU A N   1 
ATOM   1148 C  CA  . LEU A 1 152 ? 24.399  1.340   2.661   1.00 39.14 ? 152 LEU A CA  1 
ATOM   1149 C  C   . LEU A 1 152 ? 24.728  0.217   1.692   1.00 41.91 ? 152 LEU A C   1 
ATOM   1150 O  O   . LEU A 1 152 ? 24.983  -0.912  2.101   1.00 41.61 ? 152 LEU A O   1 
ATOM   1151 C  CB  . LEU A 1 152 ? 25.667  1.818   3.367   1.00 37.58 ? 152 LEU A CB  1 
ATOM   1152 C  CG  . LEU A 1 152 ? 25.467  3.047   4.254   1.00 35.85 ? 152 LEU A CG  1 
ATOM   1153 C  CD1 . LEU A 1 152 ? 26.781  3.419   4.907   1.00 36.92 ? 152 LEU A CD1 1 
ATOM   1154 C  CD2 . LEU A 1 152 ? 24.947  4.205   3.419   1.00 34.58 ? 152 LEU A CD2 1 
ATOM   1155 N  N   . ARG A 1 153 ? 24.701  0.531   0.402   1.00 47.60 ? 153 ARG A N   1 
ATOM   1156 C  CA  . ARG A 1 153 ? 24.998  -0.448  -0.635  1.00 52.46 ? 153 ARG A CA  1 
ATOM   1157 C  C   . ARG A 1 153 ? 26.498  -0.658  -0.749  1.00 55.73 ? 153 ARG A C   1 
ATOM   1158 O  O   . ARG A 1 153 ? 27.053  -0.710  -1.846  1.00 57.30 ? 153 ARG A O   1 
ATOM   1159 C  CB  . ARG A 1 153 ? 24.412  0.008   -1.977  1.00 52.46 ? 153 ARG A CB  1 
ATOM   1160 C  CG  . ARG A 1 153 ? 23.091  -0.674  -2.281  1.00 54.72 ? 153 ARG A CG  1 
ATOM   1161 C  CD  . ARG A 1 153 ? 22.267  0.032   -3.337  1.00 55.75 ? 153 ARG A CD  1 
ATOM   1162 N  NE  . ARG A 1 153 ? 21.009  -0.678  -3.554  1.00 57.33 ? 153 ARG A NE  1 
ATOM   1163 C  CZ  . ARG A 1 153 ? 19.999  -0.218  -4.287  1.00 57.96 ? 153 ARG A CZ  1 
ATOM   1164 N  NH1 . ARG A 1 153 ? 20.090  0.964   -4.883  1.00 58.17 ? 153 ARG A NH1 1 
ATOM   1165 N  NH2 . ARG A 1 153 ? 18.895  -0.941  -4.417  1.00 59.15 ? 153 ARG A NH2 1 
ATOM   1166 N  N   . LEU A 1 154 ? 27.143  -0.780  0.407   1.00 59.30 ? 154 LEU A N   1 
ATOM   1167 C  CA  . LEU A 1 154 ? 28.585  -0.990  0.485   1.00 62.00 ? 154 LEU A CA  1 
ATOM   1168 C  C   . LEU A 1 154 ? 28.934  -2.475  0.330   1.00 63.06 ? 154 LEU A C   1 
ATOM   1169 O  O   . LEU A 1 154 ? 29.684  -2.802  -0.617  1.00 63.63 ? 154 LEU A O   1 
ATOM   1170 C  CB  . LEU A 1 154 ? 29.124  -0.437  1.819   1.00 62.22 ? 154 LEU A CB  1 
ATOM   1171 C  CG  . LEU A 1 154 ? 28.687  -1.020  3.175   1.00 61.72 ? 154 LEU A CG  1 
ATOM   1172 C  CD1 . LEU A 1 154 ? 29.591  -2.193  3.562   1.00 61.28 ? 154 LEU A CD1 1 
ATOM   1173 C  CD2 . LEU A 1 154 ? 28.776  0.065   4.248   1.00 60.91 ? 154 LEU A CD2 1 
HETATM 1174 OS OS  . OS4 B 2 .   ? -24.069 2.155   -5.787  0.30 79.24 ? 400 OS4 A OS  1 
HETATM 1175 O  O   . HOH C 3 .   ? 9.400   17.186  -0.719  1.00 5.93  ? 501 HOH A O   1 
HETATM 1176 O  O   . HOH C 3 .   ? -15.904 5.309   -0.776  1.00 10.08 ? 502 HOH A O   1 
HETATM 1177 O  O   . HOH C 3 .   ? -0.884  10.419  5.193   1.00 11.32 ? 503 HOH A O   1 
HETATM 1178 O  O   . HOH C 3 .   ? -8.773  8.624   -6.950  1.00 10.08 ? 504 HOH A O   1 
HETATM 1179 O  O   . HOH C 3 .   ? 19.909  10.626  11.187  1.00 25.73 ? 505 HOH A O   1 
HETATM 1180 O  O   . HOH C 3 .   ? 9.400   1.120   14.508  1.00 16.93 ? 506 HOH A O   1 
HETATM 1181 O  O   . HOH C 3 .   ? 26.870  10.118  -0.923  1.00 17.99 ? 507 HOH A O   1 
HETATM 1182 O  O   . HOH C 3 .   ? 14.899  14.769  13.910  1.00 21.46 ? 508 HOH A O   1 
HETATM 1183 O  O   . HOH C 3 .   ? 14.578  1.513   -0.491  1.00 21.65 ? 509 HOH A O   1 
HETATM 1184 O  O   . HOH C 3 .   ? 17.988  10.010  8.780   1.00 22.40 ? 510 HOH A O   1 
HETATM 1185 O  O   . HOH C 3 .   ? -5.860  10.799  -0.468  1.00 21.50 ? 511 HOH A O   1 
HETATM 1186 O  O   . HOH C 3 .   ? 24.307  0.012   6.153   1.00 28.39 ? 514 HOH A O   1 
HETATM 1187 O  O   . HOH C 3 .   ? 9.970   3.162   16.663  1.00 32.40 ? 515 HOH A O   1 
HETATM 1188 O  O   . HOH C 3 .   ? -4.393  7.643   -4.067  1.00 23.34 ? 516 HOH A O   1 
HETATM 1189 O  O   . HOH C 3 .   ? 14.246  -3.118  9.332   1.00 17.39 ? 517 HOH A O   1 
HETATM 1190 O  O   . HOH C 3 .   ? -16.676 -14.125 -15.002 1.00 40.33 ? 518 HOH A O   1 
HETATM 1191 O  O   . HOH C 3 .   ? -5.927  6.828   2.770   1.00 28.31 ? 519 HOH A O   1 
HETATM 1192 O  O   . HOH C 3 .   ? -3.008  -1.236  -10.843 1.00 35.02 ? 520 HOH A O   1 
HETATM 1193 O  O   . HOH C 3 .   ? -2.228  -4.551  -4.864  1.00 33.28 ? 521 HOH A O   1 
HETATM 1194 O  O   . HOH C 3 .   ? 5.847   0.819   14.320  1.00 16.45 ? 522 HOH A O   1 
HETATM 1195 O  O   . HOH C 3 .   ? 8.050   7.230   -7.306  1.00 20.84 ? 524 HOH A O   1 
HETATM 1196 O  O   . HOH C 3 .   ? 8.094   15.647  11.561  1.00 24.80 ? 525 HOH A O   1 
HETATM 1197 O  O   . HOH C 3 .   ? -25.919 4.224   -4.503  1.00 32.49 ? 526 HOH A O   1 
HETATM 1198 O  O   . HOH C 3 .   ? -2.766  -3.115  0.827   1.00 29.14 ? 528 HOH A O   1 
HETATM 1199 O  O   . HOH C 3 .   ? -5.793  5.311   4.873   1.00 27.87 ? 601 HOH A O   1 
HETATM 1200 O  O   . HOH C 3 .   ? 15.580  1.825   -3.044  1.00 22.92 ? 604 HOH A O   1 
HETATM 1201 O  O   . HOH C 3 .   ? -1.358  1.773   6.088   1.00 36.95 ? 606 HOH A O   1 
HETATM 1202 O  O   . HOH C 3 .   ? -6.766  8.743   -5.677  1.00 34.98 ? 607 HOH A O   1 
HETATM 1203 O  O   . HOH C 3 .   ? 23.935  7.263   -10.076 1.00 36.39 ? 608 HOH A O   1 
HETATM 1204 O  O   . HOH C 3 .   ? 17.092  1.128   16.045  1.00 30.01 ? 609 HOH A O   1 
HETATM 1205 O  O   . HOH C 3 .   ? 2.909   5.217   16.741  1.00 33.73 ? 610 HOH A O   1 
HETATM 1206 O  O   . HOH C 3 .   ? -0.769  0.881   -4.531  1.00 18.28 ? 611 HOH A O   1 
HETATM 1207 O  O   . HOH C 3 .   ? 18.472  15.490  11.853  1.00 23.85 ? 612 HOH A O   1 
HETATM 1208 O  O   . HOH C 3 .   ? -16.502 -1.413  -15.768 1.00 43.12 ? 613 HOH A O   1 
HETATM 1209 O  O   . HOH C 3 .   ? 9.301   0.036   -6.932  1.00 29.93 ? 614 HOH A O   1 
HETATM 1210 O  O   . HOH C 3 .   ? -5.813  14.933  3.944   1.00 32.32 ? 615 HOH A O   1 
HETATM 1211 O  O   . HOH C 3 .   ? -3.265  -10.978 -1.249  1.00 26.86 ? 616 HOH A O   1 
HETATM 1212 O  O   . HOH C 3 .   ? 20.003  2.139   10.181  1.00 34.12 ? 617 HOH A O   1 
HETATM 1213 O  O   . HOH C 3 .   ? 17.287  2.770   -6.829  1.00 34.51 ? 619 HOH A O   1 
# 
